data_3D79
# 
_entry.id   3D79 
# 
_audit_conform.dict_name       mmcif_pdbx.dic 
_audit_conform.dict_version    5.388 
_audit_conform.dict_location   http://mmcif.pdb.org/dictionaries/ascii/mmcif_pdbx.dic 
# 
loop_
_database_2.database_id 
_database_2.database_code 
_database_2.pdbx_database_accession 
_database_2.pdbx_DOI 
PDB   3D79         pdb_00003d79 10.2210/pdb3d79/pdb 
RCSB  RCSB047680   ?            ?                   
WWPDB D_1000047680 ?            ?                   
# 
loop_
_pdbx_audit_revision_history.ordinal 
_pdbx_audit_revision_history.data_content_type 
_pdbx_audit_revision_history.major_revision 
_pdbx_audit_revision_history.minor_revision 
_pdbx_audit_revision_history.revision_date 
1 'Structure model' 1 0 2008-12-09 
2 'Structure model' 1 1 2011-07-13 
3 'Structure model' 1 2 2017-10-25 
4 'Structure model' 1 3 2024-03-20 
# 
_pdbx_audit_revision_details.ordinal             1 
_pdbx_audit_revision_details.revision_ordinal    1 
_pdbx_audit_revision_details.data_content_type   'Structure model' 
_pdbx_audit_revision_details.provider            repository 
_pdbx_audit_revision_details.type                'Initial release' 
_pdbx_audit_revision_details.description         ? 
_pdbx_audit_revision_details.details             ? 
# 
loop_
_pdbx_audit_revision_group.ordinal 
_pdbx_audit_revision_group.revision_ordinal 
_pdbx_audit_revision_group.data_content_type 
_pdbx_audit_revision_group.group 
1 2 'Structure model' 'Version format compliance' 
2 3 'Structure model' 'Refinement description'    
3 4 'Structure model' 'Data collection'           
4 4 'Structure model' 'Database references'       
# 
loop_
_pdbx_audit_revision_category.ordinal 
_pdbx_audit_revision_category.revision_ordinal 
_pdbx_audit_revision_category.data_content_type 
_pdbx_audit_revision_category.category 
1 3 'Structure model' software           
2 4 'Structure model' chem_comp_atom     
3 4 'Structure model' chem_comp_bond     
4 4 'Structure model' database_2         
5 4 'Structure model' struct_ref_seq_dif 
# 
loop_
_pdbx_audit_revision_item.ordinal 
_pdbx_audit_revision_item.revision_ordinal 
_pdbx_audit_revision_item.data_content_type 
_pdbx_audit_revision_item.item 
1  3 'Structure model' '_software.classification'            
2  3 'Structure model' '_software.contact_author'            
3  3 'Structure model' '_software.contact_author_email'      
4  3 'Structure model' '_software.date'                      
5  3 'Structure model' '_software.language'                  
6  3 'Structure model' '_software.location'                  
7  3 'Structure model' '_software.name'                      
8  3 'Structure model' '_software.type'                      
9  3 'Structure model' '_software.version'                   
10 4 'Structure model' '_database_2.pdbx_DOI'                
11 4 'Structure model' '_database_2.pdbx_database_accession' 
12 4 'Structure model' '_struct_ref_seq_dif.details'         
# 
_pdbx_database_status.entry_id                        3D79 
_pdbx_database_status.deposit_site                    RCSB 
_pdbx_database_status.process_site                    PDBJ 
_pdbx_database_status.recvd_initial_deposition_date   2008-05-20 
_pdbx_database_status.status_code                     REL 
_pdbx_database_status.status_code_sf                  REL 
_pdbx_database_status.status_code_mr                  ? 
_pdbx_database_status.SG_entry                        ? 
_pdbx_database_status.pdb_format_compatible           Y 
_pdbx_database_status.status_code_cs                  ? 
_pdbx_database_status.methods_development_category    ? 
_pdbx_database_status.status_code_nmr_data            ? 
# 
loop_
_audit_author.name 
_audit_author.pdbx_ordinal 
'Nishimura, Y.' 1 
'Miyazono, K.'  2 
'Sawano, Y.'    3 
'Makino, T.'    4 
'Nagata, K.'    5 
'Tanokura, M.'  6 
# 
_citation.id                        primary 
_citation.title                     
'Crystal structure of hypothetical protein PH0734.1 from hyperthermophilic archaea Pyrococcus horikoshii OT3.' 
_citation.journal_abbrev            Proteins 
_citation.journal_volume            73 
_citation.page_first                1068 
_citation.page_last                 1071 
_citation.year                      2008 
_citation.journal_id_ASTM           PSFGEY 
_citation.country                   US 
_citation.journal_id_ISSN           0887-3585 
_citation.journal_id_CSD            0867 
_citation.book_publisher            ? 
_citation.pdbx_database_id_PubMed   18831030 
_citation.pdbx_database_id_DOI      10.1002/prot.22231 
# 
loop_
_citation_author.citation_id 
_citation_author.name 
_citation_author.ordinal 
_citation_author.identifier_ORCID 
primary 'Miyazono, K.'  1 ? 
primary 'Nishimura, Y.' 2 ? 
primary 'Sawano, Y.'    3 ? 
primary 'Makino, T.'    4 ? 
primary 'Tanokura, M.'  5 ? 
# 
loop_
_entity.id 
_entity.type 
_entity.src_method 
_entity.pdbx_description 
_entity.formula_weight 
_entity.pdbx_number_of_molecules 
_entity.pdbx_ec 
_entity.pdbx_mutation 
_entity.pdbx_fragment 
_entity.details 
1 polymer man 'Putative uncharacterized protein PH0734' 20453.100 1   ? ? ? ? 
2 water   nat water                                     18.015    182 ? ? ? ? 
# 
_entity_name_com.entity_id   1 
_entity_name_com.name        'PUA domain' 
# 
_entity_poly.entity_id                      1 
_entity_poly.type                           'polypeptide(L)' 
_entity_poly.nstd_linkage                   no 
_entity_poly.nstd_monomer                   no 
_entity_poly.pdbx_seq_one_letter_code       
;GSHMVFRMELKIKHPLSKKDVKEIIAQLSQMFGEEIARKMLNKKDEVKVAEFDKTTEIILVNDKPMFIRRKDLIFPLVIA
LYNLSDEEDLRKWPRRVVVDEGAVPHILNGADVMAPGIVDADEGIKEGDFVFVVEEKYGRPLAIGIALMSGKVMKEKNRG
KAVKVIHHARDKIWEVTAR
;
_entity_poly.pdbx_seq_one_letter_code_can   
;GSHMVFRMELKIKHPLSKKDVKEIIAQLSQMFGEEIARKMLNKKDEVKVAEFDKTTEIILVNDKPMFIRRKDLIFPLVIA
LYNLSDEEDLRKWPRRVVVDEGAVPHILNGADVMAPGIVDADEGIKEGDFVFVVEEKYGRPLAIGIALMSGKVMKEKNRG
KAVKVIHHARDKIWEVTAR
;
_entity_poly.pdbx_strand_id                 A 
_entity_poly.pdbx_target_identifier         ? 
# 
_pdbx_entity_nonpoly.entity_id   2 
_pdbx_entity_nonpoly.name        water 
_pdbx_entity_nonpoly.comp_id     HOH 
# 
loop_
_entity_poly_seq.entity_id 
_entity_poly_seq.num 
_entity_poly_seq.mon_id 
_entity_poly_seq.hetero 
1 1   GLY n 
1 2   SER n 
1 3   HIS n 
1 4   MET n 
1 5   VAL n 
1 6   PHE n 
1 7   ARG n 
1 8   MET n 
1 9   GLU n 
1 10  LEU n 
1 11  LYS n 
1 12  ILE n 
1 13  LYS n 
1 14  HIS n 
1 15  PRO n 
1 16  LEU n 
1 17  SER n 
1 18  LYS n 
1 19  LYS n 
1 20  ASP n 
1 21  VAL n 
1 22  LYS n 
1 23  GLU n 
1 24  ILE n 
1 25  ILE n 
1 26  ALA n 
1 27  GLN n 
1 28  LEU n 
1 29  SER n 
1 30  GLN n 
1 31  MET n 
1 32  PHE n 
1 33  GLY n 
1 34  GLU n 
1 35  GLU n 
1 36  ILE n 
1 37  ALA n 
1 38  ARG n 
1 39  LYS n 
1 40  MET n 
1 41  LEU n 
1 42  ASN n 
1 43  LYS n 
1 44  LYS n 
1 45  ASP n 
1 46  GLU n 
1 47  VAL n 
1 48  LYS n 
1 49  VAL n 
1 50  ALA n 
1 51  GLU n 
1 52  PHE n 
1 53  ASP n 
1 54  LYS n 
1 55  THR n 
1 56  THR n 
1 57  GLU n 
1 58  ILE n 
1 59  ILE n 
1 60  LEU n 
1 61  VAL n 
1 62  ASN n 
1 63  ASP n 
1 64  LYS n 
1 65  PRO n 
1 66  MET n 
1 67  PHE n 
1 68  ILE n 
1 69  ARG n 
1 70  ARG n 
1 71  LYS n 
1 72  ASP n 
1 73  LEU n 
1 74  ILE n 
1 75  PHE n 
1 76  PRO n 
1 77  LEU n 
1 78  VAL n 
1 79  ILE n 
1 80  ALA n 
1 81  LEU n 
1 82  TYR n 
1 83  ASN n 
1 84  LEU n 
1 85  SER n 
1 86  ASP n 
1 87  GLU n 
1 88  GLU n 
1 89  ASP n 
1 90  LEU n 
1 91  ARG n 
1 92  LYS n 
1 93  TRP n 
1 94  PRO n 
1 95  ARG n 
1 96  ARG n 
1 97  VAL n 
1 98  VAL n 
1 99  VAL n 
1 100 ASP n 
1 101 GLU n 
1 102 GLY n 
1 103 ALA n 
1 104 VAL n 
1 105 PRO n 
1 106 HIS n 
1 107 ILE n 
1 108 LEU n 
1 109 ASN n 
1 110 GLY n 
1 111 ALA n 
1 112 ASP n 
1 113 VAL n 
1 114 MET n 
1 115 ALA n 
1 116 PRO n 
1 117 GLY n 
1 118 ILE n 
1 119 VAL n 
1 120 ASP n 
1 121 ALA n 
1 122 ASP n 
1 123 GLU n 
1 124 GLY n 
1 125 ILE n 
1 126 LYS n 
1 127 GLU n 
1 128 GLY n 
1 129 ASP n 
1 130 PHE n 
1 131 VAL n 
1 132 PHE n 
1 133 VAL n 
1 134 VAL n 
1 135 GLU n 
1 136 GLU n 
1 137 LYS n 
1 138 TYR n 
1 139 GLY n 
1 140 ARG n 
1 141 PRO n 
1 142 LEU n 
1 143 ALA n 
1 144 ILE n 
1 145 GLY n 
1 146 ILE n 
1 147 ALA n 
1 148 LEU n 
1 149 MET n 
1 150 SER n 
1 151 GLY n 
1 152 LYS n 
1 153 VAL n 
1 154 MET n 
1 155 LYS n 
1 156 GLU n 
1 157 LYS n 
1 158 ASN n 
1 159 ARG n 
1 160 GLY n 
1 161 LYS n 
1 162 ALA n 
1 163 VAL n 
1 164 LYS n 
1 165 VAL n 
1 166 ILE n 
1 167 HIS n 
1 168 HIS n 
1 169 ALA n 
1 170 ARG n 
1 171 ASP n 
1 172 LYS n 
1 173 ILE n 
1 174 TRP n 
1 175 GLU n 
1 176 VAL n 
1 177 THR n 
1 178 ALA n 
1 179 ARG n 
# 
_entity_src_gen.entity_id                          1 
_entity_src_gen.pdbx_src_id                        1 
_entity_src_gen.pdbx_alt_source_flag               sample 
_entity_src_gen.pdbx_seq_type                      ? 
_entity_src_gen.pdbx_beg_seq_num                   ? 
_entity_src_gen.pdbx_end_seq_num                   ? 
_entity_src_gen.gene_src_common_name               ? 
_entity_src_gen.gene_src_genus                     ? 
_entity_src_gen.pdbx_gene_src_gene                 PH0734.1 
_entity_src_gen.gene_src_species                   ? 
_entity_src_gen.gene_src_strain                    OT3 
_entity_src_gen.gene_src_tissue                    ? 
_entity_src_gen.gene_src_tissue_fraction           ? 
_entity_src_gen.gene_src_details                   ? 
_entity_src_gen.pdbx_gene_src_fragment             ? 
_entity_src_gen.pdbx_gene_src_scientific_name      'Pyrococcus horikoshii' 
_entity_src_gen.pdbx_gene_src_ncbi_taxonomy_id     53953 
_entity_src_gen.pdbx_gene_src_variant              ? 
_entity_src_gen.pdbx_gene_src_cell_line            ? 
_entity_src_gen.pdbx_gene_src_atcc                 ? 
_entity_src_gen.pdbx_gene_src_organ                ? 
_entity_src_gen.pdbx_gene_src_organelle            ? 
_entity_src_gen.pdbx_gene_src_cell                 ? 
_entity_src_gen.pdbx_gene_src_cellular_location    ? 
_entity_src_gen.host_org_common_name               ? 
_entity_src_gen.pdbx_host_org_scientific_name      'Escherichia coli' 
_entity_src_gen.pdbx_host_org_ncbi_taxonomy_id     562 
_entity_src_gen.host_org_genus                     ? 
_entity_src_gen.pdbx_host_org_gene                 ? 
_entity_src_gen.pdbx_host_org_organ                ? 
_entity_src_gen.host_org_species                   ? 
_entity_src_gen.pdbx_host_org_tissue               ? 
_entity_src_gen.pdbx_host_org_tissue_fraction      ? 
_entity_src_gen.pdbx_host_org_strain               'Rosetta(DE3)' 
_entity_src_gen.pdbx_host_org_variant              ? 
_entity_src_gen.pdbx_host_org_cell_line            ? 
_entity_src_gen.pdbx_host_org_atcc                 ? 
_entity_src_gen.pdbx_host_org_culture_collection   ? 
_entity_src_gen.pdbx_host_org_cell                 ? 
_entity_src_gen.pdbx_host_org_organelle            ? 
_entity_src_gen.pdbx_host_org_cellular_location    ? 
_entity_src_gen.pdbx_host_org_vector_type          ? 
_entity_src_gen.pdbx_host_org_vector               ? 
_entity_src_gen.host_org_details                   ? 
_entity_src_gen.expression_system_id               ? 
_entity_src_gen.plasmid_name                       ? 
_entity_src_gen.plasmid_details                    ? 
_entity_src_gen.pdbx_description                   ? 
# 
loop_
_chem_comp.id 
_chem_comp.type 
_chem_comp.mon_nstd_flag 
_chem_comp.name 
_chem_comp.pdbx_synonyms 
_chem_comp.formula 
_chem_comp.formula_weight 
ALA 'L-peptide linking' y ALANINE         ? 'C3 H7 N O2'     89.093  
ARG 'L-peptide linking' y ARGININE        ? 'C6 H15 N4 O2 1' 175.209 
ASN 'L-peptide linking' y ASPARAGINE      ? 'C4 H8 N2 O3'    132.118 
ASP 'L-peptide linking' y 'ASPARTIC ACID' ? 'C4 H7 N O4'     133.103 
GLN 'L-peptide linking' y GLUTAMINE       ? 'C5 H10 N2 O3'   146.144 
GLU 'L-peptide linking' y 'GLUTAMIC ACID' ? 'C5 H9 N O4'     147.129 
GLY 'peptide linking'   y GLYCINE         ? 'C2 H5 N O2'     75.067  
HIS 'L-peptide linking' y HISTIDINE       ? 'C6 H10 N3 O2 1' 156.162 
HOH non-polymer         . WATER           ? 'H2 O'           18.015  
ILE 'L-peptide linking' y ISOLEUCINE      ? 'C6 H13 N O2'    131.173 
LEU 'L-peptide linking' y LEUCINE         ? 'C6 H13 N O2'    131.173 
LYS 'L-peptide linking' y LYSINE          ? 'C6 H15 N2 O2 1' 147.195 
MET 'L-peptide linking' y METHIONINE      ? 'C5 H11 N O2 S'  149.211 
PHE 'L-peptide linking' y PHENYLALANINE   ? 'C9 H11 N O2'    165.189 
PRO 'L-peptide linking' y PROLINE         ? 'C5 H9 N O2'     115.130 
SER 'L-peptide linking' y SERINE          ? 'C3 H7 N O3'     105.093 
THR 'L-peptide linking' y THREONINE       ? 'C4 H9 N O3'     119.119 
TRP 'L-peptide linking' y TRYPTOPHAN      ? 'C11 H12 N2 O2'  204.225 
TYR 'L-peptide linking' y TYROSINE        ? 'C9 H11 N O3'    181.189 
VAL 'L-peptide linking' y VALINE          ? 'C5 H11 N O2'    117.146 
# 
loop_
_pdbx_poly_seq_scheme.asym_id 
_pdbx_poly_seq_scheme.entity_id 
_pdbx_poly_seq_scheme.seq_id 
_pdbx_poly_seq_scheme.mon_id 
_pdbx_poly_seq_scheme.ndb_seq_num 
_pdbx_poly_seq_scheme.pdb_seq_num 
_pdbx_poly_seq_scheme.auth_seq_num 
_pdbx_poly_seq_scheme.pdb_mon_id 
_pdbx_poly_seq_scheme.auth_mon_id 
_pdbx_poly_seq_scheme.pdb_strand_id 
_pdbx_poly_seq_scheme.pdb_ins_code 
_pdbx_poly_seq_scheme.hetero 
A 1 1   GLY 1   -6  ?   ?   ?   A . n 
A 1 2   SER 2   -5  ?   ?   ?   A . n 
A 1 3   HIS 3   -4  ?   ?   ?   A . n 
A 1 4   MET 4   -3  ?   ?   ?   A . n 
A 1 5   VAL 5   -2  ?   ?   ?   A . n 
A 1 6   PHE 6   -1  ?   ?   ?   A . n 
A 1 7   ARG 7   0   ?   ?   ?   A . n 
A 1 8   MET 8   1   ?   ?   ?   A . n 
A 1 9   GLU 9   2   ?   ?   ?   A . n 
A 1 10  LEU 10  3   ?   ?   ?   A . n 
A 1 11  LYS 11  4   ?   ?   ?   A . n 
A 1 12  ILE 12  5   5   ILE ILE A . n 
A 1 13  LYS 13  6   6   LYS LYS A . n 
A 1 14  HIS 14  7   7   HIS HIS A . n 
A 1 15  PRO 15  8   8   PRO PRO A . n 
A 1 16  LEU 16  9   9   LEU LEU A . n 
A 1 17  SER 17  10  10  SER SER A . n 
A 1 18  LYS 18  11  11  LYS LYS A . n 
A 1 19  LYS 19  12  12  LYS LYS A . n 
A 1 20  ASP 20  13  13  ASP ASP A . n 
A 1 21  VAL 21  14  14  VAL VAL A . n 
A 1 22  LYS 22  15  15  LYS LYS A . n 
A 1 23  GLU 23  16  16  GLU GLU A . n 
A 1 24  ILE 24  17  17  ILE ILE A . n 
A 1 25  ILE 25  18  18  ILE ILE A . n 
A 1 26  ALA 26  19  19  ALA ALA A . n 
A 1 27  GLN 27  20  20  GLN GLN A . n 
A 1 28  LEU 28  21  21  LEU LEU A . n 
A 1 29  SER 29  22  22  SER SER A . n 
A 1 30  GLN 30  23  23  GLN GLN A . n 
A 1 31  MET 31  24  24  MET MET A . n 
A 1 32  PHE 32  25  25  PHE PHE A . n 
A 1 33  GLY 33  26  26  GLY GLY A . n 
A 1 34  GLU 34  27  27  GLU GLU A . n 
A 1 35  GLU 35  28  28  GLU GLU A . n 
A 1 36  ILE 36  29  29  ILE ILE A . n 
A 1 37  ALA 37  30  30  ALA ALA A . n 
A 1 38  ARG 38  31  31  ARG ARG A . n 
A 1 39  LYS 39  32  32  LYS LYS A . n 
A 1 40  MET 40  33  33  MET MET A . n 
A 1 41  LEU 41  34  34  LEU LEU A . n 
A 1 42  ASN 42  35  35  ASN ASN A . n 
A 1 43  LYS 43  36  36  LYS LYS A . n 
A 1 44  LYS 44  37  37  LYS LYS A . n 
A 1 45  ASP 45  38  38  ASP ASP A . n 
A 1 46  GLU 46  39  39  GLU GLU A . n 
A 1 47  VAL 47  40  40  VAL VAL A . n 
A 1 48  LYS 48  41  41  LYS LYS A . n 
A 1 49  VAL 49  42  42  VAL VAL A . n 
A 1 50  ALA 50  43  43  ALA ALA A . n 
A 1 51  GLU 51  44  44  GLU GLU A . n 
A 1 52  PHE 52  45  45  PHE PHE A . n 
A 1 53  ASP 53  46  46  ASP ASP A . n 
A 1 54  LYS 54  47  47  LYS LYS A . n 
A 1 55  THR 55  48  48  THR THR A . n 
A 1 56  THR 56  49  49  THR THR A . n 
A 1 57  GLU 57  50  50  GLU GLU A . n 
A 1 58  ILE 58  51  51  ILE ILE A . n 
A 1 59  ILE 59  52  52  ILE ILE A . n 
A 1 60  LEU 60  53  53  LEU LEU A . n 
A 1 61  VAL 61  54  54  VAL VAL A . n 
A 1 62  ASN 62  55  55  ASN ASN A . n 
A 1 63  ASP 63  56  56  ASP ASP A . n 
A 1 64  LYS 64  57  57  LYS LYS A . n 
A 1 65  PRO 65  58  58  PRO PRO A . n 
A 1 66  MET 66  59  59  MET MET A . n 
A 1 67  PHE 67  60  60  PHE PHE A . n 
A 1 68  ILE 68  61  61  ILE ILE A . n 
A 1 69  ARG 69  62  62  ARG ARG A . n 
A 1 70  ARG 70  63  63  ARG ARG A . n 
A 1 71  LYS 71  64  64  LYS LYS A . n 
A 1 72  ASP 72  65  65  ASP ASP A . n 
A 1 73  LEU 73  66  66  LEU LEU A . n 
A 1 74  ILE 74  67  67  ILE ILE A . n 
A 1 75  PHE 75  68  68  PHE PHE A . n 
A 1 76  PRO 76  69  69  PRO PRO A . n 
A 1 77  LEU 77  70  70  LEU LEU A . n 
A 1 78  VAL 78  71  71  VAL VAL A . n 
A 1 79  ILE 79  72  72  ILE ILE A . n 
A 1 80  ALA 80  73  73  ALA ALA A . n 
A 1 81  LEU 81  74  74  LEU LEU A . n 
A 1 82  TYR 82  75  75  TYR TYR A . n 
A 1 83  ASN 83  76  76  ASN ASN A . n 
A 1 84  LEU 84  77  77  LEU LEU A . n 
A 1 85  SER 85  78  78  SER SER A . n 
A 1 86  ASP 86  79  79  ASP ASP A . n 
A 1 87  GLU 87  80  80  GLU GLU A . n 
A 1 88  GLU 88  81  81  GLU GLU A . n 
A 1 89  ASP 89  82  82  ASP ASP A . n 
A 1 90  LEU 90  83  83  LEU LEU A . n 
A 1 91  ARG 91  84  84  ARG ARG A . n 
A 1 92  LYS 92  85  85  LYS LYS A . n 
A 1 93  TRP 93  86  86  TRP TRP A . n 
A 1 94  PRO 94  87  87  PRO PRO A . n 
A 1 95  ARG 95  88  88  ARG ARG A . n 
A 1 96  ARG 96  89  89  ARG ARG A . n 
A 1 97  VAL 97  90  90  VAL VAL A . n 
A 1 98  VAL 98  91  91  VAL VAL A . n 
A 1 99  VAL 99  92  92  VAL VAL A . n 
A 1 100 ASP 100 93  93  ASP ASP A . n 
A 1 101 GLU 101 94  94  GLU GLU A . n 
A 1 102 GLY 102 95  95  GLY GLY A . n 
A 1 103 ALA 103 96  96  ALA ALA A . n 
A 1 104 VAL 104 97  97  VAL VAL A . n 
A 1 105 PRO 105 98  98  PRO PRO A . n 
A 1 106 HIS 106 99  99  HIS HIS A . n 
A 1 107 ILE 107 100 100 ILE ILE A . n 
A 1 108 LEU 108 101 101 LEU LEU A . n 
A 1 109 ASN 109 102 102 ASN ASN A . n 
A 1 110 GLY 110 103 103 GLY GLY A . n 
A 1 111 ALA 111 104 104 ALA ALA A . n 
A 1 112 ASP 112 105 105 ASP ASP A . n 
A 1 113 VAL 113 106 106 VAL VAL A . n 
A 1 114 MET 114 107 107 MET MET A . n 
A 1 115 ALA 115 108 108 ALA ALA A . n 
A 1 116 PRO 116 109 109 PRO PRO A . n 
A 1 117 GLY 117 110 110 GLY GLY A . n 
A 1 118 ILE 118 111 111 ILE ILE A . n 
A 1 119 VAL 119 112 112 VAL VAL A . n 
A 1 120 ASP 120 113 113 ASP ASP A . n 
A 1 121 ALA 121 114 114 ALA ALA A . n 
A 1 122 ASP 122 115 115 ASP ASP A . n 
A 1 123 GLU 123 116 116 GLU GLU A . n 
A 1 124 GLY 124 117 117 GLY GLY A . n 
A 1 125 ILE 125 118 118 ILE ILE A . n 
A 1 126 LYS 126 119 119 LYS LYS A . n 
A 1 127 GLU 127 120 120 GLU GLU A . n 
A 1 128 GLY 128 121 121 GLY GLY A . n 
A 1 129 ASP 129 122 122 ASP ASP A . n 
A 1 130 PHE 130 123 123 PHE PHE A . n 
A 1 131 VAL 131 124 124 VAL VAL A . n 
A 1 132 PHE 132 125 125 PHE PHE A . n 
A 1 133 VAL 133 126 126 VAL VAL A . n 
A 1 134 VAL 134 127 127 VAL VAL A . n 
A 1 135 GLU 135 128 128 GLU GLU A . n 
A 1 136 GLU 136 129 129 GLU GLU A . n 
A 1 137 LYS 137 130 130 LYS LYS A . n 
A 1 138 TYR 138 131 131 TYR TYR A . n 
A 1 139 GLY 139 132 132 GLY GLY A . n 
A 1 140 ARG 140 133 133 ARG ARG A . n 
A 1 141 PRO 141 134 134 PRO PRO A . n 
A 1 142 LEU 142 135 135 LEU LEU A . n 
A 1 143 ALA 143 136 136 ALA ALA A . n 
A 1 144 ILE 144 137 137 ILE ILE A . n 
A 1 145 GLY 145 138 138 GLY GLY A . n 
A 1 146 ILE 146 139 139 ILE ILE A . n 
A 1 147 ALA 147 140 140 ALA ALA A . n 
A 1 148 LEU 148 141 141 LEU LEU A . n 
A 1 149 MET 149 142 142 MET MET A . n 
A 1 150 SER 150 143 143 SER SER A . n 
A 1 151 GLY 151 144 144 GLY GLY A . n 
A 1 152 LYS 152 145 145 LYS LYS A . n 
A 1 153 VAL 153 146 146 VAL VAL A . n 
A 1 154 MET 154 147 147 MET MET A . n 
A 1 155 LYS 155 148 148 LYS LYS A . n 
A 1 156 GLU 156 149 149 GLU GLU A . n 
A 1 157 LYS 157 150 150 LYS LYS A . n 
A 1 158 ASN 158 151 151 ASN ASN A . n 
A 1 159 ARG 159 152 152 ARG ARG A . n 
A 1 160 GLY 160 153 153 GLY GLY A . n 
A 1 161 LYS 161 154 154 LYS LYS A . n 
A 1 162 ALA 162 155 155 ALA ALA A . n 
A 1 163 VAL 163 156 156 VAL VAL A . n 
A 1 164 LYS 164 157 157 LYS LYS A . n 
A 1 165 VAL 165 158 158 VAL VAL A . n 
A 1 166 ILE 166 159 159 ILE ILE A . n 
A 1 167 HIS 167 160 160 HIS HIS A . n 
A 1 168 HIS 168 161 161 HIS HIS A . n 
A 1 169 ALA 169 162 162 ALA ALA A . n 
A 1 170 ARG 170 163 163 ARG ARG A . n 
A 1 171 ASP 171 164 164 ASP ASP A . n 
A 1 172 LYS 172 165 165 LYS LYS A . n 
A 1 173 ILE 173 166 166 ILE ILE A . n 
A 1 174 TRP 174 167 167 TRP TRP A . n 
A 1 175 GLU 175 168 168 GLU GLU A . n 
A 1 176 VAL 176 169 169 VAL VAL A . n 
A 1 177 THR 177 170 170 THR THR A . n 
A 1 178 ALA 178 171 171 ALA ALA A . n 
A 1 179 ARG 179 172 ?   ?   ?   A . n 
# 
loop_
_pdbx_nonpoly_scheme.asym_id 
_pdbx_nonpoly_scheme.entity_id 
_pdbx_nonpoly_scheme.mon_id 
_pdbx_nonpoly_scheme.ndb_seq_num 
_pdbx_nonpoly_scheme.pdb_seq_num 
_pdbx_nonpoly_scheme.auth_seq_num 
_pdbx_nonpoly_scheme.pdb_mon_id 
_pdbx_nonpoly_scheme.auth_mon_id 
_pdbx_nonpoly_scheme.pdb_strand_id 
_pdbx_nonpoly_scheme.pdb_ins_code 
B 2 HOH 1   173 1   HOH HOH A . 
B 2 HOH 2   174 2   HOH HOH A . 
B 2 HOH 3   175 3   HOH HOH A . 
B 2 HOH 4   176 4   HOH HOH A . 
B 2 HOH 5   177 5   HOH HOH A . 
B 2 HOH 6   178 6   HOH HOH A . 
B 2 HOH 7   179 7   HOH HOH A . 
B 2 HOH 8   180 8   HOH HOH A . 
B 2 HOH 9   181 9   HOH HOH A . 
B 2 HOH 10  182 10  HOH HOH A . 
B 2 HOH 11  183 11  HOH HOH A . 
B 2 HOH 12  184 12  HOH HOH A . 
B 2 HOH 13  185 13  HOH HOH A . 
B 2 HOH 14  186 14  HOH HOH A . 
B 2 HOH 15  187 15  HOH HOH A . 
B 2 HOH 16  188 16  HOH HOH A . 
B 2 HOH 17  189 17  HOH HOH A . 
B 2 HOH 18  190 18  HOH HOH A . 
B 2 HOH 19  191 19  HOH HOH A . 
B 2 HOH 20  192 20  HOH HOH A . 
B 2 HOH 21  193 21  HOH HOH A . 
B 2 HOH 22  194 22  HOH HOH A . 
B 2 HOH 23  195 23  HOH HOH A . 
B 2 HOH 24  196 24  HOH HOH A . 
B 2 HOH 25  197 25  HOH HOH A . 
B 2 HOH 26  198 26  HOH HOH A . 
B 2 HOH 27  199 27  HOH HOH A . 
B 2 HOH 28  200 28  HOH HOH A . 
B 2 HOH 29  201 29  HOH HOH A . 
B 2 HOH 30  202 30  HOH HOH A . 
B 2 HOH 31  203 31  HOH HOH A . 
B 2 HOH 32  204 32  HOH HOH A . 
B 2 HOH 33  205 33  HOH HOH A . 
B 2 HOH 34  206 34  HOH HOH A . 
B 2 HOH 35  207 35  HOH HOH A . 
B 2 HOH 36  208 36  HOH HOH A . 
B 2 HOH 37  209 37  HOH HOH A . 
B 2 HOH 38  210 38  HOH HOH A . 
B 2 HOH 39  211 39  HOH HOH A . 
B 2 HOH 40  212 40  HOH HOH A . 
B 2 HOH 41  213 41  HOH HOH A . 
B 2 HOH 42  214 42  HOH HOH A . 
B 2 HOH 43  215 43  HOH HOH A . 
B 2 HOH 44  216 44  HOH HOH A . 
B 2 HOH 45  217 45  HOH HOH A . 
B 2 HOH 46  218 46  HOH HOH A . 
B 2 HOH 47  219 47  HOH HOH A . 
B 2 HOH 48  220 48  HOH HOH A . 
B 2 HOH 49  221 49  HOH HOH A . 
B 2 HOH 50  222 50  HOH HOH A . 
B 2 HOH 51  223 51  HOH HOH A . 
B 2 HOH 52  224 52  HOH HOH A . 
B 2 HOH 53  225 53  HOH HOH A . 
B 2 HOH 54  226 54  HOH HOH A . 
B 2 HOH 55  227 55  HOH HOH A . 
B 2 HOH 56  228 56  HOH HOH A . 
B 2 HOH 57  229 57  HOH HOH A . 
B 2 HOH 58  230 58  HOH HOH A . 
B 2 HOH 59  231 59  HOH HOH A . 
B 2 HOH 60  232 60  HOH HOH A . 
B 2 HOH 61  233 61  HOH HOH A . 
B 2 HOH 62  234 62  HOH HOH A . 
B 2 HOH 63  235 63  HOH HOH A . 
B 2 HOH 64  236 64  HOH HOH A . 
B 2 HOH 65  237 65  HOH HOH A . 
B 2 HOH 66  238 66  HOH HOH A . 
B 2 HOH 67  239 67  HOH HOH A . 
B 2 HOH 68  240 68  HOH HOH A . 
B 2 HOH 69  241 69  HOH HOH A . 
B 2 HOH 70  242 70  HOH HOH A . 
B 2 HOH 71  243 71  HOH HOH A . 
B 2 HOH 72  244 72  HOH HOH A . 
B 2 HOH 73  245 73  HOH HOH A . 
B 2 HOH 74  246 74  HOH HOH A . 
B 2 HOH 75  247 75  HOH HOH A . 
B 2 HOH 76  248 76  HOH HOH A . 
B 2 HOH 77  249 77  HOH HOH A . 
B 2 HOH 78  250 78  HOH HOH A . 
B 2 HOH 79  251 79  HOH HOH A . 
B 2 HOH 80  252 80  HOH HOH A . 
B 2 HOH 81  253 81  HOH HOH A . 
B 2 HOH 82  254 82  HOH HOH A . 
B 2 HOH 83  255 83  HOH HOH A . 
B 2 HOH 84  256 84  HOH HOH A . 
B 2 HOH 85  257 85  HOH HOH A . 
B 2 HOH 86  258 86  HOH HOH A . 
B 2 HOH 87  259 87  HOH HOH A . 
B 2 HOH 88  260 88  HOH HOH A . 
B 2 HOH 89  261 89  HOH HOH A . 
B 2 HOH 90  262 90  HOH HOH A . 
B 2 HOH 91  263 91  HOH HOH A . 
B 2 HOH 92  264 92  HOH HOH A . 
B 2 HOH 93  265 93  HOH HOH A . 
B 2 HOH 94  266 94  HOH HOH A . 
B 2 HOH 95  267 95  HOH HOH A . 
B 2 HOH 96  268 96  HOH HOH A . 
B 2 HOH 97  269 97  HOH HOH A . 
B 2 HOH 98  270 98  HOH HOH A . 
B 2 HOH 99  271 99  HOH HOH A . 
B 2 HOH 100 272 100 HOH HOH A . 
B 2 HOH 101 273 101 HOH HOH A . 
B 2 HOH 102 274 102 HOH HOH A . 
B 2 HOH 103 275 103 HOH HOH A . 
B 2 HOH 104 276 104 HOH HOH A . 
B 2 HOH 105 277 105 HOH HOH A . 
B 2 HOH 106 278 106 HOH HOH A . 
B 2 HOH 107 279 107 HOH HOH A . 
B 2 HOH 108 280 108 HOH HOH A . 
B 2 HOH 109 281 109 HOH HOH A . 
B 2 HOH 110 282 110 HOH HOH A . 
B 2 HOH 111 283 111 HOH HOH A . 
B 2 HOH 112 284 112 HOH HOH A . 
B 2 HOH 113 285 113 HOH HOH A . 
B 2 HOH 114 286 114 HOH HOH A . 
B 2 HOH 115 287 115 HOH HOH A . 
B 2 HOH 116 288 116 HOH HOH A . 
B 2 HOH 117 289 117 HOH HOH A . 
B 2 HOH 118 290 118 HOH HOH A . 
B 2 HOH 119 291 119 HOH HOH A . 
B 2 HOH 120 292 120 HOH HOH A . 
B 2 HOH 121 293 121 HOH HOH A . 
B 2 HOH 122 294 122 HOH HOH A . 
B 2 HOH 123 295 123 HOH HOH A . 
B 2 HOH 124 296 124 HOH HOH A . 
B 2 HOH 125 297 125 HOH HOH A . 
B 2 HOH 126 298 126 HOH HOH A . 
B 2 HOH 127 299 127 HOH HOH A . 
B 2 HOH 128 300 128 HOH HOH A . 
B 2 HOH 129 301 129 HOH HOH A . 
B 2 HOH 130 302 130 HOH HOH A . 
B 2 HOH 131 303 131 HOH HOH A . 
B 2 HOH 132 304 132 HOH HOH A . 
B 2 HOH 133 305 133 HOH HOH A . 
B 2 HOH 134 306 134 HOH HOH A . 
B 2 HOH 135 307 135 HOH HOH A . 
B 2 HOH 136 308 136 HOH HOH A . 
B 2 HOH 137 309 137 HOH HOH A . 
B 2 HOH 138 310 138 HOH HOH A . 
B 2 HOH 139 311 139 HOH HOH A . 
B 2 HOH 140 312 140 HOH HOH A . 
B 2 HOH 141 313 141 HOH HOH A . 
B 2 HOH 142 314 142 HOH HOH A . 
B 2 HOH 143 315 143 HOH HOH A . 
B 2 HOH 144 316 144 HOH HOH A . 
B 2 HOH 145 317 145 HOH HOH A . 
B 2 HOH 146 318 146 HOH HOH A . 
B 2 HOH 147 319 147 HOH HOH A . 
B 2 HOH 148 320 148 HOH HOH A . 
B 2 HOH 149 321 149 HOH HOH A . 
B 2 HOH 150 322 150 HOH HOH A . 
B 2 HOH 151 323 151 HOH HOH A . 
B 2 HOH 152 324 152 HOH HOH A . 
B 2 HOH 153 325 153 HOH HOH A . 
B 2 HOH 154 326 154 HOH HOH A . 
B 2 HOH 155 327 155 HOH HOH A . 
B 2 HOH 156 328 156 HOH HOH A . 
B 2 HOH 157 329 157 HOH HOH A . 
B 2 HOH 158 330 158 HOH HOH A . 
B 2 HOH 159 331 159 HOH HOH A . 
B 2 HOH 160 332 160 HOH HOH A . 
B 2 HOH 161 333 161 HOH HOH A . 
B 2 HOH 162 334 162 HOH HOH A . 
B 2 HOH 163 335 163 HOH HOH A . 
B 2 HOH 164 336 164 HOH HOH A . 
B 2 HOH 165 337 165 HOH HOH A . 
B 2 HOH 166 338 166 HOH HOH A . 
B 2 HOH 167 339 167 HOH HOH A . 
B 2 HOH 168 340 168 HOH HOH A . 
B 2 HOH 169 341 169 HOH HOH A . 
B 2 HOH 170 342 170 HOH HOH A . 
B 2 HOH 171 343 171 HOH HOH A . 
B 2 HOH 172 344 172 HOH HOH A . 
B 2 HOH 173 345 173 HOH HOH A . 
B 2 HOH 174 346 174 HOH HOH A . 
B 2 HOH 175 347 175 HOH HOH A . 
B 2 HOH 176 348 176 HOH HOH A . 
B 2 HOH 177 349 177 HOH HOH A . 
B 2 HOH 178 350 178 HOH HOH A . 
B 2 HOH 179 351 179 HOH HOH A . 
B 2 HOH 180 352 180 HOH HOH A . 
B 2 HOH 181 353 181 HOH HOH A . 
B 2 HOH 182 354 182 HOH HOH A . 
# 
loop_
_software.name 
_software.version 
_software.date 
_software.type 
_software.contact_author 
_software.contact_author_email 
_software.classification 
_software.location 
_software.language 
_software.citation_id 
_software.pdbx_ordinal 
DENZO       .               ?                    package 'Zbyszek Otwinowski' zbyszek@mix.swmed.edu    'data reduction'  
http://www.lnls.br/infra/linhasluz/denzo-hkl.htm ?          ? 1 
SCALEPACK   .               ?                    package 'Zbyszek Otwinowski' zbyszek@mix.swmed.edu    'data scaling'    
http://www.lnls.br/infra/linhasluz/denzo-hkl.htm ?          ? 2 
MOLREP      .               ?                    other   'A. Vagin'           alexei@ysbl.york.ac.uk   phasing           
http://www.ccp4.ac.uk/dist/html/molrep.html      Fortran_77 ? 3 
REFMAC      refmac_5.2.0019 24/04/2001           program 'Murshudov, G.N.'    ccp4@dl.ac.uk            refinement        
http://www.ccp4.ac.uk/main.html                  Fortran_77 ? 4 
PDB_EXTRACT 3.005           'September 10, 2007' package PDB                  sw-help@rcsb.rutgers.edu 'data extraction' 
http://pdb.rutgers.edu/software/                 C++        ? 5 
# 
_cell.length_a           52.921 
_cell.length_b           52.921 
_cell.length_c           133.313 
_cell.angle_alpha        90.000 
_cell.angle_beta         90.000 
_cell.angle_gamma        120.000 
_cell.entry_id           3D79 
_cell.pdbx_unique_axis   ? 
_cell.Z_PDB              6 
_cell.length_a_esd       ? 
_cell.length_b_esd       ? 
_cell.length_c_esd       ? 
_cell.angle_alpha_esd    ? 
_cell.angle_beta_esd     ? 
_cell.angle_gamma_esd    ? 
# 
_symmetry.space_group_name_H-M             'P 32 2 1' 
_symmetry.entry_id                         3D79 
_symmetry.Int_Tables_number                154 
_symmetry.pdbx_full_space_group_name_H-M   ? 
_symmetry.cell_setting                     ? 
_symmetry.space_group_name_Hall            ? 
# 
_exptl.crystals_number   1 
_exptl.entry_id          3D79 
_exptl.method            'X-RAY DIFFRACTION' 
# 
_exptl_crystal.id                    1 
_exptl_crystal.pdbx_mosaicity        ? 
_exptl_crystal.pdbx_mosaicity_esd    ? 
_exptl_crystal.density_Matthews      2.63 
_exptl_crystal.density_diffrn        ? 
_exptl_crystal.density_meas          ? 
_exptl_crystal.density_meas_temp     ? 
_exptl_crystal.density_percent_sol   53.32 
_exptl_crystal.size_max              ? 
_exptl_crystal.size_mid              ? 
_exptl_crystal.size_min              ? 
_exptl_crystal.size_rad              ? 
_exptl_crystal.description           ? 
_exptl_crystal.F_000                 ? 
_exptl_crystal.preparation           ? 
# 
_diffrn.id                     1 
_diffrn.ambient_temp           ? 
_diffrn.ambient_temp_details   ? 
_diffrn.crystal_id             1 
# 
_diffrn_radiation.diffrn_id                        1 
_diffrn_radiation.pdbx_diffrn_protocol             'SINGLE WAVELENGTH' 
_diffrn_radiation.monochromator                    ? 
_diffrn_radiation.wavelength_id                    1 
_diffrn_radiation.pdbx_monochromatic_or_laue_m_l   M 
_diffrn_radiation.pdbx_scattering_type             x-ray 
# 
_diffrn_radiation_wavelength.id           1 
_diffrn_radiation_wavelength.wavelength   1.0 
_diffrn_radiation_wavelength.wt           1.0 
# 
_diffrn_source.diffrn_id                   1 
_diffrn_source.source                      SYNCHROTRON 
_diffrn_source.type                        'PHOTON FACTORY BEAMLINE AR-NW12A' 
_diffrn_source.pdbx_wavelength_list        1.0 
_diffrn_source.pdbx_wavelength             ? 
_diffrn_source.pdbx_synchrotron_site       'Photon Factory' 
_diffrn_source.pdbx_synchrotron_beamline   AR-NW12A 
# 
_reflns.entry_id                     3D79 
_reflns.d_resolution_high            1.730 
_reflns.d_resolution_low             25.000 
_reflns.number_obs                   23373 
_reflns.pdbx_Rmerge_I_obs            0.065 
_reflns.pdbx_netI_over_sigmaI        21.300 
_reflns.pdbx_chi_squared             2.392 
_reflns.pdbx_redundancy              18.800 
_reflns.percent_possible_obs         99.800 
_reflns.observed_criterion_sigma_F   ? 
_reflns.observed_criterion_sigma_I   ? 
_reflns.number_all                   ? 
_reflns.pdbx_Rsym_value              ? 
_reflns.B_iso_Wilson_estimate        ? 
_reflns.R_free_details               ? 
_reflns.limit_h_max                  ? 
_reflns.limit_h_min                  ? 
_reflns.limit_k_max                  ? 
_reflns.limit_k_min                  ? 
_reflns.limit_l_max                  ? 
_reflns.limit_l_min                  ? 
_reflns.observed_criterion_F_max     ? 
_reflns.observed_criterion_F_min     ? 
_reflns.pdbx_scaling_rejects         ? 
_reflns.pdbx_diffrn_id               1 
_reflns.pdbx_ordinal                 1 
# 
loop_
_reflns_shell.d_res_high 
_reflns_shell.d_res_low 
_reflns_shell.number_measured_obs 
_reflns_shell.number_measured_all 
_reflns_shell.number_unique_obs 
_reflns_shell.Rmerge_I_obs 
_reflns_shell.meanI_over_sigI_obs 
_reflns_shell.pdbx_Rsym_value 
_reflns_shell.pdbx_chi_squared 
_reflns_shell.pdbx_redundancy 
_reflns_shell.percent_possible_obs 
_reflns_shell.number_unique_all 
_reflns_shell.percent_possible_all 
_reflns_shell.pdbx_diffrn_id 
_reflns_shell.pdbx_ordinal 
1.73 1.79  ? ? ? 0.221 ? ? 0.874 19.00 ? 2279 100.00 ? 1  
1.79 1.86  ? ? ? 0.171 ? ? 0.993 18.80 ? 2304 100.00 ? 2  
1.86 1.95  ? ? ? 0.128 ? ? 1.221 18.80 ? 2297 100.00 ? 3  
1.95 2.05  ? ? ? 0.105 ? ? 1.505 18.70 ? 2310 100.00 ? 4  
2.05 2.18  ? ? ? 0.086 ? ? 1.964 18.60 ? 2296 100.00 ? 5  
2.18 2.35  ? ? ? 0.075 ? ? 2.264 18.60 ? 2315 100.00 ? 6  
2.35 2.58  ? ? ? 0.070 ? ? 2.628 18.80 ? 2337 100.00 ? 7  
2.58 2.96  ? ? ? 0.065 ? ? 3.286 19.00 ? 2355 100.00 ? 8  
2.96 3.72  ? ? ? 0.058 ? ? 4.262 19.10 ? 2376 99.80  ? 9  
3.72 25.00 ? ? ? 0.055 ? ? 4.642 18.40 ? 2504 98.70  ? 10 
# 
_refine.entry_id                                 3D79 
_refine.ls_d_res_high                            1.730 
_refine.ls_d_res_low                             25.000 
_refine.pdbx_ls_sigma_F                          0.00 
_refine.ls_percent_reflns_obs                    99.860 
_refine.ls_number_reflns_obs                     23327 
_refine.pdbx_ls_cross_valid_method               THROUGHOUT 
_refine.pdbx_R_Free_selection_details            RANDOM 
_refine.ls_R_factor_obs                          0.209 
_refine.ls_R_factor_R_work                       0.207 
_refine.ls_R_factor_R_free                       0.229 
_refine.ls_percent_reflns_R_free                 5.100 
_refine.ls_number_reflns_R_free                  1198 
_refine.B_iso_mean                               21.207 
_refine.aniso_B[1][1]                            0.070 
_refine.aniso_B[2][2]                            0.070 
_refine.aniso_B[3][3]                            -0.100 
_refine.aniso_B[1][2]                            0.030 
_refine.aniso_B[1][3]                            0.000 
_refine.aniso_B[2][3]                            0.000 
_refine.correlation_coeff_Fo_to_Fc               0.947 
_refine.correlation_coeff_Fo_to_Fc_free          0.934 
_refine.pdbx_overall_ESU_R                       0.112 
_refine.pdbx_overall_ESU_R_Free                  0.106 
_refine.overall_SU_ML                            0.067 
_refine.overall_SU_B                             1.993 
_refine.solvent_model_details                    MASK 
_refine.pdbx_solvent_vdw_probe_radii             1.200 
_refine.pdbx_solvent_ion_probe_radii             0.800 
_refine.pdbx_solvent_shrinkage_radii             0.800 
_refine.pdbx_method_to_determine_struct          'MOLECULAR REPLACEMENT' 
_refine.pdbx_stereochemistry_target_values       'MAXIMUM LIKELIHOOD' 
_refine.pdbx_ls_sigma_I                          ? 
_refine.ls_number_reflns_all                     ? 
_refine.ls_R_factor_all                          ? 
_refine.ls_redundancy_reflns_obs                 ? 
_refine.pdbx_data_cutoff_high_absF               ? 
_refine.pdbx_data_cutoff_low_absF                ? 
_refine.ls_number_parameters                     ? 
_refine.ls_number_restraints                     ? 
_refine.ls_R_factor_R_free_error                 ? 
_refine.ls_R_factor_R_free_error_details         ? 
_refine.pdbx_starting_model                      ? 
_refine.pdbx_stereochem_target_val_spec_case     ? 
_refine.solvent_model_param_bsol                 ? 
_refine.solvent_model_param_ksol                 ? 
_refine.occupancy_max                            ? 
_refine.occupancy_min                            ? 
_refine.pdbx_isotropic_thermal_model             ? 
_refine.details                                  ? 
_refine.B_iso_min                                ? 
_refine.B_iso_max                                ? 
_refine.overall_SU_R_Cruickshank_DPI             ? 
_refine.overall_SU_R_free                        ? 
_refine.pdbx_data_cutoff_high_rms_absF           ? 
_refine.ls_wR_factor_R_free                      ? 
_refine.ls_wR_factor_R_work                      ? 
_refine.overall_FOM_free_R_set                   ? 
_refine.overall_FOM_work_R_set                   ? 
_refine.pdbx_overall_phase_error                 ? 
_refine.pdbx_refine_id                           'X-RAY DIFFRACTION' 
_refine.pdbx_diffrn_id                           1 
_refine.pdbx_TLS_residual_ADP_flag               ? 
_refine.pdbx_overall_SU_R_free_Cruickshank_DPI   ? 
_refine.pdbx_overall_SU_R_Blow_DPI               ? 
_refine.pdbx_overall_SU_R_free_Blow_DPI          ? 
# 
_refine_hist.pdbx_refine_id                   'X-RAY DIFFRACTION' 
_refine_hist.cycle_id                         LAST 
_refine_hist.pdbx_number_atoms_protein        1331 
_refine_hist.pdbx_number_atoms_nucleic_acid   0 
_refine_hist.pdbx_number_atoms_ligand         0 
_refine_hist.number_atoms_solvent             182 
_refine_hist.number_atoms_total               1513 
_refine_hist.d_res_high                       1.730 
_refine_hist.d_res_low                        25.000 
# 
loop_
_refine_ls_restr.type 
_refine_ls_restr.number 
_refine_ls_restr.dev_ideal 
_refine_ls_restr.dev_ideal_target 
_refine_ls_restr.weight 
_refine_ls_restr.pdbx_refine_id 
_refine_ls_restr.pdbx_restraint_function 
r_bond_refined_d         1353 0.007  0.022  ? 'X-RAY DIFFRACTION' ? 
r_angle_refined_deg      1818 1.126  1.978  ? 'X-RAY DIFFRACTION' ? 
r_dihedral_angle_1_deg   166  5.565  5.000  ? 'X-RAY DIFFRACTION' ? 
r_dihedral_angle_2_deg   58   32.135 24.483 ? 'X-RAY DIFFRACTION' ? 
r_dihedral_angle_3_deg   272  12.371 15.000 ? 'X-RAY DIFFRACTION' ? 
r_dihedral_angle_4_deg   9    11.400 15.000 ? 'X-RAY DIFFRACTION' ? 
r_chiral_restr           206  0.083  0.200  ? 'X-RAY DIFFRACTION' ? 
r_gen_planes_refined     979  0.003  0.020  ? 'X-RAY DIFFRACTION' ? 
r_nbd_refined            654  0.193  0.200  ? 'X-RAY DIFFRACTION' ? 
r_nbtor_refined          946  0.301  0.200  ? 'X-RAY DIFFRACTION' ? 
r_xyhbond_nbd_refined    151  0.087  0.200  ? 'X-RAY DIFFRACTION' ? 
r_symmetry_vdw_refined   26   0.145  0.200  ? 'X-RAY DIFFRACTION' ? 
r_symmetry_hbond_refined 21   0.073  0.200  ? 'X-RAY DIFFRACTION' ? 
r_mcbond_it              858  0.620  1.500  ? 'X-RAY DIFFRACTION' ? 
r_mcangle_it             1348 1.086  2.000  ? 'X-RAY DIFFRACTION' ? 
r_scbond_it              551  1.612  3.000  ? 'X-RAY DIFFRACTION' ? 
r_scangle_it             470  2.662  4.500  ? 'X-RAY DIFFRACTION' ? 
# 
_refine_ls_shell.d_res_high                       1.730 
_refine_ls_shell.d_res_low                        1.775 
_refine_ls_shell.pdbx_total_number_of_bins_used   20 
_refine_ls_shell.percent_reflns_obs               99.940 
_refine_ls_shell.number_reflns_R_work             1596 
_refine_ls_shell.R_factor_all                     ? 
_refine_ls_shell.R_factor_R_work                  0.235 
_refine_ls_shell.R_factor_R_free                  0.345 
_refine_ls_shell.percent_reflns_R_free            ? 
_refine_ls_shell.number_reflns_R_free             90 
_refine_ls_shell.R_factor_R_free_error            ? 
_refine_ls_shell.number_reflns_all                1686 
_refine_ls_shell.number_reflns_obs                ? 
_refine_ls_shell.redundancy_reflns_obs            ? 
_refine_ls_shell.pdbx_refine_id                   'X-RAY DIFFRACTION' 
# 
_struct.entry_id                  3D79 
_struct.title                     
'Crystal structure of hypothetical protein PH0734.1 from hyperthermophilic archaea Pyrococcus horikoshii OT3' 
_struct.pdbx_model_details        ? 
_struct.pdbx_CASP_flag            ? 
_struct.pdbx_model_type_details   ? 
# 
_struct_keywords.entry_id        3D79 
_struct_keywords.text            'PUA, UNKNOWN FUNCTION' 
_struct_keywords.pdbx_keywords   'UNKNOWN FUNCTION' 
# 
loop_
_struct_asym.id 
_struct_asym.pdbx_blank_PDB_chainid_flag 
_struct_asym.pdbx_modified 
_struct_asym.entity_id 
_struct_asym.details 
A N N 1 ? 
B N N 2 ? 
# 
_struct_ref.id                         1 
_struct_ref.db_name                    UNP 
_struct_ref.db_code                    O58465_PYRHO 
_struct_ref.pdbx_db_accession          O58465 
_struct_ref.entity_id                  1 
_struct_ref.pdbx_seq_one_letter_code   
;FRMELKIKHPLSKKDVKEIIAQLSQMFGEEIARKMLNKKDEVKVAEFDKTTEIILVNDKPMFIRRKDLIFPLVIALYNLS
DEEDLRKWPRRVVVDEGAVPHILNGADVMAPGIVDADEGIKEGDFVFVVEEKYGRPLAIGIALMSGKVMKEKNRGKAVKV
IHHARDKIWEVTAR
;
_struct_ref.pdbx_align_begin           2 
_struct_ref.pdbx_db_isoform            ? 
# 
_struct_ref_seq.align_id                      1 
_struct_ref_seq.ref_id                        1 
_struct_ref_seq.pdbx_PDB_id_code              3D79 
_struct_ref_seq.pdbx_strand_id                A 
_struct_ref_seq.seq_align_beg                 6 
_struct_ref_seq.pdbx_seq_align_beg_ins_code   ? 
_struct_ref_seq.seq_align_end                 179 
_struct_ref_seq.pdbx_seq_align_end_ins_code   ? 
_struct_ref_seq.pdbx_db_accession             O58465 
_struct_ref_seq.db_align_beg                  2 
_struct_ref_seq.pdbx_db_align_beg_ins_code    ? 
_struct_ref_seq.db_align_end                  175 
_struct_ref_seq.pdbx_db_align_end_ins_code    ? 
_struct_ref_seq.pdbx_auth_seq_align_beg       -1 
_struct_ref_seq.pdbx_auth_seq_align_end       172 
# 
loop_
_struct_ref_seq_dif.align_id 
_struct_ref_seq_dif.pdbx_pdb_id_code 
_struct_ref_seq_dif.mon_id 
_struct_ref_seq_dif.pdbx_pdb_strand_id 
_struct_ref_seq_dif.seq_num 
_struct_ref_seq_dif.pdbx_pdb_ins_code 
_struct_ref_seq_dif.pdbx_seq_db_name 
_struct_ref_seq_dif.pdbx_seq_db_accession_code 
_struct_ref_seq_dif.db_mon_id 
_struct_ref_seq_dif.pdbx_seq_db_seq_num 
_struct_ref_seq_dif.details 
_struct_ref_seq_dif.pdbx_auth_seq_num 
_struct_ref_seq_dif.pdbx_ordinal 
1 3D79 GLY A 1 ? UNP O58465 ? ? 'expression tag' -6 1 
1 3D79 SER A 2 ? UNP O58465 ? ? 'expression tag' -5 2 
1 3D79 HIS A 3 ? UNP O58465 ? ? 'expression tag' -4 3 
1 3D79 MET A 4 ? UNP O58465 ? ? 'expression tag' -3 4 
1 3D79 VAL A 5 ? UNP O58465 ? ? 'expression tag' -2 5 
# 
_pdbx_struct_assembly.id                   1 
_pdbx_struct_assembly.details              author_and_software_defined_assembly 
_pdbx_struct_assembly.method_details       PISA 
_pdbx_struct_assembly.oligomeric_details   monomeric 
_pdbx_struct_assembly.oligomeric_count     1 
# 
_pdbx_struct_assembly_gen.assembly_id       1 
_pdbx_struct_assembly_gen.oper_expression   1 
_pdbx_struct_assembly_gen.asym_id_list      A,B 
# 
_pdbx_struct_oper_list.id                   1 
_pdbx_struct_oper_list.type                 'identity operation' 
_pdbx_struct_oper_list.name                 1_555 
_pdbx_struct_oper_list.symmetry_operation   x,y,z 
_pdbx_struct_oper_list.matrix[1][1]         1.0000000000 
_pdbx_struct_oper_list.matrix[1][2]         0.0000000000 
_pdbx_struct_oper_list.matrix[1][3]         0.0000000000 
_pdbx_struct_oper_list.vector[1]            0.0000000000 
_pdbx_struct_oper_list.matrix[2][1]         0.0000000000 
_pdbx_struct_oper_list.matrix[2][2]         1.0000000000 
_pdbx_struct_oper_list.matrix[2][3]         0.0000000000 
_pdbx_struct_oper_list.vector[2]            0.0000000000 
_pdbx_struct_oper_list.matrix[3][1]         0.0000000000 
_pdbx_struct_oper_list.matrix[3][2]         0.0000000000 
_pdbx_struct_oper_list.matrix[3][3]         1.0000000000 
_pdbx_struct_oper_list.vector[3]            0.0000000000 
# 
_struct_biol.id        1 
_struct_biol.details   ? 
# 
loop_
_struct_conf.conf_type_id 
_struct_conf.id 
_struct_conf.pdbx_PDB_helix_id 
_struct_conf.beg_label_comp_id 
_struct_conf.beg_label_asym_id 
_struct_conf.beg_label_seq_id 
_struct_conf.pdbx_beg_PDB_ins_code 
_struct_conf.end_label_comp_id 
_struct_conf.end_label_asym_id 
_struct_conf.end_label_seq_id 
_struct_conf.pdbx_end_PDB_ins_code 
_struct_conf.beg_auth_comp_id 
_struct_conf.beg_auth_asym_id 
_struct_conf.beg_auth_seq_id 
_struct_conf.end_auth_comp_id 
_struct_conf.end_auth_asym_id 
_struct_conf.end_auth_seq_id 
_struct_conf.pdbx_PDB_helix_class 
_struct_conf.details 
_struct_conf.pdbx_PDB_helix_length 
HELX_P HELX_P1 1 SER A 17  ? GLY A 33  ? SER A 10  GLY A 26  1 ? 17 
HELX_P HELX_P2 2 GLY A 33  ? LEU A 41  ? GLY A 26  LEU A 34  1 ? 9  
HELX_P HELX_P3 3 LEU A 77  ? SER A 85  ? LEU A 70  SER A 78  1 ? 9  
HELX_P HELX_P4 4 ASP A 89  ? TRP A 93  ? ASP A 82  TRP A 86  5 ? 5  
HELX_P HELX_P5 5 ALA A 103 ? ASN A 109 ? ALA A 96  ASN A 102 1 ? 7  
HELX_P HELX_P6 6 SER A 150 ? LYS A 157 ? SER A 143 LYS A 150 1 ? 8  
HELX_P HELX_P7 7 ASP A 171 ? ALA A 178 ? ASP A 164 ALA A 171 1 ? 8  
# 
_struct_conf_type.id          HELX_P 
_struct_conf_type.criteria    ? 
_struct_conf_type.reference   ? 
# 
loop_
_struct_sheet.id 
_struct_sheet.type 
_struct_sheet.number_strands 
_struct_sheet.details 
A ? 5 ? 
B ? 6 ? 
# 
loop_
_struct_sheet_order.sheet_id 
_struct_sheet_order.range_id_1 
_struct_sheet_order.range_id_2 
_struct_sheet_order.offset 
_struct_sheet_order.sense 
A 1 2 ? anti-parallel 
A 2 3 ? anti-parallel 
A 3 4 ? anti-parallel 
A 4 5 ? anti-parallel 
B 1 2 ? anti-parallel 
B 2 3 ? anti-parallel 
B 3 4 ? anti-parallel 
B 4 5 ? parallel      
B 5 6 ? anti-parallel 
# 
loop_
_struct_sheet_range.sheet_id 
_struct_sheet_range.id 
_struct_sheet_range.beg_label_comp_id 
_struct_sheet_range.beg_label_asym_id 
_struct_sheet_range.beg_label_seq_id 
_struct_sheet_range.pdbx_beg_PDB_ins_code 
_struct_sheet_range.end_label_comp_id 
_struct_sheet_range.end_label_asym_id 
_struct_sheet_range.end_label_seq_id 
_struct_sheet_range.pdbx_end_PDB_ins_code 
_struct_sheet_range.beg_auth_comp_id 
_struct_sheet_range.beg_auth_asym_id 
_struct_sheet_range.beg_auth_seq_id 
_struct_sheet_range.end_auth_comp_id 
_struct_sheet_range.end_auth_asym_id 
_struct_sheet_range.end_auth_seq_id 
A 1 HIS A 14  ? PRO A 15  ? HIS A 7   PRO A 8   
A 2 VAL A 47  ? ASP A 53  ? VAL A 40  ASP A 46  
A 3 THR A 56  ? VAL A 61  ? THR A 49  VAL A 54  
A 4 LYS A 64  ? ARG A 70  ? LYS A 57  ARG A 63  
A 5 LEU A 73  ? PRO A 76  ? LEU A 66  PRO A 69  
B 1 VAL A 113 ? MET A 114 ? VAL A 106 MET A 107 
B 2 LYS A 161 ? HIS A 168 ? LYS A 154 HIS A 161 
B 3 PRO A 141 ? ALA A 147 ? PRO A 134 ALA A 140 
B 4 PHE A 130 ? GLU A 135 ? PHE A 123 GLU A 128 
B 5 ARG A 96  ? VAL A 99  ? ARG A 89  VAL A 92  
B 6 ILE A 118 ? ALA A 121 ? ILE A 111 ALA A 114 
# 
loop_
_pdbx_struct_sheet_hbond.sheet_id 
_pdbx_struct_sheet_hbond.range_id_1 
_pdbx_struct_sheet_hbond.range_id_2 
_pdbx_struct_sheet_hbond.range_1_label_atom_id 
_pdbx_struct_sheet_hbond.range_1_label_comp_id 
_pdbx_struct_sheet_hbond.range_1_label_asym_id 
_pdbx_struct_sheet_hbond.range_1_label_seq_id 
_pdbx_struct_sheet_hbond.range_1_PDB_ins_code 
_pdbx_struct_sheet_hbond.range_1_auth_atom_id 
_pdbx_struct_sheet_hbond.range_1_auth_comp_id 
_pdbx_struct_sheet_hbond.range_1_auth_asym_id 
_pdbx_struct_sheet_hbond.range_1_auth_seq_id 
_pdbx_struct_sheet_hbond.range_2_label_atom_id 
_pdbx_struct_sheet_hbond.range_2_label_comp_id 
_pdbx_struct_sheet_hbond.range_2_label_asym_id 
_pdbx_struct_sheet_hbond.range_2_label_seq_id 
_pdbx_struct_sheet_hbond.range_2_PDB_ins_code 
_pdbx_struct_sheet_hbond.range_2_auth_atom_id 
_pdbx_struct_sheet_hbond.range_2_auth_comp_id 
_pdbx_struct_sheet_hbond.range_2_auth_asym_id 
_pdbx_struct_sheet_hbond.range_2_auth_seq_id 
A 1 2 N HIS A 14  ? N HIS A 7   O VAL A 49  ? O VAL A 42  
A 2 3 N ALA A 50  ? N ALA A 43  O ILE A 58  ? O ILE A 51  
A 3 4 N ILE A 59  ? N ILE A 52  O PHE A 67  ? O PHE A 60  
A 4 5 N ILE A 68  ? N ILE A 61  O PHE A 75  ? O PHE A 68  
B 1 2 N VAL A 113 ? N VAL A 106 O ALA A 162 ? O ALA A 155 
B 2 3 O HIS A 167 ? O HIS A 160 N ILE A 144 ? N ILE A 137 
B 3 4 O LEU A 142 ? O LEU A 135 N VAL A 133 ? N VAL A 126 
B 4 5 O VAL A 134 ? O VAL A 127 N VAL A 97  ? N VAL A 90  
B 5 6 N VAL A 98  ? N VAL A 91  O ASP A 120 ? O ASP A 113 
# 
loop_
_pdbx_validate_torsion.id 
_pdbx_validate_torsion.PDB_model_num 
_pdbx_validate_torsion.auth_comp_id 
_pdbx_validate_torsion.auth_asym_id 
_pdbx_validate_torsion.auth_seq_id 
_pdbx_validate_torsion.PDB_ins_code 
_pdbx_validate_torsion.label_alt_id 
_pdbx_validate_torsion.phi 
_pdbx_validate_torsion.psi 
1 1 LYS A 64  ? ? 51.71  -104.41 
2 1 LYS A 130 ? ? -83.45 -74.08  
3 1 ARG A 163 ? ? 82.99  -5.65   
# 
_pdbx_phasing_MR.entry_id                     3D79 
_pdbx_phasing_MR.method_rotation              ? 
_pdbx_phasing_MR.method_translation           ? 
_pdbx_phasing_MR.model_details                ? 
_pdbx_phasing_MR.R_factor                     ? 
_pdbx_phasing_MR.R_rigid_body                 ? 
_pdbx_phasing_MR.correlation_coeff_Fo_to_Fc   ? 
_pdbx_phasing_MR.correlation_coeff_Io_to_Ic   ? 
_pdbx_phasing_MR.d_res_high_rotation          1.750 
_pdbx_phasing_MR.d_res_low_rotation           23.050 
_pdbx_phasing_MR.d_res_high_translation       1.750 
_pdbx_phasing_MR.d_res_low_translation        23.050 
_pdbx_phasing_MR.packing                      ? 
_pdbx_phasing_MR.reflns_percent_rotation      ? 
_pdbx_phasing_MR.reflns_percent_translation   ? 
_pdbx_phasing_MR.sigma_F_rotation             ? 
_pdbx_phasing_MR.sigma_F_translation          ? 
_pdbx_phasing_MR.sigma_I_rotation             ? 
_pdbx_phasing_MR.sigma_I_translation          ? 
# 
_phasing.method   MR 
# 
loop_
_pdbx_unobs_or_zero_occ_residues.id 
_pdbx_unobs_or_zero_occ_residues.PDB_model_num 
_pdbx_unobs_or_zero_occ_residues.polymer_flag 
_pdbx_unobs_or_zero_occ_residues.occupancy_flag 
_pdbx_unobs_or_zero_occ_residues.auth_asym_id 
_pdbx_unobs_or_zero_occ_residues.auth_comp_id 
_pdbx_unobs_or_zero_occ_residues.auth_seq_id 
_pdbx_unobs_or_zero_occ_residues.PDB_ins_code 
_pdbx_unobs_or_zero_occ_residues.label_asym_id 
_pdbx_unobs_or_zero_occ_residues.label_comp_id 
_pdbx_unobs_or_zero_occ_residues.label_seq_id 
1  1 Y 1 A GLY -6  ? A GLY 1   
2  1 Y 1 A SER -5  ? A SER 2   
3  1 Y 1 A HIS -4  ? A HIS 3   
4  1 Y 1 A MET -3  ? A MET 4   
5  1 Y 1 A VAL -2  ? A VAL 5   
6  1 Y 1 A PHE -1  ? A PHE 6   
7  1 Y 1 A ARG 0   ? A ARG 7   
8  1 Y 1 A MET 1   ? A MET 8   
9  1 Y 1 A GLU 2   ? A GLU 9   
10 1 Y 1 A LEU 3   ? A LEU 10  
11 1 Y 1 A LYS 4   ? A LYS 11  
12 1 Y 1 A ARG 172 ? A ARG 179 
# 
loop_
_chem_comp_atom.comp_id 
_chem_comp_atom.atom_id 
_chem_comp_atom.type_symbol 
_chem_comp_atom.pdbx_aromatic_flag 
_chem_comp_atom.pdbx_stereo_config 
_chem_comp_atom.pdbx_ordinal 
ALA N    N N N 1   
ALA CA   C N S 2   
ALA C    C N N 3   
ALA O    O N N 4   
ALA CB   C N N 5   
ALA OXT  O N N 6   
ALA H    H N N 7   
ALA H2   H N N 8   
ALA HA   H N N 9   
ALA HB1  H N N 10  
ALA HB2  H N N 11  
ALA HB3  H N N 12  
ALA HXT  H N N 13  
ARG N    N N N 14  
ARG CA   C N S 15  
ARG C    C N N 16  
ARG O    O N N 17  
ARG CB   C N N 18  
ARG CG   C N N 19  
ARG CD   C N N 20  
ARG NE   N N N 21  
ARG CZ   C N N 22  
ARG NH1  N N N 23  
ARG NH2  N N N 24  
ARG OXT  O N N 25  
ARG H    H N N 26  
ARG H2   H N N 27  
ARG HA   H N N 28  
ARG HB2  H N N 29  
ARG HB3  H N N 30  
ARG HG2  H N N 31  
ARG HG3  H N N 32  
ARG HD2  H N N 33  
ARG HD3  H N N 34  
ARG HE   H N N 35  
ARG HH11 H N N 36  
ARG HH12 H N N 37  
ARG HH21 H N N 38  
ARG HH22 H N N 39  
ARG HXT  H N N 40  
ASN N    N N N 41  
ASN CA   C N S 42  
ASN C    C N N 43  
ASN O    O N N 44  
ASN CB   C N N 45  
ASN CG   C N N 46  
ASN OD1  O N N 47  
ASN ND2  N N N 48  
ASN OXT  O N N 49  
ASN H    H N N 50  
ASN H2   H N N 51  
ASN HA   H N N 52  
ASN HB2  H N N 53  
ASN HB3  H N N 54  
ASN HD21 H N N 55  
ASN HD22 H N N 56  
ASN HXT  H N N 57  
ASP N    N N N 58  
ASP CA   C N S 59  
ASP C    C N N 60  
ASP O    O N N 61  
ASP CB   C N N 62  
ASP CG   C N N 63  
ASP OD1  O N N 64  
ASP OD2  O N N 65  
ASP OXT  O N N 66  
ASP H    H N N 67  
ASP H2   H N N 68  
ASP HA   H N N 69  
ASP HB2  H N N 70  
ASP HB3  H N N 71  
ASP HD2  H N N 72  
ASP HXT  H N N 73  
GLN N    N N N 74  
GLN CA   C N S 75  
GLN C    C N N 76  
GLN O    O N N 77  
GLN CB   C N N 78  
GLN CG   C N N 79  
GLN CD   C N N 80  
GLN OE1  O N N 81  
GLN NE2  N N N 82  
GLN OXT  O N N 83  
GLN H    H N N 84  
GLN H2   H N N 85  
GLN HA   H N N 86  
GLN HB2  H N N 87  
GLN HB3  H N N 88  
GLN HG2  H N N 89  
GLN HG3  H N N 90  
GLN HE21 H N N 91  
GLN HE22 H N N 92  
GLN HXT  H N N 93  
GLU N    N N N 94  
GLU CA   C N S 95  
GLU C    C N N 96  
GLU O    O N N 97  
GLU CB   C N N 98  
GLU CG   C N N 99  
GLU CD   C N N 100 
GLU OE1  O N N 101 
GLU OE2  O N N 102 
GLU OXT  O N N 103 
GLU H    H N N 104 
GLU H2   H N N 105 
GLU HA   H N N 106 
GLU HB2  H N N 107 
GLU HB3  H N N 108 
GLU HG2  H N N 109 
GLU HG3  H N N 110 
GLU HE2  H N N 111 
GLU HXT  H N N 112 
GLY N    N N N 113 
GLY CA   C N N 114 
GLY C    C N N 115 
GLY O    O N N 116 
GLY OXT  O N N 117 
GLY H    H N N 118 
GLY H2   H N N 119 
GLY HA2  H N N 120 
GLY HA3  H N N 121 
GLY HXT  H N N 122 
HIS N    N N N 123 
HIS CA   C N S 124 
HIS C    C N N 125 
HIS O    O N N 126 
HIS CB   C N N 127 
HIS CG   C Y N 128 
HIS ND1  N Y N 129 
HIS CD2  C Y N 130 
HIS CE1  C Y N 131 
HIS NE2  N Y N 132 
HIS OXT  O N N 133 
HIS H    H N N 134 
HIS H2   H N N 135 
HIS HA   H N N 136 
HIS HB2  H N N 137 
HIS HB3  H N N 138 
HIS HD1  H N N 139 
HIS HD2  H N N 140 
HIS HE1  H N N 141 
HIS HE2  H N N 142 
HIS HXT  H N N 143 
HOH O    O N N 144 
HOH H1   H N N 145 
HOH H2   H N N 146 
ILE N    N N N 147 
ILE CA   C N S 148 
ILE C    C N N 149 
ILE O    O N N 150 
ILE CB   C N S 151 
ILE CG1  C N N 152 
ILE CG2  C N N 153 
ILE CD1  C N N 154 
ILE OXT  O N N 155 
ILE H    H N N 156 
ILE H2   H N N 157 
ILE HA   H N N 158 
ILE HB   H N N 159 
ILE HG12 H N N 160 
ILE HG13 H N N 161 
ILE HG21 H N N 162 
ILE HG22 H N N 163 
ILE HG23 H N N 164 
ILE HD11 H N N 165 
ILE HD12 H N N 166 
ILE HD13 H N N 167 
ILE HXT  H N N 168 
LEU N    N N N 169 
LEU CA   C N S 170 
LEU C    C N N 171 
LEU O    O N N 172 
LEU CB   C N N 173 
LEU CG   C N N 174 
LEU CD1  C N N 175 
LEU CD2  C N N 176 
LEU OXT  O N N 177 
LEU H    H N N 178 
LEU H2   H N N 179 
LEU HA   H N N 180 
LEU HB2  H N N 181 
LEU HB3  H N N 182 
LEU HG   H N N 183 
LEU HD11 H N N 184 
LEU HD12 H N N 185 
LEU HD13 H N N 186 
LEU HD21 H N N 187 
LEU HD22 H N N 188 
LEU HD23 H N N 189 
LEU HXT  H N N 190 
LYS N    N N N 191 
LYS CA   C N S 192 
LYS C    C N N 193 
LYS O    O N N 194 
LYS CB   C N N 195 
LYS CG   C N N 196 
LYS CD   C N N 197 
LYS CE   C N N 198 
LYS NZ   N N N 199 
LYS OXT  O N N 200 
LYS H    H N N 201 
LYS H2   H N N 202 
LYS HA   H N N 203 
LYS HB2  H N N 204 
LYS HB3  H N N 205 
LYS HG2  H N N 206 
LYS HG3  H N N 207 
LYS HD2  H N N 208 
LYS HD3  H N N 209 
LYS HE2  H N N 210 
LYS HE3  H N N 211 
LYS HZ1  H N N 212 
LYS HZ2  H N N 213 
LYS HZ3  H N N 214 
LYS HXT  H N N 215 
MET N    N N N 216 
MET CA   C N S 217 
MET C    C N N 218 
MET O    O N N 219 
MET CB   C N N 220 
MET CG   C N N 221 
MET SD   S N N 222 
MET CE   C N N 223 
MET OXT  O N N 224 
MET H    H N N 225 
MET H2   H N N 226 
MET HA   H N N 227 
MET HB2  H N N 228 
MET HB3  H N N 229 
MET HG2  H N N 230 
MET HG3  H N N 231 
MET HE1  H N N 232 
MET HE2  H N N 233 
MET HE3  H N N 234 
MET HXT  H N N 235 
PHE N    N N N 236 
PHE CA   C N S 237 
PHE C    C N N 238 
PHE O    O N N 239 
PHE CB   C N N 240 
PHE CG   C Y N 241 
PHE CD1  C Y N 242 
PHE CD2  C Y N 243 
PHE CE1  C Y N 244 
PHE CE2  C Y N 245 
PHE CZ   C Y N 246 
PHE OXT  O N N 247 
PHE H    H N N 248 
PHE H2   H N N 249 
PHE HA   H N N 250 
PHE HB2  H N N 251 
PHE HB3  H N N 252 
PHE HD1  H N N 253 
PHE HD2  H N N 254 
PHE HE1  H N N 255 
PHE HE2  H N N 256 
PHE HZ   H N N 257 
PHE HXT  H N N 258 
PRO N    N N N 259 
PRO CA   C N S 260 
PRO C    C N N 261 
PRO O    O N N 262 
PRO CB   C N N 263 
PRO CG   C N N 264 
PRO CD   C N N 265 
PRO OXT  O N N 266 
PRO H    H N N 267 
PRO HA   H N N 268 
PRO HB2  H N N 269 
PRO HB3  H N N 270 
PRO HG2  H N N 271 
PRO HG3  H N N 272 
PRO HD2  H N N 273 
PRO HD3  H N N 274 
PRO HXT  H N N 275 
SER N    N N N 276 
SER CA   C N S 277 
SER C    C N N 278 
SER O    O N N 279 
SER CB   C N N 280 
SER OG   O N N 281 
SER OXT  O N N 282 
SER H    H N N 283 
SER H2   H N N 284 
SER HA   H N N 285 
SER HB2  H N N 286 
SER HB3  H N N 287 
SER HG   H N N 288 
SER HXT  H N N 289 
THR N    N N N 290 
THR CA   C N S 291 
THR C    C N N 292 
THR O    O N N 293 
THR CB   C N R 294 
THR OG1  O N N 295 
THR CG2  C N N 296 
THR OXT  O N N 297 
THR H    H N N 298 
THR H2   H N N 299 
THR HA   H N N 300 
THR HB   H N N 301 
THR HG1  H N N 302 
THR HG21 H N N 303 
THR HG22 H N N 304 
THR HG23 H N N 305 
THR HXT  H N N 306 
TRP N    N N N 307 
TRP CA   C N S 308 
TRP C    C N N 309 
TRP O    O N N 310 
TRP CB   C N N 311 
TRP CG   C Y N 312 
TRP CD1  C Y N 313 
TRP CD2  C Y N 314 
TRP NE1  N Y N 315 
TRP CE2  C Y N 316 
TRP CE3  C Y N 317 
TRP CZ2  C Y N 318 
TRP CZ3  C Y N 319 
TRP CH2  C Y N 320 
TRP OXT  O N N 321 
TRP H    H N N 322 
TRP H2   H N N 323 
TRP HA   H N N 324 
TRP HB2  H N N 325 
TRP HB3  H N N 326 
TRP HD1  H N N 327 
TRP HE1  H N N 328 
TRP HE3  H N N 329 
TRP HZ2  H N N 330 
TRP HZ3  H N N 331 
TRP HH2  H N N 332 
TRP HXT  H N N 333 
TYR N    N N N 334 
TYR CA   C N S 335 
TYR C    C N N 336 
TYR O    O N N 337 
TYR CB   C N N 338 
TYR CG   C Y N 339 
TYR CD1  C Y N 340 
TYR CD2  C Y N 341 
TYR CE1  C Y N 342 
TYR CE2  C Y N 343 
TYR CZ   C Y N 344 
TYR OH   O N N 345 
TYR OXT  O N N 346 
TYR H    H N N 347 
TYR H2   H N N 348 
TYR HA   H N N 349 
TYR HB2  H N N 350 
TYR HB3  H N N 351 
TYR HD1  H N N 352 
TYR HD2  H N N 353 
TYR HE1  H N N 354 
TYR HE2  H N N 355 
TYR HH   H N N 356 
TYR HXT  H N N 357 
VAL N    N N N 358 
VAL CA   C N S 359 
VAL C    C N N 360 
VAL O    O N N 361 
VAL CB   C N N 362 
VAL CG1  C N N 363 
VAL CG2  C N N 364 
VAL OXT  O N N 365 
VAL H    H N N 366 
VAL H2   H N N 367 
VAL HA   H N N 368 
VAL HB   H N N 369 
VAL HG11 H N N 370 
VAL HG12 H N N 371 
VAL HG13 H N N 372 
VAL HG21 H N N 373 
VAL HG22 H N N 374 
VAL HG23 H N N 375 
VAL HXT  H N N 376 
# 
loop_
_chem_comp_bond.comp_id 
_chem_comp_bond.atom_id_1 
_chem_comp_bond.atom_id_2 
_chem_comp_bond.value_order 
_chem_comp_bond.pdbx_aromatic_flag 
_chem_comp_bond.pdbx_stereo_config 
_chem_comp_bond.pdbx_ordinal 
ALA N   CA   sing N N 1   
ALA N   H    sing N N 2   
ALA N   H2   sing N N 3   
ALA CA  C    sing N N 4   
ALA CA  CB   sing N N 5   
ALA CA  HA   sing N N 6   
ALA C   O    doub N N 7   
ALA C   OXT  sing N N 8   
ALA CB  HB1  sing N N 9   
ALA CB  HB2  sing N N 10  
ALA CB  HB3  sing N N 11  
ALA OXT HXT  sing N N 12  
ARG N   CA   sing N N 13  
ARG N   H    sing N N 14  
ARG N   H2   sing N N 15  
ARG CA  C    sing N N 16  
ARG CA  CB   sing N N 17  
ARG CA  HA   sing N N 18  
ARG C   O    doub N N 19  
ARG C   OXT  sing N N 20  
ARG CB  CG   sing N N 21  
ARG CB  HB2  sing N N 22  
ARG CB  HB3  sing N N 23  
ARG CG  CD   sing N N 24  
ARG CG  HG2  sing N N 25  
ARG CG  HG3  sing N N 26  
ARG CD  NE   sing N N 27  
ARG CD  HD2  sing N N 28  
ARG CD  HD3  sing N N 29  
ARG NE  CZ   sing N N 30  
ARG NE  HE   sing N N 31  
ARG CZ  NH1  sing N N 32  
ARG CZ  NH2  doub N N 33  
ARG NH1 HH11 sing N N 34  
ARG NH1 HH12 sing N N 35  
ARG NH2 HH21 sing N N 36  
ARG NH2 HH22 sing N N 37  
ARG OXT HXT  sing N N 38  
ASN N   CA   sing N N 39  
ASN N   H    sing N N 40  
ASN N   H2   sing N N 41  
ASN CA  C    sing N N 42  
ASN CA  CB   sing N N 43  
ASN CA  HA   sing N N 44  
ASN C   O    doub N N 45  
ASN C   OXT  sing N N 46  
ASN CB  CG   sing N N 47  
ASN CB  HB2  sing N N 48  
ASN CB  HB3  sing N N 49  
ASN CG  OD1  doub N N 50  
ASN CG  ND2  sing N N 51  
ASN ND2 HD21 sing N N 52  
ASN ND2 HD22 sing N N 53  
ASN OXT HXT  sing N N 54  
ASP N   CA   sing N N 55  
ASP N   H    sing N N 56  
ASP N   H2   sing N N 57  
ASP CA  C    sing N N 58  
ASP CA  CB   sing N N 59  
ASP CA  HA   sing N N 60  
ASP C   O    doub N N 61  
ASP C   OXT  sing N N 62  
ASP CB  CG   sing N N 63  
ASP CB  HB2  sing N N 64  
ASP CB  HB3  sing N N 65  
ASP CG  OD1  doub N N 66  
ASP CG  OD2  sing N N 67  
ASP OD2 HD2  sing N N 68  
ASP OXT HXT  sing N N 69  
GLN N   CA   sing N N 70  
GLN N   H    sing N N 71  
GLN N   H2   sing N N 72  
GLN CA  C    sing N N 73  
GLN CA  CB   sing N N 74  
GLN CA  HA   sing N N 75  
GLN C   O    doub N N 76  
GLN C   OXT  sing N N 77  
GLN CB  CG   sing N N 78  
GLN CB  HB2  sing N N 79  
GLN CB  HB3  sing N N 80  
GLN CG  CD   sing N N 81  
GLN CG  HG2  sing N N 82  
GLN CG  HG3  sing N N 83  
GLN CD  OE1  doub N N 84  
GLN CD  NE2  sing N N 85  
GLN NE2 HE21 sing N N 86  
GLN NE2 HE22 sing N N 87  
GLN OXT HXT  sing N N 88  
GLU N   CA   sing N N 89  
GLU N   H    sing N N 90  
GLU N   H2   sing N N 91  
GLU CA  C    sing N N 92  
GLU CA  CB   sing N N 93  
GLU CA  HA   sing N N 94  
GLU C   O    doub N N 95  
GLU C   OXT  sing N N 96  
GLU CB  CG   sing N N 97  
GLU CB  HB2  sing N N 98  
GLU CB  HB3  sing N N 99  
GLU CG  CD   sing N N 100 
GLU CG  HG2  sing N N 101 
GLU CG  HG3  sing N N 102 
GLU CD  OE1  doub N N 103 
GLU CD  OE2  sing N N 104 
GLU OE2 HE2  sing N N 105 
GLU OXT HXT  sing N N 106 
GLY N   CA   sing N N 107 
GLY N   H    sing N N 108 
GLY N   H2   sing N N 109 
GLY CA  C    sing N N 110 
GLY CA  HA2  sing N N 111 
GLY CA  HA3  sing N N 112 
GLY C   O    doub N N 113 
GLY C   OXT  sing N N 114 
GLY OXT HXT  sing N N 115 
HIS N   CA   sing N N 116 
HIS N   H    sing N N 117 
HIS N   H2   sing N N 118 
HIS CA  C    sing N N 119 
HIS CA  CB   sing N N 120 
HIS CA  HA   sing N N 121 
HIS C   O    doub N N 122 
HIS C   OXT  sing N N 123 
HIS CB  CG   sing N N 124 
HIS CB  HB2  sing N N 125 
HIS CB  HB3  sing N N 126 
HIS CG  ND1  sing Y N 127 
HIS CG  CD2  doub Y N 128 
HIS ND1 CE1  doub Y N 129 
HIS ND1 HD1  sing N N 130 
HIS CD2 NE2  sing Y N 131 
HIS CD2 HD2  sing N N 132 
HIS CE1 NE2  sing Y N 133 
HIS CE1 HE1  sing N N 134 
HIS NE2 HE2  sing N N 135 
HIS OXT HXT  sing N N 136 
HOH O   H1   sing N N 137 
HOH O   H2   sing N N 138 
ILE N   CA   sing N N 139 
ILE N   H    sing N N 140 
ILE N   H2   sing N N 141 
ILE CA  C    sing N N 142 
ILE CA  CB   sing N N 143 
ILE CA  HA   sing N N 144 
ILE C   O    doub N N 145 
ILE C   OXT  sing N N 146 
ILE CB  CG1  sing N N 147 
ILE CB  CG2  sing N N 148 
ILE CB  HB   sing N N 149 
ILE CG1 CD1  sing N N 150 
ILE CG1 HG12 sing N N 151 
ILE CG1 HG13 sing N N 152 
ILE CG2 HG21 sing N N 153 
ILE CG2 HG22 sing N N 154 
ILE CG2 HG23 sing N N 155 
ILE CD1 HD11 sing N N 156 
ILE CD1 HD12 sing N N 157 
ILE CD1 HD13 sing N N 158 
ILE OXT HXT  sing N N 159 
LEU N   CA   sing N N 160 
LEU N   H    sing N N 161 
LEU N   H2   sing N N 162 
LEU CA  C    sing N N 163 
LEU CA  CB   sing N N 164 
LEU CA  HA   sing N N 165 
LEU C   O    doub N N 166 
LEU C   OXT  sing N N 167 
LEU CB  CG   sing N N 168 
LEU CB  HB2  sing N N 169 
LEU CB  HB3  sing N N 170 
LEU CG  CD1  sing N N 171 
LEU CG  CD2  sing N N 172 
LEU CG  HG   sing N N 173 
LEU CD1 HD11 sing N N 174 
LEU CD1 HD12 sing N N 175 
LEU CD1 HD13 sing N N 176 
LEU CD2 HD21 sing N N 177 
LEU CD2 HD22 sing N N 178 
LEU CD2 HD23 sing N N 179 
LEU OXT HXT  sing N N 180 
LYS N   CA   sing N N 181 
LYS N   H    sing N N 182 
LYS N   H2   sing N N 183 
LYS CA  C    sing N N 184 
LYS CA  CB   sing N N 185 
LYS CA  HA   sing N N 186 
LYS C   O    doub N N 187 
LYS C   OXT  sing N N 188 
LYS CB  CG   sing N N 189 
LYS CB  HB2  sing N N 190 
LYS CB  HB3  sing N N 191 
LYS CG  CD   sing N N 192 
LYS CG  HG2  sing N N 193 
LYS CG  HG3  sing N N 194 
LYS CD  CE   sing N N 195 
LYS CD  HD2  sing N N 196 
LYS CD  HD3  sing N N 197 
LYS CE  NZ   sing N N 198 
LYS CE  HE2  sing N N 199 
LYS CE  HE3  sing N N 200 
LYS NZ  HZ1  sing N N 201 
LYS NZ  HZ2  sing N N 202 
LYS NZ  HZ3  sing N N 203 
LYS OXT HXT  sing N N 204 
MET N   CA   sing N N 205 
MET N   H    sing N N 206 
MET N   H2   sing N N 207 
MET CA  C    sing N N 208 
MET CA  CB   sing N N 209 
MET CA  HA   sing N N 210 
MET C   O    doub N N 211 
MET C   OXT  sing N N 212 
MET CB  CG   sing N N 213 
MET CB  HB2  sing N N 214 
MET CB  HB3  sing N N 215 
MET CG  SD   sing N N 216 
MET CG  HG2  sing N N 217 
MET CG  HG3  sing N N 218 
MET SD  CE   sing N N 219 
MET CE  HE1  sing N N 220 
MET CE  HE2  sing N N 221 
MET CE  HE3  sing N N 222 
MET OXT HXT  sing N N 223 
PHE N   CA   sing N N 224 
PHE N   H    sing N N 225 
PHE N   H2   sing N N 226 
PHE CA  C    sing N N 227 
PHE CA  CB   sing N N 228 
PHE CA  HA   sing N N 229 
PHE C   O    doub N N 230 
PHE C   OXT  sing N N 231 
PHE CB  CG   sing N N 232 
PHE CB  HB2  sing N N 233 
PHE CB  HB3  sing N N 234 
PHE CG  CD1  doub Y N 235 
PHE CG  CD2  sing Y N 236 
PHE CD1 CE1  sing Y N 237 
PHE CD1 HD1  sing N N 238 
PHE CD2 CE2  doub Y N 239 
PHE CD2 HD2  sing N N 240 
PHE CE1 CZ   doub Y N 241 
PHE CE1 HE1  sing N N 242 
PHE CE2 CZ   sing Y N 243 
PHE CE2 HE2  sing N N 244 
PHE CZ  HZ   sing N N 245 
PHE OXT HXT  sing N N 246 
PRO N   CA   sing N N 247 
PRO N   CD   sing N N 248 
PRO N   H    sing N N 249 
PRO CA  C    sing N N 250 
PRO CA  CB   sing N N 251 
PRO CA  HA   sing N N 252 
PRO C   O    doub N N 253 
PRO C   OXT  sing N N 254 
PRO CB  CG   sing N N 255 
PRO CB  HB2  sing N N 256 
PRO CB  HB3  sing N N 257 
PRO CG  CD   sing N N 258 
PRO CG  HG2  sing N N 259 
PRO CG  HG3  sing N N 260 
PRO CD  HD2  sing N N 261 
PRO CD  HD3  sing N N 262 
PRO OXT HXT  sing N N 263 
SER N   CA   sing N N 264 
SER N   H    sing N N 265 
SER N   H2   sing N N 266 
SER CA  C    sing N N 267 
SER CA  CB   sing N N 268 
SER CA  HA   sing N N 269 
SER C   O    doub N N 270 
SER C   OXT  sing N N 271 
SER CB  OG   sing N N 272 
SER CB  HB2  sing N N 273 
SER CB  HB3  sing N N 274 
SER OG  HG   sing N N 275 
SER OXT HXT  sing N N 276 
THR N   CA   sing N N 277 
THR N   H    sing N N 278 
THR N   H2   sing N N 279 
THR CA  C    sing N N 280 
THR CA  CB   sing N N 281 
THR CA  HA   sing N N 282 
THR C   O    doub N N 283 
THR C   OXT  sing N N 284 
THR CB  OG1  sing N N 285 
THR CB  CG2  sing N N 286 
THR CB  HB   sing N N 287 
THR OG1 HG1  sing N N 288 
THR CG2 HG21 sing N N 289 
THR CG2 HG22 sing N N 290 
THR CG2 HG23 sing N N 291 
THR OXT HXT  sing N N 292 
TRP N   CA   sing N N 293 
TRP N   H    sing N N 294 
TRP N   H2   sing N N 295 
TRP CA  C    sing N N 296 
TRP CA  CB   sing N N 297 
TRP CA  HA   sing N N 298 
TRP C   O    doub N N 299 
TRP C   OXT  sing N N 300 
TRP CB  CG   sing N N 301 
TRP CB  HB2  sing N N 302 
TRP CB  HB3  sing N N 303 
TRP CG  CD1  doub Y N 304 
TRP CG  CD2  sing Y N 305 
TRP CD1 NE1  sing Y N 306 
TRP CD1 HD1  sing N N 307 
TRP CD2 CE2  doub Y N 308 
TRP CD2 CE3  sing Y N 309 
TRP NE1 CE2  sing Y N 310 
TRP NE1 HE1  sing N N 311 
TRP CE2 CZ2  sing Y N 312 
TRP CE3 CZ3  doub Y N 313 
TRP CE3 HE3  sing N N 314 
TRP CZ2 CH2  doub Y N 315 
TRP CZ2 HZ2  sing N N 316 
TRP CZ3 CH2  sing Y N 317 
TRP CZ3 HZ3  sing N N 318 
TRP CH2 HH2  sing N N 319 
TRP OXT HXT  sing N N 320 
TYR N   CA   sing N N 321 
TYR N   H    sing N N 322 
TYR N   H2   sing N N 323 
TYR CA  C    sing N N 324 
TYR CA  CB   sing N N 325 
TYR CA  HA   sing N N 326 
TYR C   O    doub N N 327 
TYR C   OXT  sing N N 328 
TYR CB  CG   sing N N 329 
TYR CB  HB2  sing N N 330 
TYR CB  HB3  sing N N 331 
TYR CG  CD1  doub Y N 332 
TYR CG  CD2  sing Y N 333 
TYR CD1 CE1  sing Y N 334 
TYR CD1 HD1  sing N N 335 
TYR CD2 CE2  doub Y N 336 
TYR CD2 HD2  sing N N 337 
TYR CE1 CZ   doub Y N 338 
TYR CE1 HE1  sing N N 339 
TYR CE2 CZ   sing Y N 340 
TYR CE2 HE2  sing N N 341 
TYR CZ  OH   sing N N 342 
TYR OH  HH   sing N N 343 
TYR OXT HXT  sing N N 344 
VAL N   CA   sing N N 345 
VAL N   H    sing N N 346 
VAL N   H2   sing N N 347 
VAL CA  C    sing N N 348 
VAL CA  CB   sing N N 349 
VAL CA  HA   sing N N 350 
VAL C   O    doub N N 351 
VAL C   OXT  sing N N 352 
VAL CB  CG1  sing N N 353 
VAL CB  CG2  sing N N 354 
VAL CB  HB   sing N N 355 
VAL CG1 HG11 sing N N 356 
VAL CG1 HG12 sing N N 357 
VAL CG1 HG13 sing N N 358 
VAL CG2 HG21 sing N N 359 
VAL CG2 HG22 sing N N 360 
VAL CG2 HG23 sing N N 361 
VAL OXT HXT  sing N N 362 
# 
_atom_sites.entry_id                    3D79 
_atom_sites.fract_transf_matrix[1][1]   0.00723838 
_atom_sites.fract_transf_matrix[1][2]   -0.00181125 
_atom_sites.fract_transf_matrix[1][3]   0.02050396 
_atom_sites.fract_transf_matrix[2][1]   -0.01321044 
_atom_sites.fract_transf_matrix[2][2]   -0.00762981 
_atom_sites.fract_transf_matrix[2][3]   0.01559933 
_atom_sites.fract_transf_matrix[3][1]   0.00233216 
_atom_sites.fract_transf_matrix[3][2]   -0.00698227 
_atom_sites.fract_transf_matrix[3][3]   -0.00144010 
_atom_sites.fract_transf_vector[1]      0.177641 
_atom_sites.fract_transf_vector[2]      0.675166 
_atom_sites.fract_transf_vector[3]      0.081974 
# 
loop_
_atom_type.symbol 
C 
N 
O 
S 
# 
loop_
_atom_site.group_PDB 
_atom_site.id 
_atom_site.type_symbol 
_atom_site.label_atom_id 
_atom_site.label_alt_id 
_atom_site.label_comp_id 
_atom_site.label_asym_id 
_atom_site.label_entity_id 
_atom_site.label_seq_id 
_atom_site.pdbx_PDB_ins_code 
_atom_site.Cartn_x 
_atom_site.Cartn_y 
_atom_site.Cartn_z 
_atom_site.occupancy 
_atom_site.B_iso_or_equiv 
_atom_site.pdbx_formal_charge 
_atom_site.auth_seq_id 
_atom_site.auth_comp_id 
_atom_site.auth_asym_id 
_atom_site.auth_atom_id 
_atom_site.pdbx_PDB_model_num 
ATOM   1    N N   . ILE A 1 12  ? -7.772  -16.704 -13.760 1.00 35.99 ? 5   ILE A N   1 
ATOM   2    C CA  . ILE A 1 12  ? -7.481  -17.993 -13.061 1.00 35.97 ? 5   ILE A CA  1 
ATOM   3    C C   . ILE A 1 12  ? -6.338  -17.865 -12.052 1.00 35.57 ? 5   ILE A C   1 
ATOM   4    O O   . ILE A 1 12  ? -5.356  -17.156 -12.292 1.00 35.55 ? 5   ILE A O   1 
ATOM   5    C CB  . ILE A 1 12  ? -7.203  -19.181 -14.049 1.00 36.21 ? 5   ILE A CB  1 
ATOM   6    C CG1 . ILE A 1 12  ? -6.079  -18.856 -15.060 1.00 36.63 ? 5   ILE A CG1 1 
ATOM   7    C CG2 . ILE A 1 12  ? -8.515  -19.670 -14.703 1.00 36.80 ? 5   ILE A CG2 1 
ATOM   8    C CD1 . ILE A 1 12  ? -6.475  -17.972 -16.260 1.00 37.69 ? 5   ILE A CD1 1 
ATOM   9    N N   . LYS A 1 13  ? -6.476  -18.563 -10.928 1.00 34.91 ? 6   LYS A N   1 
ATOM   10   C CA  . LYS A 1 13  ? -5.485  -18.505 -9.858  1.00 34.25 ? 6   LYS A CA  1 
ATOM   11   C C   . LYS A 1 13  ? -4.445  -19.619 -9.978  1.00 33.49 ? 6   LYS A C   1 
ATOM   12   O O   . LYS A 1 13  ? -4.790  -20.801 -10.045 1.00 33.85 ? 6   LYS A O   1 
ATOM   13   C CB  . LYS A 1 13  ? -6.169  -18.552 -8.490  1.00 34.50 ? 6   LYS A CB  1 
ATOM   14   C CG  . LYS A 1 13  ? -7.058  -17.346 -8.194  1.00 35.32 ? 6   LYS A CG  1 
ATOM   15   C CD  . LYS A 1 13  ? -7.439  -17.270 -6.719  1.00 36.96 ? 6   LYS A CD  1 
ATOM   16   C CE  . LYS A 1 13  ? -8.411  -18.370 -6.306  1.00 38.55 ? 6   LYS A CE  1 
ATOM   17   N NZ  . LYS A 1 13  ? -9.720  -18.275 -7.015  1.00 38.99 ? 6   LYS A NZ  1 
ATOM   18   N N   . HIS A 1 14  ? -3.174  -19.223 -10.013 1.00 32.26 ? 7   HIS A N   1 
ATOM   19   C CA  . HIS A 1 14  ? -2.051  -20.152 -10.100 1.00 31.06 ? 7   HIS A CA  1 
ATOM   20   C C   . HIS A 1 14  ? -1.293  -20.154 -8.776  1.00 29.74 ? 7   HIS A C   1 
ATOM   21   O O   . HIS A 1 14  ? -1.121  -19.094 -8.173  1.00 29.50 ? 7   HIS A O   1 
ATOM   22   C CB  . HIS A 1 14  ? -1.107  -19.737 -11.228 1.00 31.38 ? 7   HIS A CB  1 
ATOM   23   C CG  . HIS A 1 14  ? -1.732  -19.783 -12.588 1.00 32.63 ? 7   HIS A CG  1 
ATOM   24   N ND1 . HIS A 1 14  ? -1.866  -20.952 -13.306 1.00 33.81 ? 7   HIS A ND1 1 
ATOM   25   C CD2 . HIS A 1 14  ? -2.256  -18.803 -13.363 1.00 33.48 ? 7   HIS A CD2 1 
ATOM   26   C CE1 . HIS A 1 14  ? -2.445  -20.691 -14.465 1.00 33.84 ? 7   HIS A CE1 1 
ATOM   27   N NE2 . HIS A 1 14  ? -2.690  -19.393 -14.526 1.00 34.00 ? 7   HIS A NE2 1 
ATOM   28   N N   . PRO A 1 15  ? -0.829  -21.334 -8.320  1.00 28.38 ? 8   PRO A N   1 
ATOM   29   C CA  . PRO A 1 15  ? -0.109  -21.381 -7.048  1.00 27.16 ? 8   PRO A CA  1 
ATOM   30   C C   . PRO A 1 15  ? 1.223   -20.636 -7.101  1.00 25.89 ? 8   PRO A C   1 
ATOM   31   O O   . PRO A 1 15  ? 1.929   -20.688 -8.112  1.00 25.66 ? 8   PRO A O   1 
ATOM   32   C CB  . PRO A 1 15  ? 0.124   -22.883 -6.828  1.00 27.47 ? 8   PRO A CB  1 
ATOM   33   C CG  . PRO A 1 15  ? 0.075   -23.479 -8.189  1.00 27.96 ? 8   PRO A CG  1 
ATOM   34   C CD  . PRO A 1 15  ? -0.946  -22.671 -8.934  1.00 28.40 ? 8   PRO A CD  1 
ATOM   35   N N   . LEU A 1 16  ? 1.551   -19.940 -6.016  1.00 24.16 ? 9   LEU A N   1 
ATOM   36   C CA  . LEU A 1 16  ? 2.834   -19.269 -5.911  1.00 22.92 ? 9   LEU A CA  1 
ATOM   37   C C   . LEU A 1 16  ? 3.844   -20.222 -5.291  1.00 21.78 ? 9   LEU A C   1 
ATOM   38   O O   . LEU A 1 16  ? 3.531   -20.911 -4.316  1.00 21.38 ? 9   LEU A O   1 
ATOM   39   C CB  . LEU A 1 16  ? 2.712   -18.009 -5.050  1.00 23.19 ? 9   LEU A CB  1 
ATOM   40   C CG  . LEU A 1 16  ? 3.624   -16.845 -5.421  1.00 24.22 ? 9   LEU A CG  1 
ATOM   41   C CD1 . LEU A 1 16  ? 3.039   -16.091 -6.606  1.00 25.36 ? 9   LEU A CD1 1 
ATOM   42   C CD2 . LEU A 1 16  ? 3.798   -15.915 -4.237  1.00 25.14 ? 9   LEU A CD2 1 
ATOM   43   N N   . SER A 1 17  ? 5.050   -20.251 -5.858  1.00 20.55 ? 10  SER A N   1 
ATOM   44   C CA  . SER A 1 17  ? 6.133   -21.099 -5.351  1.00 19.49 ? 10  SER A CA  1 
ATOM   45   C C   . SER A 1 17  ? 6.590   -20.658 -3.962  1.00 18.58 ? 10  SER A C   1 
ATOM   46   O O   . SER A 1 17  ? 6.443   -19.493 -3.591  1.00 17.95 ? 10  SER A O   1 
ATOM   47   C CB  . SER A 1 17  ? 7.328   -21.085 -6.313  1.00 19.84 ? 10  SER A CB  1 
ATOM   48   O OG  . SER A 1 17  ? 8.008   -19.843 -6.263  1.00 20.21 ? 10  SER A OG  1 
ATOM   49   N N   . LYS A 1 18  ? 7.143   -21.604 -3.207  1.00 17.77 ? 11  LYS A N   1 
ATOM   50   C CA  . LYS A 1 18  ? 7.730   -21.338 -1.894  1.00 17.15 ? 11  LYS A CA  1 
ATOM   51   C C   . LYS A 1 18  ? 8.812   -20.254 -1.962  1.00 17.54 ? 11  LYS A C   1 
ATOM   52   O O   . LYS A 1 18  ? 8.890   -19.393 -1.087  1.00 17.08 ? 11  LYS A O   1 
ATOM   53   C CB  . LYS A 1 18  ? 8.302   -22.634 -1.321  1.00 17.04 ? 11  LYS A CB  1 
ATOM   54   C CG  . LYS A 1 18  ? 9.125   -22.489 -0.052  1.00 16.21 ? 11  LYS A CG  1 
ATOM   55   C CD  . LYS A 1 18  ? 9.323   -23.831 0.642   1.00 15.74 ? 11  LYS A CD  1 
ATOM   56   C CE  . LYS A 1 18  ? 9.901   -24.882 -0.283  1.00 14.03 ? 11  LYS A CE  1 
ATOM   57   N NZ  . LYS A 1 18  ? 9.915   -26.227 0.382   1.00 13.47 ? 11  LYS A NZ  1 
ATOM   58   N N   . LYS A 1 19  ? 9.646   -20.310 -3.002  1.00 17.95 ? 12  LYS A N   1 
ATOM   59   C CA  . LYS A 1 19  ? 10.668  -19.288 -3.221  1.00 18.57 ? 12  LYS A CA  1 
ATOM   60   C C   . LYS A 1 19  ? 10.030  -17.898 -3.325  1.00 18.16 ? 12  LYS A C   1 
ATOM   61   O O   . LYS A 1 19  ? 10.491  -16.942 -2.688  1.00 18.33 ? 12  LYS A O   1 
ATOM   62   C CB  . LYS A 1 19  ? 11.484  -19.623 -4.477  1.00 19.28 ? 12  LYS A CB  1 
ATOM   63   C CG  . LYS A 1 19  ? 12.508  -18.562 -4.881  1.00 22.01 ? 12  LYS A CG  1 
ATOM   64   C CD  . LYS A 1 19  ? 13.029  -18.841 -6.290  1.00 25.17 ? 12  LYS A CD  1 
ATOM   65   C CE  . LYS A 1 19  ? 13.853  -17.674 -6.822  1.00 27.82 ? 12  LYS A CE  1 
ATOM   66   N NZ  . LYS A 1 19  ? 15.150  -17.523 -6.101  1.00 30.19 ? 12  LYS A NZ  1 
ATOM   67   N N   . ASP A 1 20  ? 8.957   -17.794 -4.105  1.00 17.84 ? 13  ASP A N   1 
ATOM   68   C CA  . ASP A 1 20  ? 8.252   -16.525 -4.259  1.00 18.20 ? 13  ASP A CA  1 
ATOM   69   C C   . ASP A 1 20  ? 7.573   -16.067 -2.969  1.00 17.52 ? 13  ASP A C   1 
ATOM   70   O O   . ASP A 1 20  ? 7.606   -14.882 -2.638  1.00 17.41 ? 13  ASP A O   1 
ATOM   71   C CB  . ASP A 1 20  ? 7.265   -16.581 -5.425  1.00 18.73 ? 13  ASP A CB  1 
ATOM   72   C CG  . ASP A 1 20  ? 7.961   -16.600 -6.788  1.00 21.46 ? 13  ASP A CG  1 
ATOM   73   O OD1 . ASP A 1 20  ? 9.207   -16.563 -6.840  1.00 23.75 ? 13  ASP A OD1 1 
ATOM   74   O OD2 . ASP A 1 20  ? 7.245   -16.646 -7.811  1.00 24.87 ? 13  ASP A OD2 1 
ATOM   75   N N   . VAL A 1 21  ? 6.977   -17.008 -2.232  1.00 16.89 ? 14  VAL A N   1 
ATOM   76   C CA  . VAL A 1 21  ? 6.363   -16.692 -0.936  1.00 16.13 ? 14  VAL A CA  1 
ATOM   77   C C   . VAL A 1 21  ? 7.403   -16.090 0.014   1.00 15.92 ? 14  VAL A C   1 
ATOM   78   O O   . VAL A 1 21  ? 7.161   -15.063 0.651   1.00 15.48 ? 14  VAL A O   1 
ATOM   79   C CB  . VAL A 1 21  ? 5.680   -17.939 -0.298  1.00 15.97 ? 14  VAL A CB  1 
ATOM   80   C CG1 . VAL A 1 21  ? 5.214   -17.646 1.125   1.00 16.25 ? 14  VAL A CG1 1 
ATOM   81   C CG2 . VAL A 1 21  ? 4.507   -18.405 -1.158  1.00 16.38 ? 14  VAL A CG2 1 
ATOM   82   N N   . LYS A 1 22  ? 8.571   -16.720 0.086   1.00 15.97 ? 15  LYS A N   1 
ATOM   83   C CA  . LYS A 1 22  ? 9.632   -16.246 0.963   1.00 16.05 ? 15  LYS A CA  1 
ATOM   84   C C   . LYS A 1 22  ? 10.113  -14.852 0.566   1.00 16.34 ? 15  LYS A C   1 
ATOM   85   O O   . LYS A 1 22  ? 10.408  -14.026 1.430   1.00 16.08 ? 15  LYS A O   1 
ATOM   86   C CB  . LYS A 1 22  ? 10.782  -17.247 1.005   1.00 16.12 ? 15  LYS A CB  1 
ATOM   87   C CG  . LYS A 1 22  ? 10.424  -18.512 1.768   1.00 16.77 ? 15  LYS A CG  1 
ATOM   88   C CD  . LYS A 1 22  ? 11.598  -19.470 1.841   1.00 17.78 ? 15  LYS A CD  1 
ATOM   89   C CE  . LYS A 1 22  ? 11.232  -20.715 2.646   1.00 19.20 ? 15  LYS A CE  1 
ATOM   90   N NZ  . LYS A 1 22  ? 12.393  -21.659 2.693   1.00 20.16 ? 15  LYS A NZ  1 
ATOM   91   N N   . GLU A 1 23  ? 10.178  -14.590 -0.735  1.00 16.62 ? 16  GLU A N   1 
ATOM   92   C CA  . GLU A 1 23  ? 10.595  -13.267 -1.207  1.00 17.40 ? 16  GLU A CA  1 
ATOM   93   C C   . GLU A 1 23  ? 9.561   -12.191 -0.861  1.00 16.72 ? 16  GLU A C   1 
ATOM   94   O O   . GLU A 1 23  ? 9.935   -11.065 -0.531  1.00 16.78 ? 16  GLU A O   1 
ATOM   95   C CB  . GLU A 1 23  ? 10.927  -13.284 -2.705  1.00 18.21 ? 16  GLU A CB  1 
ATOM   96   C CG  . GLU A 1 23  ? 11.553  -11.985 -3.268  1.00 21.89 ? 16  GLU A CG  1 
ATOM   97   C CD  . GLU A 1 23  ? 12.678  -11.376 -2.417  1.00 25.60 ? 16  GLU A CD  1 
ATOM   98   O OE1 . GLU A 1 23  ? 13.563  -12.106 -1.896  1.00 27.02 ? 16  GLU A OE1 1 
ATOM   99   O OE2 . GLU A 1 23  ? 12.692  -10.132 -2.298  1.00 26.54 ? 16  GLU A OE2 1 
ATOM   100  N N   . ILE A 1 24  ? 8.273   -12.531 -0.917  1.00 16.00 ? 17  ILE A N   1 
ATOM   101  C CA  . ILE A 1 24  ? 7.230   -11.589 -0.495  1.00 15.57 ? 17  ILE A CA  1 
ATOM   102  C C   . ILE A 1 24  ? 7.395   -11.274 0.992   1.00 15.24 ? 17  ILE A C   1 
ATOM   103  O O   . ILE A 1 24  ? 7.381   -10.112 1.392   1.00 14.77 ? 17  ILE A O   1 
ATOM   104  C CB  . ILE A 1 24  ? 5.795   -12.091 -0.826  1.00 15.74 ? 17  ILE A CB  1 
ATOM   105  C CG1 . ILE A 1 24  ? 5.585   -12.141 -2.346  1.00 16.12 ? 17  ILE A CG1 1 
ATOM   106  C CG2 . ILE A 1 24  ? 4.740   -11.190 -0.159  1.00 16.72 ? 17  ILE A CG2 1 
ATOM   107  C CD1 . ILE A 1 24  ? 4.268   -12.784 -2.784  1.00 15.39 ? 17  ILE A CD1 1 
ATOM   108  N N   . ILE A 1 25  ? 7.585   -12.310 1.808   1.00 14.85 ? 18  ILE A N   1 
ATOM   109  C CA  . ILE A 1 25  ? 7.817   -12.116 3.240   1.00 14.67 ? 18  ILE A CA  1 
ATOM   110  C C   . ILE A 1 25  ? 9.014   -11.192 3.487   1.00 14.69 ? 18  ILE A C   1 
ATOM   111  O O   . ILE A 1 25  ? 8.942   -10.277 4.314   1.00 14.29 ? 18  ILE A O   1 
ATOM   112  C CB  . ILE A 1 25  ? 8.009   -13.463 3.963   1.00 14.77 ? 18  ILE A CB  1 
ATOM   113  C CG1 . ILE A 1 25  ? 6.699   -14.253 3.939   1.00 15.03 ? 18  ILE A CG1 1 
ATOM   114  C CG2 . ILE A 1 25  ? 8.495   -13.252 5.404   1.00 15.69 ? 18  ILE A CG2 1 
ATOM   115  C CD1 . ILE A 1 25  ? 6.854   -15.710 4.374   1.00 15.59 ? 18  ILE A CD1 1 
ATOM   116  N N   . ALA A 1 26  ? 10.102  -11.434 2.758   1.00 14.82 ? 19  ALA A N   1 
ATOM   117  C CA  . ALA A 1 26  ? 11.305  -10.611 2.865   1.00 15.29 ? 19  ALA A CA  1 
ATOM   118  C C   . ALA A 1 26  ? 11.004  -9.139  2.558   1.00 15.46 ? 19  ALA A C   1 
ATOM   119  O O   . ALA A 1 26  ? 11.400  -8.247  3.311   1.00 15.91 ? 19  ALA A O   1 
ATOM   120  C CB  . ALA A 1 26  ? 12.379  -11.145 1.944   1.00 15.28 ? 19  ALA A CB  1 
ATOM   121  N N   . GLN A 1 27  ? 10.274  -8.902  1.473   1.00 15.84 ? 20  GLN A N   1 
ATOM   122  C CA  . GLN A 1 27  ? 9.900   -7.544  1.071   1.00 16.55 ? 20  GLN A CA  1 
ATOM   123  C C   . GLN A 1 27  ? 9.036   -6.856  2.128   1.00 16.50 ? 20  GLN A C   1 
ATOM   124  O O   . GLN A 1 27  ? 9.308   -5.723  2.514   1.00 16.93 ? 20  GLN A O   1 
ATOM   125  C CB  . GLN A 1 27  ? 9.186   -7.551  -0.282  1.00 16.66 ? 20  GLN A CB  1 
ATOM   126  C CG  . GLN A 1 27  ? 10.095  -7.830  -1.472  1.00 17.59 ? 20  GLN A CG  1 
ATOM   127  C CD  . GLN A 1 27  ? 9.346   -7.841  -2.795  1.00 17.75 ? 20  GLN A CD  1 
ATOM   128  O OE1 . GLN A 1 27  ? 8.511   -6.974  -3.061  1.00 18.35 ? 20  GLN A OE1 1 
ATOM   129  N NE2 . GLN A 1 27  ? 9.651   -8.823  -3.640  1.00 21.13 ? 20  GLN A NE2 1 
ATOM   130  N N   . LEU A 1 28  ? 8.009   -7.555  2.609   1.00 16.58 ? 21  LEU A N   1 
ATOM   131  C CA  . LEU A 1 28  ? 7.117   -7.010  3.631   1.00 16.63 ? 21  LEU A CA  1 
ATOM   132  C C   . LEU A 1 28  ? 7.865   -6.706  4.925   1.00 17.08 ? 21  LEU A C   1 
ATOM   133  O O   . LEU A 1 28  ? 7.639   -5.675  5.558   1.00 17.32 ? 21  LEU A O   1 
ATOM   134  C CB  . LEU A 1 28  ? 5.969   -7.982  3.911   1.00 16.45 ? 21  LEU A CB  1 
ATOM   135  C CG  . LEU A 1 28  ? 4.943   -8.214  2.797   1.00 15.54 ? 21  LEU A CG  1 
ATOM   136  C CD1 . LEU A 1 28  ? 4.071   -9.395  3.159   1.00 15.57 ? 21  LEU A CD1 1 
ATOM   137  C CD2 . LEU A 1 28  ? 4.087   -6.966  2.545   1.00 16.21 ? 21  LEU A CD2 1 
ATOM   138  N N   . SER A 1 29  ? 8.771   -7.603  5.305   1.00 17.27 ? 22  SER A N   1 
ATOM   139  C CA  . SER A 1 29  ? 9.553   -7.426  6.527   1.00 17.99 ? 22  SER A CA  1 
ATOM   140  C C   . SER A 1 29  ? 10.449  -6.193  6.462   1.00 17.74 ? 22  SER A C   1 
ATOM   141  O O   . SER A 1 29  ? 10.594  -5.474  7.452   1.00 17.91 ? 22  SER A O   1 
ATOM   142  C CB  . SER A 1 29  ? 10.375  -8.683  6.831   1.00 17.83 ? 22  SER A CB  1 
ATOM   143  O OG  . SER A 1 29  ? 9.513   -9.776  7.127   1.00 20.20 ? 22  SER A OG  1 
ATOM   144  N N   . GLN A 1 30  ? 11.034  -5.943  5.296   1.00 18.14 ? 23  GLN A N   1 
ATOM   145  C CA  . GLN A 1 30  ? 11.865  -4.757  5.120   1.00 18.45 ? 23  GLN A CA  1 
ATOM   146  C C   . GLN A 1 30  ? 11.026  -3.483  5.217   1.00 18.34 ? 23  GLN A C   1 
ATOM   147  O O   . GLN A 1 30  ? 11.429  -2.512  5.862   1.00 18.62 ? 23  GLN A O   1 
ATOM   148  C CB  . GLN A 1 30  ? 12.606  -4.794  3.788   1.00 18.77 ? 23  GLN A CB  1 
ATOM   149  C CG  . GLN A 1 30  ? 13.598  -3.646  3.636   1.00 21.08 ? 23  GLN A CG  1 
ATOM   150  C CD  . GLN A 1 30  ? 14.232  -3.608  2.266   1.00 23.72 ? 23  GLN A CD  1 
ATOM   151  O OE1 . GLN A 1 30  ? 13.550  -3.418  1.261   1.00 25.82 ? 23  GLN A OE1 1 
ATOM   152  N NE2 . GLN A 1 30  ? 15.552  -3.774  2.219   1.00 25.28 ? 23  GLN A NE2 1 
ATOM   153  N N   . MET A 1 31  ? 9.858   -3.506  4.584   1.00 17.55 ? 24  MET A N   1 
ATOM   154  C CA  . MET A 1 31  ? 8.990   -2.331  4.518   1.00 17.42 ? 24  MET A CA  1 
ATOM   155  C C   . MET A 1 31  ? 8.294   -2.022  5.840   1.00 17.48 ? 24  MET A C   1 
ATOM   156  O O   . MET A 1 31  ? 8.273   -0.868  6.277   1.00 18.06 ? 24  MET A O   1 
ATOM   157  C CB  . MET A 1 31  ? 7.953   -2.504  3.412   1.00 17.07 ? 24  MET A CB  1 
ATOM   158  C CG  . MET A 1 31  ? 8.551   -2.567  2.012   1.00 16.99 ? 24  MET A CG  1 
ATOM   159  S SD  . MET A 1 31  ? 7.297   -2.508  0.724   1.00 16.84 ? 24  MET A SD  1 
ATOM   160  C CE  . MET A 1 31  ? 6.523   -4.123  0.893   1.00 16.51 ? 24  MET A CE  1 
ATOM   161  N N   . PHE A 1 32  ? 7.733   -3.051  6.479   1.00 17.65 ? 25  PHE A N   1 
ATOM   162  C CA  . PHE A 1 32  ? 6.853   -2.856  7.642   1.00 18.15 ? 25  PHE A CA  1 
ATOM   163  C C   . PHE A 1 32  ? 7.418   -3.344  8.970   1.00 19.16 ? 25  PHE A C   1 
ATOM   164  O O   . PHE A 1 32  ? 6.837   -3.087  10.029  1.00 19.07 ? 25  PHE A O   1 
ATOM   165  C CB  . PHE A 1 32  ? 5.514   -3.542  7.397   1.00 17.85 ? 25  PHE A CB  1 
ATOM   166  C CG  . PHE A 1 32  ? 4.757   -2.974  6.240   1.00 17.26 ? 25  PHE A CG  1 
ATOM   167  C CD1 . PHE A 1 32  ? 4.142   -1.730  6.341   1.00 17.67 ? 25  PHE A CD1 1 
ATOM   168  C CD2 . PHE A 1 32  ? 4.659   -3.680  5.045   1.00 17.84 ? 25  PHE A CD2 1 
ATOM   169  C CE1 . PHE A 1 32  ? 3.439   -1.191  5.267   1.00 17.08 ? 25  PHE A CE1 1 
ATOM   170  C CE2 . PHE A 1 32  ? 3.954   -3.155  3.970   1.00 17.70 ? 25  PHE A CE2 1 
ATOM   171  C CZ  . PHE A 1 32  ? 3.348   -1.905  4.079   1.00 16.92 ? 25  PHE A CZ  1 
ATOM   172  N N   . GLY A 1 33  ? 8.536   -4.055  8.907   1.00 20.12 ? 26  GLY A N   1 
ATOM   173  C CA  . GLY A 1 33  ? 9.059   -4.735  10.079  1.00 21.73 ? 26  GLY A CA  1 
ATOM   174  C C   . GLY A 1 33  ? 8.461   -6.122  10.161  1.00 22.98 ? 26  GLY A C   1 
ATOM   175  O O   . GLY A 1 33  ? 7.355   -6.368  9.670   1.00 22.70 ? 26  GLY A O   1 
ATOM   176  N N   . GLU A 1 34  ? 9.195   -7.028  10.798  1.00 24.25 ? 27  GLU A N   1 
ATOM   177  C CA  . GLU A 1 34  ? 8.813   -8.435  10.853  1.00 25.88 ? 27  GLU A CA  1 
ATOM   178  C C   . GLU A 1 34  ? 7.455   -8.661  11.530  1.00 26.15 ? 27  GLU A C   1 
ATOM   179  O O   . GLU A 1 34  ? 6.710   -9.552  11.127  1.00 26.59 ? 27  GLU A O   1 
ATOM   180  C CB  . GLU A 1 34  ? 9.935   -9.258  11.516  1.00 26.28 ? 27  GLU A CB  1 
ATOM   181  C CG  . GLU A 1 34  ? 9.812   -10.775 11.360  1.00 28.83 ? 27  GLU A CG  1 
ATOM   182  C CD  . GLU A 1 34  ? 8.885   -11.395 12.391  1.00 31.56 ? 27  GLU A CD  1 
ATOM   183  O OE1 . GLU A 1 34  ? 8.769   -10.831 13.503  1.00 32.83 ? 27  GLU A OE1 1 
ATOM   184  O OE2 . GLU A 1 34  ? 8.271   -12.443 12.094  1.00 33.20 ? 27  GLU A OE2 1 
ATOM   185  N N   . GLU A 1 35  ? 7.124   -7.845  12.528  1.00 26.84 ? 28  GLU A N   1 
ATOM   186  C CA  . GLU A 1 35  ? 5.866   -8.000  13.267  1.00 27.39 ? 28  GLU A CA  1 
ATOM   187  C C   . GLU A 1 35  ? 4.623   -7.786  12.394  1.00 27.13 ? 28  GLU A C   1 
ATOM   188  O O   . GLU A 1 35  ? 3.743   -8.652  12.339  1.00 27.50 ? 28  GLU A O   1 
ATOM   189  C CB  . GLU A 1 35  ? 5.833   -7.100  14.507  1.00 27.94 ? 28  GLU A CB  1 
ATOM   190  C CG  . GLU A 1 35  ? 4.552   -7.231  15.332  1.00 30.33 ? 28  GLU A CG  1 
ATOM   191  C CD  . GLU A 1 35  ? 4.728   -6.811  16.779  1.00 33.68 ? 28  GLU A CD  1 
ATOM   192  O OE1 . GLU A 1 35  ? 5.580   -7.406  17.476  1.00 35.95 ? 28  GLU A OE1 1 
ATOM   193  O OE2 . GLU A 1 35  ? 3.999   -5.899  17.226  1.00 35.00 ? 28  GLU A OE2 1 
ATOM   194  N N   . ILE A 1 36  ? 4.555   -6.640  11.720  1.00 26.38 ? 29  ILE A N   1 
ATOM   195  C CA  . ILE A 1 36  ? 3.434   -6.335  10.828  1.00 25.63 ? 29  ILE A CA  1 
ATOM   196  C C   . ILE A 1 36  ? 3.386   -7.322  9.661   1.00 25.21 ? 29  ILE A C   1 
ATOM   197  O O   . ILE A 1 36  ? 2.319   -7.853  9.331   1.00 25.05 ? 29  ILE A O   1 
ATOM   198  C CB  . ILE A 1 36  ? 3.489   -4.870  10.323  1.00 25.48 ? 29  ILE A CB  1 
ATOM   199  C CG1 . ILE A 1 36  ? 3.118   -3.911  11.459  1.00 25.51 ? 29  ILE A CG1 1 
ATOM   200  C CG2 . ILE A 1 36  ? 2.557   -4.674  9.132   1.00 25.51 ? 29  ILE A CG2 1 
ATOM   201  C CD1 . ILE A 1 36  ? 3.430   -2.438  11.185  1.00 25.47 ? 29  ILE A CD1 1 
ATOM   202  N N   . ALA A 1 37  ? 4.548   -7.575  9.061   1.00 24.74 ? 30  ALA A N   1 
ATOM   203  C CA  . ALA A 1 37  ? 4.682   -8.515  7.950   1.00 24.70 ? 30  ALA A CA  1 
ATOM   204  C C   . ALA A 1 37  ? 4.150   -9.907  8.286   1.00 24.70 ? 30  ALA A C   1 
ATOM   205  O O   . ALA A 1 37  ? 3.460   -10.523 7.472   1.00 24.47 ? 30  ALA A O   1 
ATOM   206  C CB  . ALA A 1 37  ? 6.132   -8.602  7.514   1.00 24.72 ? 30  ALA A CB  1 
ATOM   207  N N   . ARG A 1 38  ? 4.467   -10.385 9.491   1.00 24.99 ? 31  ARG A N   1 
ATOM   208  C CA  . ARG A 1 38  ? 4.096   -11.733 9.927   1.00 25.65 ? 31  ARG A CA  1 
ATOM   209  C C   . ARG A 1 38  ? 2.588   -11.959 9.911   1.00 24.75 ? 31  ARG A C   1 
ATOM   210  O O   . ARG A 1 38  ? 2.125   -13.042 9.552   1.00 25.14 ? 31  ARG A O   1 
ATOM   211  C CB  . ARG A 1 38  ? 4.677   -12.043 11.312  1.00 25.56 ? 31  ARG A CB  1 
ATOM   212  C CG  . ARG A 1 38  ? 4.544   -13.510 11.724  1.00 27.43 ? 31  ARG A CG  1 
ATOM   213  C CD  . ARG A 1 38  ? 5.143   -13.801 13.102  1.00 28.05 ? 31  ARG A CD  1 
ATOM   214  N NE  . ARG A 1 38  ? 4.607   -12.926 14.147  1.00 32.81 ? 31  ARG A NE  1 
ATOM   215  C CZ  . ARG A 1 38  ? 5.329   -12.055 14.850  1.00 34.17 ? 31  ARG A CZ  1 
ATOM   216  N NH1 . ARG A 1 38  ? 6.633   -11.940 14.644  1.00 35.34 ? 31  ARG A NH1 1 
ATOM   217  N NH2 . ARG A 1 38  ? 4.747   -11.301 15.775  1.00 35.23 ? 31  ARG A NH2 1 
ATOM   218  N N   . LYS A 1 39  ? 1.821   -10.938 10.284  1.00 24.14 ? 32  LYS A N   1 
ATOM   219  C CA  . LYS A 1 39  ? 0.367   -11.067 10.263  1.00 23.76 ? 32  LYS A CA  1 
ATOM   220  C C   . LYS A 1 39  ? -0.194  -11.050 8.840   1.00 22.69 ? 32  LYS A C   1 
ATOM   221  O O   . LYS A 1 39  ? -1.264  -11.602 8.593   1.00 22.77 ? 32  LYS A O   1 
ATOM   222  C CB  . LYS A 1 39  ? -0.304  -10.010 11.141  1.00 24.38 ? 32  LYS A CB  1 
ATOM   223  C CG  . LYS A 1 39  ? -0.256  -10.357 12.634  1.00 26.35 ? 32  LYS A CG  1 
ATOM   224  C CD  . LYS A 1 39  ? -1.311  -9.609  13.464  1.00 29.08 ? 32  LYS A CD  1 
ATOM   225  C CE  . LYS A 1 39  ? -2.747  -9.871  12.987  1.00 30.61 ? 32  LYS A CE  1 
ATOM   226  N NZ  . LYS A 1 39  ? -3.074  -11.313 12.758  1.00 32.03 ? 32  LYS A NZ  1 
ATOM   227  N N   . MET A 1 40  ? 0.538   -10.444 7.907   1.00 21.14 ? 33  MET A N   1 
ATOM   228  C CA  . MET A 1 40  ? 0.095   -10.392 6.512   1.00 19.83 ? 33  MET A CA  1 
ATOM   229  C C   . MET A 1 40  ? 0.350   -11.692 5.760   1.00 19.23 ? 33  MET A C   1 
ATOM   230  O O   . MET A 1 40  ? -0.428  -12.064 4.886   1.00 19.18 ? 33  MET A O   1 
ATOM   231  C CB  . MET A 1 40  ? 0.787   -9.262  5.760   1.00 19.88 ? 33  MET A CB  1 
ATOM   232  C CG  . MET A 1 40  ? 0.383   -7.870  6.191   1.00 20.06 ? 33  MET A CG  1 
ATOM   233  S SD  . MET A 1 40  ? 1.468   -6.700  5.367   1.00 20.44 ? 33  MET A SD  1 
ATOM   234  C CE  . MET A 1 40  ? 0.749   -5.141  5.887   1.00 20.07 ? 33  MET A CE  1 
ATOM   235  N N   . LEU A 1 41  ? 1.454   -12.360 6.085   1.00 18.00 ? 34  LEU A N   1 
ATOM   236  C CA  . LEU A 1 41  ? 1.869   -13.570 5.372   1.00 17.77 ? 34  LEU A CA  1 
ATOM   237  C C   . LEU A 1 41  ? 2.899   -14.367 6.167   1.00 17.58 ? 34  LEU A C   1 
ATOM   238  O O   . LEU A 1 41  ? 3.878   -13.813 6.673   1.00 17.61 ? 34  LEU A O   1 
ATOM   239  C CB  . LEU A 1 41  ? 2.463   -13.197 4.003   1.00 17.46 ? 34  LEU A CB  1 
ATOM   240  C CG  . LEU A 1 41  ? 3.061   -14.301 3.120   1.00 17.29 ? 34  LEU A CG  1 
ATOM   241  C CD1 . LEU A 1 41  ? 2.013   -15.309 2.701   1.00 17.12 ? 34  LEU A CD1 1 
ATOM   242  C CD2 . LEU A 1 41  ? 3.744   -13.714 1.891   1.00 17.74 ? 34  LEU A CD2 1 
ATOM   243  N N   . ASN A 1 42  ? 2.688   -15.674 6.261   1.00 17.76 ? 35  ASN A N   1 
ATOM   244  C CA  . ASN A 1 42  ? 3.715   -16.550 6.811   1.00 17.81 ? 35  ASN A CA  1 
ATOM   245  C C   . ASN A 1 42  ? 4.088   -17.630 5.814   1.00 17.16 ? 35  ASN A C   1 
ATOM   246  O O   . ASN A 1 42  ? 3.335   -17.898 4.868   1.00 17.12 ? 35  ASN A O   1 
ATOM   247  C CB  . ASN A 1 42  ? 3.298   -17.134 8.165   1.00 18.87 ? 35  ASN A CB  1 
ATOM   248  C CG  . ASN A 1 42  ? 2.167   -18.113 8.054   1.00 20.66 ? 35  ASN A CG  1 
ATOM   249  O OD1 . ASN A 1 42  ? 2.361   -19.267 7.652   1.00 23.42 ? 35  ASN A OD1 1 
ATOM   250  N ND2 . ASN A 1 42  ? 0.968   -17.677 8.436   1.00 23.91 ? 35  ASN A ND2 1 
ATOM   251  N N   . LYS A 1 43  ? 5.245   -18.249 6.026   1.00 16.76 ? 36  LYS A N   1 
ATOM   252  C CA  . LYS A 1 43  ? 5.830   -19.155 5.029   1.00 16.73 ? 36  LYS A CA  1 
ATOM   253  C C   . LYS A 1 43  ? 5.044   -20.446 4.805   1.00 16.53 ? 36  LYS A C   1 
ATOM   254  O O   . LYS A 1 43  ? 5.389   -21.239 3.932   1.00 16.38 ? 36  LYS A O   1 
ATOM   255  C CB  . LYS A 1 43  ? 7.291   -19.469 5.367   1.00 16.66 ? 36  LYS A CB  1 
ATOM   256  C CG  . LYS A 1 43  ? 7.470   -20.391 6.563   1.00 17.78 ? 36  LYS A CG  1 
ATOM   257  C CD  . LYS A 1 43  ? 8.938   -20.588 6.882   1.00 19.16 ? 36  LYS A CD  1 
ATOM   258  C CE  . LYS A 1 43  ? 9.106   -21.664 7.944   1.00 20.20 ? 36  LYS A CE  1 
ATOM   259  N NZ  . LYS A 1 43  ? 10.487  -21.690 8.479   1.00 22.20 ? 36  LYS A NZ  1 
ATOM   260  N N   . LYS A 1 44  ? 3.997   -20.657 5.602   1.00 16.61 ? 37  LYS A N   1 
ATOM   261  C CA  . LYS A 1 44  ? 3.176   -21.860 5.470   1.00 17.11 ? 37  LYS A CA  1 
ATOM   262  C C   . LYS A 1 44  ? 1.825   -21.604 4.797   1.00 17.11 ? 37  LYS A C   1 
ATOM   263  O O   . LYS A 1 44  ? 1.081   -22.548 4.536   1.00 17.24 ? 37  LYS A O   1 
ATOM   264  C CB  . LYS A 1 44  ? 2.978   -22.538 6.843   1.00 16.74 ? 37  LYS A CB  1 
ATOM   265  C CG  . LYS A 1 44  ? 4.293   -22.787 7.581   1.00 17.51 ? 37  LYS A CG  1 
ATOM   266  C CD  . LYS A 1 44  ? 4.149   -23.654 8.824   1.00 18.40 ? 37  LYS A CD  1 
ATOM   267  C CE  . LYS A 1 44  ? 5.456   -23.635 9.611   1.00 20.94 ? 37  LYS A CE  1 
ATOM   268  N NZ  . LYS A 1 44  ? 5.472   -24.507 10.824  1.00 22.78 ? 37  LYS A NZ  1 
ATOM   269  N N   . ASP A 1 45  ? 1.523   -20.337 4.495   1.00 17.26 ? 38  ASP A N   1 
ATOM   270  C CA  . ASP A 1 45  ? 0.231   -19.966 3.904   1.00 17.70 ? 38  ASP A CA  1 
ATOM   271  C C   . ASP A 1 45  ? 0.081   -20.455 2.465   1.00 17.79 ? 38  ASP A C   1 
ATOM   272  O O   . ASP A 1 45  ? 1.064   -20.549 1.732   1.00 17.72 ? 38  ASP A O   1 
ATOM   273  C CB  . ASP A 1 45  ? 0.026   -18.445 3.936   1.00 17.60 ? 38  ASP A CB  1 
ATOM   274  C CG  . ASP A 1 45  ? -0.253  -17.906 5.334   1.00 18.65 ? 38  ASP A CG  1 
ATOM   275  O OD1 . ASP A 1 45  ? -0.821  -18.633 6.179   1.00 19.58 ? 38  ASP A OD1 1 
ATOM   276  O OD2 . ASP A 1 45  ? 0.087   -16.733 5.587   1.00 19.27 ? 38  ASP A OD2 1 
ATOM   277  N N   . GLU A 1 46  ? -1.153  -20.759 2.065   1.00 18.12 ? 39  GLU A N   1 
ATOM   278  C CA  . GLU A 1 46  ? -1.434  -21.077 0.672   1.00 18.78 ? 39  GLU A CA  1 
ATOM   279  C C   . GLU A 1 46  ? -1.542  -19.774 -0.107  1.00 18.61 ? 39  GLU A C   1 
ATOM   280  O O   . GLU A 1 46  ? -2.462  -18.986 0.118   1.00 18.90 ? 39  GLU A O   1 
ATOM   281  C CB  . GLU A 1 46  ? -2.721  -21.893 0.519   1.00 19.16 ? 39  GLU A CB  1 
ATOM   282  C CG  . GLU A 1 46  ? -2.906  -22.423 -0.904  1.00 22.50 ? 39  GLU A CG  1 
ATOM   283  C CD  . GLU A 1 46  ? -3.982  -23.486 -1.019  1.00 26.41 ? 39  GLU A CD  1 
ATOM   284  O OE1 . GLU A 1 46  ? -5.008  -23.387 -0.318  1.00 29.39 ? 39  GLU A OE1 1 
ATOM   285  O OE2 . GLU A 1 46  ? -3.797  -24.424 -1.823  1.00 30.18 ? 39  GLU A OE2 1 
ATOM   286  N N   . VAL A 1 47  ? -0.598  -19.558 -1.017  1.00 18.39 ? 40  VAL A N   1 
ATOM   287  C CA  . VAL A 1 47  ? -0.524  -18.308 -1.764  1.00 18.19 ? 40  VAL A CA  1 
ATOM   288  C C   . VAL A 1 47  ? -0.780  -18.571 -3.241  1.00 18.78 ? 40  VAL A C   1 
ATOM   289  O O   . VAL A 1 47  ? -0.241  -19.518 -3.817  1.00 18.67 ? 40  VAL A O   1 
ATOM   290  C CB  . VAL A 1 47  ? 0.826   -17.589 -1.544  1.00 18.33 ? 40  VAL A CB  1 
ATOM   291  C CG1 . VAL A 1 47  ? 0.805   -16.206 -2.165  1.00 17.42 ? 40  VAL A CG1 1 
ATOM   292  C CG2 . VAL A 1 47  ? 1.121   -17.472 -0.058  1.00 17.29 ? 40  VAL A CG2 1 
ATOM   293  N N   . LYS A 1 48  ? -1.628  -17.738 -3.833  1.00 19.18 ? 41  LYS A N   1 
ATOM   294  C CA  . LYS A 1 48  ? -2.019  -17.885 -5.225  1.00 20.10 ? 41  LYS A CA  1 
ATOM   295  C C   . LYS A 1 48  ? -1.874  -16.548 -5.932  1.00 20.38 ? 41  LYS A C   1 
ATOM   296  O O   . LYS A 1 48  ? -1.859  -15.495 -5.291  1.00 20.05 ? 41  LYS A O   1 
ATOM   297  C CB  . LYS A 1 48  ? -3.465  -18.387 -5.321  1.00 20.36 ? 41  LYS A CB  1 
ATOM   298  C CG  . LYS A 1 48  ? -3.665  -19.829 -4.863  1.00 21.96 ? 41  LYS A CG  1 
ATOM   299  C CD  . LYS A 1 48  ? -5.141  -20.170 -4.800  1.00 25.05 ? 41  LYS A CD  1 
ATOM   300  C CE  . LYS A 1 48  ? -5.388  -21.441 -4.001  1.00 27.06 ? 41  LYS A CE  1 
ATOM   301  N NZ  . LYS A 1 48  ? -6.834  -21.591 -3.682  1.00 28.30 ? 41  LYS A NZ  1 
ATOM   302  N N   . VAL A 1 49  ? -1.754  -16.587 -7.252  1.00 20.93 ? 42  VAL A N   1 
ATOM   303  C CA  . VAL A 1 49  ? -1.677  -15.352 -8.029  1.00 21.24 ? 42  VAL A CA  1 
ATOM   304  C C   . VAL A 1 49  ? -2.750  -15.336 -9.112  1.00 21.37 ? 42  VAL A C   1 
ATOM   305  O O   . VAL A 1 49  ? -2.954  -16.334 -9.812  1.00 21.66 ? 42  VAL A O   1 
ATOM   306  C CB  . VAL A 1 49  ? -0.258  -15.112 -8.620  1.00 21.57 ? 42  VAL A CB  1 
ATOM   307  C CG1 . VAL A 1 49  ? 0.202   -16.296 -9.467  1.00 22.07 ? 42  VAL A CG1 1 
ATOM   308  C CG2 . VAL A 1 49  ? -0.206  -13.805 -9.416  1.00 21.88 ? 42  VAL A CG2 1 
ATOM   309  N N   . ALA A 1 50  ? -3.441  -14.204 -9.214  1.00 21.14 ? 43  ALA A N   1 
ATOM   310  C CA  . ALA A 1 50  ? -4.423  -13.964 -10.267 1.00 21.43 ? 43  ALA A CA  1 
ATOM   311  C C   . ALA A 1 50  ? -4.006  -12.753 -11.086 1.00 21.48 ? 43  ALA A C   1 
ATOM   312  O O   . ALA A 1 50  ? -3.399  -11.818 -10.566 1.00 21.45 ? 43  ALA A O   1 
ATOM   313  C CB  . ALA A 1 50  ? -5.798  -13.748 -9.671  1.00 21.22 ? 43  ALA A CB  1 
ATOM   314  N N   . GLU A 1 51  ? -4.319  -12.776 -12.376 1.00 21.71 ? 44  GLU A N   1 
ATOM   315  C CA  . GLU A 1 51  ? -4.002  -11.646 -13.236 1.00 22.10 ? 44  GLU A CA  1 
ATOM   316  C C   . GLU A 1 51  ? -5.100  -10.597 -13.151 1.00 21.97 ? 44  GLU A C   1 
ATOM   317  O O   . GLU A 1 51  ? -6.285  -10.920 -13.252 1.00 22.28 ? 44  GLU A O   1 
ATOM   318  C CB  . GLU A 1 51  ? -3.811  -12.097 -14.689 1.00 22.02 ? 44  GLU A CB  1 
ATOM   319  C CG  . GLU A 1 51  ? -3.428  -10.966 -15.632 1.00 22.55 ? 44  GLU A CG  1 
ATOM   320  C CD  . GLU A 1 51  ? -3.213  -11.429 -17.059 1.00 23.05 ? 44  GLU A CD  1 
ATOM   321  O OE1 . GLU A 1 51  ? -2.204  -12.114 -17.317 1.00 24.58 ? 44  GLU A OE1 1 
ATOM   322  O OE2 . GLU A 1 51  ? -4.051  -11.094 -17.922 1.00 25.69 ? 44  GLU A OE2 1 
ATOM   323  N N   . PHE A 1 52  ? -4.701  -9.344  -12.947 1.00 21.93 ? 45  PHE A N   1 
ATOM   324  C CA  . PHE A 1 52  ? -5.623  -8.231  -13.132 1.00 21.90 ? 45  PHE A CA  1 
ATOM   325  C C   . PHE A 1 52  ? -5.485  -7.701  -14.561 1.00 22.07 ? 45  PHE A C   1 
ATOM   326  O O   . PHE A 1 52  ? -6.470  -7.617  -15.289 1.00 22.18 ? 45  PHE A O   1 
ATOM   327  C CB  . PHE A 1 52  ? -5.384  -7.110  -12.118 1.00 21.69 ? 45  PHE A CB  1 
ATOM   328  C CG  . PHE A 1 52  ? -6.218  -5.888  -12.381 1.00 21.10 ? 45  PHE A CG  1 
ATOM   329  C CD1 . PHE A 1 52  ? -7.561  -5.856  -12.012 1.00 21.07 ? 45  PHE A CD1 1 
ATOM   330  C CD2 . PHE A 1 52  ? -5.671  -4.780  -13.024 1.00 21.59 ? 45  PHE A CD2 1 
ATOM   331  C CE1 . PHE A 1 52  ? -8.343  -4.735  -12.270 1.00 20.97 ? 45  PHE A CE1 1 
ATOM   332  C CE2 . PHE A 1 52  ? -6.446  -3.660  -13.293 1.00 21.39 ? 45  PHE A CE2 1 
ATOM   333  C CZ  . PHE A 1 52  ? -7.781  -3.637  -12.910 1.00 20.92 ? 45  PHE A CZ  1 
ATOM   334  N N   . ASP A 1 53  ? -4.267  -7.325  -14.937 1.00 22.44 ? 46  ASP A N   1 
ATOM   335  C CA  . ASP A 1 53  ? -3.953  -6.985  -16.332 1.00 22.87 ? 46  ASP A CA  1 
ATOM   336  C C   . ASP A 1 53  ? -2.526  -7.397  -16.685 1.00 22.97 ? 46  ASP A C   1 
ATOM   337  O O   . ASP A 1 53  ? -1.893  -8.137  -15.935 1.00 23.05 ? 46  ASP A O   1 
ATOM   338  C CB  . ASP A 1 53  ? -4.251  -5.507  -16.654 1.00 23.05 ? 46  ASP A CB  1 
ATOM   339  C CG  . ASP A 1 53  ? -3.305  -4.531  -15.969 1.00 23.47 ? 46  ASP A CG  1 
ATOM   340  O OD1 . ASP A 1 53  ? -2.185  -4.906  -15.557 1.00 23.68 ? 46  ASP A OD1 1 
ATOM   341  O OD2 . ASP A 1 53  ? -3.691  -3.350  -15.867 1.00 24.96 ? 46  ASP A OD2 1 
ATOM   342  N N   . LYS A 1 54  ? -2.014  -6.921  -17.819 1.00 23.18 ? 47  LYS A N   1 
ATOM   343  C CA  . LYS A 1 54  ? -0.737  -7.425  -18.332 1.00 23.15 ? 47  LYS A CA  1 
ATOM   344  C C   . LYS A 1 54  ? 0.506   -6.919  -17.594 1.00 23.21 ? 47  LYS A C   1 
ATOM   345  O O   . LYS A 1 54  ? 1.612   -7.421  -17.821 1.00 23.31 ? 47  LYS A O   1 
ATOM   346  C CB  . LYS A 1 54  ? -0.621  -7.182  -19.846 1.00 23.21 ? 47  LYS A CB  1 
ATOM   347  C CG  . LYS A 1 54  ? -1.758  -7.798  -20.660 1.00 23.94 ? 47  LYS A CG  1 
ATOM   348  C CD  . LYS A 1 54  ? -1.961  -9.268  -20.344 1.00 25.33 ? 47  LYS A CD  1 
ATOM   349  C CE  . LYS A 1 54  ? -3.234  -9.792  -20.983 1.00 26.24 ? 47  LYS A CE  1 
ATOM   350  N NZ  . LYS A 1 54  ? -3.511  -11.203 -20.575 1.00 26.95 ? 47  LYS A NZ  1 
ATOM   351  N N   . THR A 1 55  ? 0.330   -5.934  -16.716 1.00 23.12 ? 48  THR A N   1 
ATOM   352  C CA  . THR A 1 55  ? 1.435   -5.469  -15.891 1.00 23.17 ? 48  THR A CA  1 
ATOM   353  C C   . THR A 1 55  ? 1.156   -5.658  -14.392 1.00 22.41 ? 48  THR A C   1 
ATOM   354  O O   . THR A 1 55  ? 2.014   -5.359  -13.561 1.00 22.76 ? 48  THR A O   1 
ATOM   355  C CB  . THR A 1 55  ? 1.803   -3.986  -16.176 1.00 23.28 ? 48  THR A CB  1 
ATOM   356  O OG1 . THR A 1 55  ? 0.720   -3.130  -15.794 1.00 24.39 ? 48  THR A OG1 1 
ATOM   357  C CG2 . THR A 1 55  ? 2.129   -3.773  -17.656 1.00 23.86 ? 48  THR A CG2 1 
ATOM   358  N N   . THR A 1 56  ? -0.026  -6.178  -14.064 1.00 21.64 ? 49  THR A N   1 
ATOM   359  C CA  . THR A 1 56  ? -0.511  -6.181  -12.677 1.00 21.00 ? 49  THR A CA  1 
ATOM   360  C C   . THR A 1 56  ? -1.098  -7.519  -12.250 1.00 20.46 ? 49  THR A C   1 
ATOM   361  O O   . THR A 1 56  ? -2.011  -8.040  -12.888 1.00 20.58 ? 49  THR A O   1 
ATOM   362  C CB  . THR A 1 56  ? -1.583  -5.092  -12.463 1.00 21.04 ? 49  THR A CB  1 
ATOM   363  O OG1 . THR A 1 56  ? -1.125  -3.851  -13.014 1.00 21.70 ? 49  THR A OG1 1 
ATOM   364  C CG2 . THR A 1 56  ? -1.884  -4.904  -10.971 1.00 20.70 ? 49  THR A CG2 1 
ATOM   365  N N   . GLU A 1 57  ? -0.577  -8.059  -11.150 1.00 20.01 ? 50  GLU A N   1 
ATOM   366  C CA  . GLU A 1 57  ? -1.100  -9.296  -10.581 1.00 19.43 ? 50  GLU A CA  1 
ATOM   367  C C   . GLU A 1 57  ? -1.657  -9.043  -9.186  1.00 18.70 ? 50  GLU A C   1 
ATOM   368  O O   . GLU A 1 57  ? -1.245  -8.102  -8.511  1.00 18.66 ? 50  GLU A O   1 
ATOM   369  C CB  . GLU A 1 57  ? -0.005  -10.356 -10.498 1.00 19.71 ? 50  GLU A CB  1 
ATOM   370  C CG  . GLU A 1 57  ? 0.496   -10.875 -11.839 1.00 21.05 ? 50  GLU A CG  1 
ATOM   371  C CD  . GLU A 1 57  ? 1.842   -11.551 -11.701 1.00 22.79 ? 50  GLU A CD  1 
ATOM   372  O OE1 . GLU A 1 57  ? 2.821   -10.855 -11.347 1.00 25.06 ? 50  GLU A OE1 1 
ATOM   373  O OE2 . GLU A 1 57  ? 1.921   -12.774 -11.933 1.00 23.56 ? 50  GLU A OE2 1 
ATOM   374  N N   . ILE A 1 58  ? -2.595  -9.895  -8.780  1.00 18.10 ? 51  ILE A N   1 
ATOM   375  C CA  . ILE A 1 58  ? -3.159  -9.894  -7.431  1.00 17.51 ? 51  ILE A CA  1 
ATOM   376  C C   . ILE A 1 58  ? -2.669  -11.151 -6.711  1.00 17.12 ? 51  ILE A C   1 
ATOM   377  O O   . ILE A 1 58  ? -2.803  -12.262 -7.221  1.00 17.08 ? 51  ILE A O   1 
ATOM   378  C CB  . ILE A 1 58  ? -4.719  -9.855  -7.471  1.00 17.35 ? 51  ILE A CB  1 
ATOM   379  C CG1 . ILE A 1 58  ? -5.229  -8.649  -8.284  1.00 18.84 ? 51  ILE A CG1 1 
ATOM   380  C CG2 . ILE A 1 58  ? -5.339  -9.905  -6.049  1.00 17.79 ? 51  ILE A CG2 1 
ATOM   381  C CD1 . ILE A 1 58  ? -4.767  -7.279  -7.789  1.00 20.30 ? 51  ILE A CD1 1 
ATOM   382  N N   . ILE A 1 59  ? -2.071  -10.967 -5.540  1.00 16.45 ? 52  ILE A N   1 
ATOM   383  C CA  . ILE A 1 59  ? -1.585  -12.095 -4.753  1.00 15.99 ? 52  ILE A CA  1 
ATOM   384  C C   . ILE A 1 59  ? -2.587  -12.375 -3.637  1.00 15.85 ? 52  ILE A C   1 
ATOM   385  O O   . ILE A 1 59  ? -2.892  -11.486 -2.838  1.00 15.24 ? 52  ILE A O   1 
ATOM   386  C CB  . ILE A 1 59  ? -0.192  -11.820 -4.137  1.00 15.92 ? 52  ILE A CB  1 
ATOM   387  C CG1 . ILE A 1 59  ? 0.825   -11.392 -5.210  1.00 16.52 ? 52  ILE A CG1 1 
ATOM   388  C CG2 . ILE A 1 59  ? 0.300   -13.040 -3.333  1.00 15.55 ? 52  ILE A CG2 1 
ATOM   389  C CD1 . ILE A 1 59  ? 1.173   -12.476 -6.222  1.00 17.19 ? 52  ILE A CD1 1 
ATOM   390  N N   . LEU A 1 60  ? -3.087  -13.610 -3.603  1.00 16.33 ? 53  LEU A N   1 
ATOM   391  C CA  . LEU A 1 60  ? -4.060  -14.044 -2.610  1.00 16.80 ? 53  LEU A CA  1 
ATOM   392  C C   . LEU A 1 60  ? -3.389  -14.910 -1.559  1.00 17.11 ? 53  LEU A C   1 
ATOM   393  O O   . LEU A 1 60  ? -2.590  -15.784 -1.892  1.00 17.66 ? 53  LEU A O   1 
ATOM   394  C CB  . LEU A 1 60  ? -5.205  -14.822 -3.269  1.00 17.46 ? 53  LEU A CB  1 
ATOM   395  C CG  . LEU A 1 60  ? -6.082  -14.042 -4.261  1.00 18.34 ? 53  LEU A CG  1 
ATOM   396  C CD1 . LEU A 1 60  ? -5.568  -14.219 -5.686  1.00 19.68 ? 53  LEU A CD1 1 
ATOM   397  C CD2 . LEU A 1 60  ? -7.545  -14.465 -4.152  1.00 20.70 ? 53  LEU A CD2 1 
ATOM   398  N N   . VAL A 1 61  ? -3.707  -14.650 -0.295  1.00 17.23 ? 54  VAL A N   1 
ATOM   399  C CA  . VAL A 1 61  ? -3.185  -15.436 0.821   1.00 17.30 ? 54  VAL A CA  1 
ATOM   400  C C   . VAL A 1 61  ? -4.373  -16.129 1.470   1.00 17.78 ? 54  VAL A C   1 
ATOM   401  O O   . VAL A 1 61  ? -5.261  -15.467 2.010   1.00 17.23 ? 54  VAL A O   1 
ATOM   402  C CB  . VAL A 1 61  ? -2.439  -14.559 1.847   1.00 17.37 ? 54  VAL A CB  1 
ATOM   403  C CG1 . VAL A 1 61  ? -1.848  -15.421 2.955   1.00 16.87 ? 54  VAL A CG1 1 
ATOM   404  C CG2 . VAL A 1 61  ? -1.332  -13.766 1.163   1.00 17.47 ? 54  VAL A CG2 1 
ATOM   405  N N   . ASN A 1 62  ? -4.385  -17.459 1.398   1.00 18.41 ? 55  ASN A N   1 
ATOM   406  C CA  . ASN A 1 62  ? -5.530  -18.265 1.836   1.00 19.40 ? 55  ASN A CA  1 
ATOM   407  C C   . ASN A 1 62  ? -6.847  -17.702 1.293   1.00 20.04 ? 55  ASN A C   1 
ATOM   408  O O   . ASN A 1 62  ? -7.815  -17.481 2.036   1.00 20.36 ? 55  ASN A O   1 
ATOM   409  C CB  . ASN A 1 62  ? -5.533  -18.422 3.363   1.00 19.65 ? 55  ASN A CB  1 
ATOM   410  C CG  . ASN A 1 62  ? -4.224  -18.984 3.886   1.00 19.60 ? 55  ASN A CG  1 
ATOM   411  O OD1 . ASN A 1 62  ? -3.637  -19.887 3.285   1.00 19.32 ? 55  ASN A OD1 1 
ATOM   412  N ND2 . ASN A 1 62  ? -3.755  -18.447 5.006   1.00 21.95 ? 55  ASN A ND2 1 
ATOM   413  N N   . ASP A 1 63  ? -6.830  -17.453 -0.018  1.00 20.48 ? 56  ASP A N   1 
ATOM   414  C CA  . ASP A 1 63  ? -7.965  -16.980 -0.824  1.00 21.28 ? 56  ASP A CA  1 
ATOM   415  C C   . ASP A 1 63  ? -8.419  -15.530 -0.607  1.00 21.13 ? 56  ASP A C   1 
ATOM   416  O O   . ASP A 1 63  ? -9.395  -15.084 -1.222  1.00 21.52 ? 56  ASP A O   1 
ATOM   417  C CB  . ASP A 1 63  ? -9.140  -17.972 -0.763  1.00 22.00 ? 56  ASP A CB  1 
ATOM   418  C CG  . ASP A 1 63  ? -8.737  -19.364 -1.199  1.00 23.85 ? 56  ASP A CG  1 
ATOM   419  O OD1 . ASP A 1 63  ? -8.269  -19.524 -2.351  1.00 27.62 ? 56  ASP A OD1 1 
ATOM   420  O OD2 . ASP A 1 63  ? -8.879  -20.300 -0.382  1.00 27.48 ? 56  ASP A OD2 1 
ATOM   421  N N   . LYS A 1 64  ? -7.720  -14.783 0.242   1.00 20.56 ? 57  LYS A N   1 
ATOM   422  C CA  . LYS A 1 64  ? -8.037  -13.361 0.379   1.00 19.91 ? 57  LYS A CA  1 
ATOM   423  C C   . LYS A 1 64  ? -7.035  -12.505 -0.401  1.00 18.84 ? 57  LYS A C   1 
ATOM   424  O O   . LYS A 1 64  ? -5.830  -12.706 -0.282  1.00 17.85 ? 57  LYS A O   1 
ATOM   425  C CB  . LYS A 1 64  ? -8.157  -12.928 1.846   1.00 20.73 ? 57  LYS A CB  1 
ATOM   426  C CG  . LYS A 1 64  ? -6.866  -12.825 2.616   1.00 23.03 ? 57  LYS A CG  1 
ATOM   427  C CD  . LYS A 1 64  ? -7.138  -12.698 4.110   1.00 26.63 ? 57  LYS A CD  1 
ATOM   428  C CE  . LYS A 1 64  ? -5.877  -12.943 4.921   1.00 27.37 ? 57  LYS A CE  1 
ATOM   429  N NZ  . LYS A 1 64  ? -5.181  -14.201 4.517   1.00 26.71 ? 57  LYS A NZ  1 
ATOM   430  N N   . PRO A 1 65  ? -7.540  -11.568 -1.229  1.00 17.94 ? 58  PRO A N   1 
ATOM   431  C CA  . PRO A 1 65  ? -6.652  -10.673 -1.973  1.00 17.19 ? 58  PRO A CA  1 
ATOM   432  C C   . PRO A 1 65  ? -5.841  -9.818  -1.008  1.00 16.54 ? 58  PRO A C   1 
ATOM   433  O O   . PRO A 1 65  ? -6.415  -9.084  -0.198  1.00 16.71 ? 58  PRO A O   1 
ATOM   434  C CB  . PRO A 1 65  ? -7.615  -9.810  -2.801  1.00 17.54 ? 58  PRO A CB  1 
ATOM   435  C CG  . PRO A 1 65  ? -8.948  -9.976  -2.178  1.00 17.74 ? 58  PRO A CG  1 
ATOM   436  C CD  . PRO A 1 65  ? -8.964  -11.316 -1.521  1.00 18.08 ? 58  PRO A CD  1 
ATOM   437  N N   . MET A 1 66  ? -4.519  -9.930  -1.086  1.00 15.65 ? 59  MET A N   1 
ATOM   438  C CA  . MET A 1 66  ? -3.649  -9.250  -0.136  1.00 14.71 ? 59  MET A CA  1 
ATOM   439  C C   . MET A 1 66  ? -2.713  -8.232  -0.774  1.00 14.29 ? 59  MET A C   1 
ATOM   440  O O   . MET A 1 66  ? -2.554  -7.134  -0.244  1.00 13.76 ? 59  MET A O   1 
ATOM   441  C CB  . MET A 1 66  ? -2.837  -10.262 0.685   1.00 14.88 ? 59  MET A CB  1 
ATOM   442  C CG  . MET A 1 66  ? -3.625  -10.908 1.828   1.00 15.51 ? 59  MET A CG  1 
ATOM   443  S SD  . MET A 1 66  ? -4.223  -9.729  3.056   1.00 16.80 ? 59  MET A SD  1 
ATOM   444  C CE  . MET A 1 66  ? -2.683  -9.108  3.716   1.00 15.95 ? 59  MET A CE  1 
ATOM   445  N N   . PHE A 1 67  ? -2.084  -8.600  -1.891  1.00 14.18 ? 60  PHE A N   1 
ATOM   446  C CA  . PHE A 1 67  ? -1.042  -7.750  -2.473  1.00 14.29 ? 60  PHE A CA  1 
ATOM   447  C C   . PHE A 1 67  ? -1.212  -7.493  -3.954  1.00 15.04 ? 60  PHE A C   1 
ATOM   448  O O   . PHE A 1 67  ? -1.769  -8.318  -4.685  1.00 14.82 ? 60  PHE A O   1 
ATOM   449  C CB  . PHE A 1 67  ? 0.349   -8.361  -2.268  1.00 14.12 ? 60  PHE A CB  1 
ATOM   450  C CG  . PHE A 1 67  ? 0.557   -8.939  -0.907  1.00 13.34 ? 60  PHE A CG  1 
ATOM   451  C CD1 . PHE A 1 67  ? 0.635   -8.108  0.206   1.00 13.14 ? 60  PHE A CD1 1 
ATOM   452  C CD2 . PHE A 1 67  ? 0.658   -10.316 -0.733  1.00 13.11 ? 60  PHE A CD2 1 
ATOM   453  C CE1 . PHE A 1 67  ? 0.819   -8.647  1.490   1.00 12.61 ? 60  PHE A CE1 1 
ATOM   454  C CE2 . PHE A 1 67  ? 0.845   -10.860 0.538   1.00 13.44 ? 60  PHE A CE2 1 
ATOM   455  C CZ  . PHE A 1 67  ? 0.911   -10.027 1.651   1.00 13.92 ? 60  PHE A CZ  1 
ATOM   456  N N   . ILE A 1 68  ? -0.703  -6.339  -4.373  1.00 15.65 ? 61  ILE A N   1 
ATOM   457  C CA  . ILE A 1 68  ? -0.476  -6.042  -5.784  1.00 16.82 ? 61  ILE A CA  1 
ATOM   458  C C   . ILE A 1 68  ? 0.927   -6.520  -6.132  1.00 17.48 ? 61  ILE A C   1 
ATOM   459  O O   . ILE A 1 68  ? 1.838   -6.427  -5.312  1.00 17.16 ? 61  ILE A O   1 
ATOM   460  C CB  . ILE A 1 68  ? -0.632  -4.516  -6.069  1.00 16.44 ? 61  ILE A CB  1 
ATOM   461  C CG1 . ILE A 1 68  ? -0.815  -4.246  -7.567  1.00 17.14 ? 61  ILE A CG1 1 
ATOM   462  C CG2 . ILE A 1 68  ? 0.529   -3.702  -5.491  1.00 17.37 ? 61  ILE A CG2 1 
ATOM   463  C CD1 . ILE A 1 68  ? -1.438  -2.874  -7.836  1.00 18.36 ? 61  ILE A CD1 1 
ATOM   464  N N   . ARG A 1 69  ? 1.105   -7.063  -7.330  1.00 18.90 ? 62  ARG A N   1 
ATOM   465  C CA  . ARG A 1 69  ? 2.452   -7.336  -7.807  1.00 20.75 ? 62  ARG A CA  1 
ATOM   466  C C   . ARG A 1 69  ? 2.667   -6.655  -9.148  1.00 22.13 ? 62  ARG A C   1 
ATOM   467  O O   . ARG A 1 69  ? 1.852   -6.787  -10.062 1.00 21.81 ? 62  ARG A O   1 
ATOM   468  C CB  . ARG A 1 69  ? 2.764   -8.834  -7.883  1.00 21.00 ? 62  ARG A CB  1 
ATOM   469  C CG  . ARG A 1 69  ? 4.225   -9.114  -8.276  1.00 21.91 ? 62  ARG A CG  1 
ATOM   470  C CD  . ARG A 1 69  ? 4.661   -10.542 -7.980  1.00 23.49 ? 62  ARG A CD  1 
ATOM   471  N NE  . ARG A 1 69  ? 4.027   -11.524 -8.856  1.00 25.33 ? 62  ARG A NE  1 
ATOM   472  C CZ  . ARG A 1 69  ? 4.287   -12.830 -8.837  1.00 25.92 ? 62  ARG A CZ  1 
ATOM   473  N NH1 . ARG A 1 69  ? 5.178   -13.329 -7.986  1.00 26.04 ? 62  ARG A NH1 1 
ATOM   474  N NH2 . ARG A 1 69  ? 3.658   -13.644 -9.674  1.00 25.36 ? 62  ARG A NH2 1 
ATOM   475  N N   . ARG A 1 70  ? 3.745   -5.882  -9.210  1.00 23.96 ? 63  ARG A N   1 
ATOM   476  C CA  . ARG A 1 70  ? 4.223   -5.266  -10.439 1.00 26.15 ? 63  ARG A CA  1 
ATOM   477  C C   . ARG A 1 70  ? 5.626   -5.806  -10.645 1.00 27.26 ? 63  ARG A C   1 
ATOM   478  O O   . ARG A 1 70  ? 6.522   -5.539  -9.836  1.00 27.58 ? 63  ARG A O   1 
ATOM   479  C CB  . ARG A 1 70  ? 4.241   -3.746  -10.302 1.00 26.20 ? 63  ARG A CB  1 
ATOM   480  C CG  . ARG A 1 70  ? 2.860   -3.106  -10.310 1.00 27.99 ? 63  ARG A CG  1 
ATOM   481  C CD  . ARG A 1 70  ? 2.475   -2.635  -11.707 1.00 29.44 ? 63  ARG A CD  1 
ATOM   482  N NE  . ARG A 1 70  ? 1.044   -2.361  -11.813 1.00 30.67 ? 63  ARG A NE  1 
ATOM   483  C CZ  . ARG A 1 70  ? 0.492   -1.161  -11.682 1.00 30.81 ? 63  ARG A CZ  1 
ATOM   484  N NH1 . ARG A 1 70  ? -0.823  -1.027  -11.795 1.00 31.92 ? 63  ARG A NH1 1 
ATOM   485  N NH2 . ARG A 1 70  ? 1.248   -0.096  -11.437 1.00 31.25 ? 63  ARG A NH2 1 
ATOM   486  N N   . LYS A 1 71  ? 5.800   -6.562  -11.730 1.00 28.62 ? 64  LYS A N   1 
ATOM   487  C CA  . LYS A 1 71  ? 6.974   -7.421  -11.965 1.00 29.70 ? 64  LYS A CA  1 
ATOM   488  C C   . LYS A 1 71  ? 7.285   -8.364  -10.798 1.00 29.66 ? 64  LYS A C   1 
ATOM   489  O O   . LYS A 1 71  ? 6.575   -9.357  -10.611 1.00 30.28 ? 64  LYS A O   1 
ATOM   490  C CB  . LYS A 1 71  ? 8.215   -6.645  -12.476 1.00 30.06 ? 64  LYS A CB  1 
ATOM   491  C CG  . LYS A 1 71  ? 8.394   -5.203  -11.978 1.00 31.82 ? 64  LYS A CG  1 
ATOM   492  C CD  . LYS A 1 71  ? 9.421   -5.082  -10.845 1.00 34.87 ? 64  LYS A CD  1 
ATOM   493  C CE  . LYS A 1 71  ? 10.822  -4.716  -11.363 1.00 36.26 ? 64  LYS A CE  1 
ATOM   494  N NZ  . LYS A 1 71  ? 11.506  -5.843  -12.082 1.00 37.78 ? 64  LYS A NZ  1 
ATOM   495  N N   . ASP A 1 72  ? 8.313   -8.061  -10.010 1.00 29.25 ? 65  ASP A N   1 
ATOM   496  C CA  . ASP A 1 72  ? 8.651   -8.902  -8.865  1.00 28.51 ? 65  ASP A CA  1 
ATOM   497  C C   . ASP A 1 72  ? 8.446   -8.185  -7.531  1.00 27.32 ? 65  ASP A C   1 
ATOM   498  O O   . ASP A 1 72  ? 8.779   -8.732  -6.472  1.00 27.78 ? 65  ASP A O   1 
ATOM   499  C CB  . ASP A 1 72  ? 10.081  -9.452  -8.988  1.00 28.99 ? 65  ASP A CB  1 
ATOM   500  C CG  . ASP A 1 72  ? 11.147  -8.388  -8.785  1.00 30.29 ? 65  ASP A CG  1 
ATOM   501  O OD1 . ASP A 1 72  ? 12.232  -8.727  -8.259  1.00 32.62 ? 65  ASP A OD1 1 
ATOM   502  O OD2 . ASP A 1 72  ? 10.914  -7.220  -9.153  1.00 31.48 ? 65  ASP A OD2 1 
ATOM   503  N N   . LEU A 1 73  ? 7.876   -6.980  -7.581  1.00 25.28 ? 66  LEU A N   1 
ATOM   504  C CA  . LEU A 1 73  ? 7.679   -6.175  -6.371  1.00 23.15 ? 66  LEU A CA  1 
ATOM   505  C C   . LEU A 1 73  ? 6.229   -6.166  -5.908  1.00 21.55 ? 66  LEU A C   1 
ATOM   506  O O   . LEU A 1 73  ? 5.313   -5.996  -6.714  1.00 20.58 ? 66  LEU A O   1 
ATOM   507  C CB  . LEU A 1 73  ? 8.166   -4.736  -6.579  1.00 23.51 ? 66  LEU A CB  1 
ATOM   508  C CG  . LEU A 1 73  ? 9.652   -4.506  -6.883  1.00 23.88 ? 66  LEU A CG  1 
ATOM   509  C CD1 . LEU A 1 73  ? 9.916   -3.015  -7.031  1.00 24.61 ? 66  LEU A CD1 1 
ATOM   510  C CD2 . LEU A 1 73  ? 10.555  -5.104  -5.813  1.00 24.70 ? 66  LEU A CD2 1 
ATOM   511  N N   . ILE A 1 74  ? 6.035   -6.342  -4.601  1.00 19.47 ? 67  ILE A N   1 
ATOM   512  C CA  . ILE A 1 74  ? 4.694   -6.408  -4.033  1.00 17.82 ? 67  ILE A CA  1 
ATOM   513  C C   . ILE A 1 74  ? 4.423   -5.275  -3.039  1.00 16.40 ? 67  ILE A C   1 
ATOM   514  O O   . ILE A 1 74  ? 5.349   -4.649  -2.505  1.00 15.75 ? 67  ILE A O   1 
ATOM   515  C CB  . ILE A 1 74  ? 4.397   -7.795  -3.358  1.00 17.72 ? 67  ILE A CB  1 
ATOM   516  C CG1 . ILE A 1 74  ? 5.381   -8.096  -2.225  1.00 18.13 ? 67  ILE A CG1 1 
ATOM   517  C CG2 . ILE A 1 74  ? 4.440   -8.921  -4.386  1.00 18.41 ? 67  ILE A CG2 1 
ATOM   518  C CD1 . ILE A 1 74  ? 5.003   -7.503  -0.892  1.00 19.84 ? 67  ILE A CD1 1 
ATOM   519  N N   . PHE A 1 75  ? 3.140   -5.028  -2.799  1.00 15.12 ? 68  PHE A N   1 
ATOM   520  C CA  . PHE A 1 75  ? 2.705   -4.097  -1.762  1.00 14.34 ? 68  PHE A CA  1 
ATOM   521  C C   . PHE A 1 75  ? 1.262   -4.421  -1.392  1.00 13.68 ? 68  PHE A C   1 
ATOM   522  O O   . PHE A 1 75  ? 0.503   -4.877  -2.240  1.00 13.32 ? 68  PHE A O   1 
ATOM   523  C CB  . PHE A 1 75  ? 2.812   -2.643  -2.232  1.00 14.36 ? 68  PHE A CB  1 
ATOM   524  C CG  . PHE A 1 75  ? 2.856   -1.648  -1.104  1.00 14.31 ? 68  PHE A CG  1 
ATOM   525  C CD1 . PHE A 1 75  ? 3.984   -1.548  -0.292  1.00 14.38 ? 68  PHE A CD1 1 
ATOM   526  C CD2 . PHE A 1 75  ? 1.769   -0.811  -0.848  1.00 15.16 ? 68  PHE A CD2 1 
ATOM   527  C CE1 . PHE A 1 75  ? 4.034   -0.641  0.758   1.00 14.59 ? 68  PHE A CE1 1 
ATOM   528  C CE2 . PHE A 1 75  ? 1.810   0.102   0.198   1.00 15.52 ? 68  PHE A CE2 1 
ATOM   529  C CZ  . PHE A 1 75  ? 2.945   0.190   1.005   1.00 14.74 ? 68  PHE A CZ  1 
ATOM   530  N N   . PRO A 1 76  ? 0.878   -4.218  -0.116  1.00 13.48 ? 69  PRO A N   1 
ATOM   531  C CA  . PRO A 1 76  ? -0.525  -4.466  0.226   1.00 13.26 ? 69  PRO A CA  1 
ATOM   532  C C   . PRO A 1 76  ? -1.539  -3.702  -0.628  1.00 13.21 ? 69  PRO A C   1 
ATOM   533  O O   . PRO A 1 76  ? -1.328  -2.531  -0.956  1.00 13.46 ? 69  PRO A O   1 
ATOM   534  C CB  . PRO A 1 76  ? -0.619  -3.994  1.685   1.00 13.57 ? 69  PRO A CB  1 
ATOM   535  C CG  . PRO A 1 76  ? 0.756   -4.167  2.211   1.00 13.21 ? 69  PRO A CG  1 
ATOM   536  C CD  . PRO A 1 76  ? 1.667   -3.820  1.068   1.00 13.50 ? 69  PRO A CD  1 
ATOM   537  N N   . LEU A 1 77  ? -2.634  -4.372  -0.972  1.00 13.43 ? 70  LEU A N   1 
ATOM   538  C CA  . LEU A 1 77  ? -3.768  -3.735  -1.640  1.00 13.70 ? 70  LEU A CA  1 
ATOM   539  C C   . LEU A 1 77  ? -4.477  -2.766  -0.702  1.00 13.54 ? 70  LEU A C   1 
ATOM   540  O O   . LEU A 1 77  ? -4.356  -2.871  0.523   1.00 14.08 ? 70  LEU A O   1 
ATOM   541  C CB  . LEU A 1 77  ? -4.776  -4.787  -2.107  1.00 13.70 ? 70  LEU A CB  1 
ATOM   542  C CG  . LEU A 1 77  ? -4.317  -5.759  -3.197  1.00 15.19 ? 70  LEU A CG  1 
ATOM   543  C CD1 . LEU A 1 77  ? -5.293  -6.906  -3.303  1.00 16.56 ? 70  LEU A CD1 1 
ATOM   544  C CD2 . LEU A 1 77  ? -4.156  -5.052  -4.546  1.00 15.85 ? 70  LEU A CD2 1 
ATOM   545  N N   . VAL A 1 78  ? -5.231  -1.831  -1.279  1.00 13.68 ? 71  VAL A N   1 
ATOM   546  C CA  . VAL A 1 78  ? -6.032  -0.906  -0.469  1.00 13.85 ? 71  VAL A CA  1 
ATOM   547  C C   . VAL A 1 78  ? -7.042  -1.672  0.397   1.00 14.00 ? 71  VAL A C   1 
ATOM   548  O O   . VAL A 1 78  ? -7.217  -1.335  1.574   1.00 14.55 ? 71  VAL A O   1 
ATOM   549  C CB  . VAL A 1 78  ? -6.703  0.214   -1.321  1.00 13.98 ? 71  VAL A CB  1 
ATOM   550  C CG1 . VAL A 1 78  ? -7.543  1.138   -0.440  1.00 15.21 ? 71  VAL A CG1 1 
ATOM   551  C CG2 . VAL A 1 78  ? -5.631  1.038   -2.028  1.00 13.43 ? 71  VAL A CG2 1 
ATOM   552  N N   . ILE A 1 79  ? -7.678  -2.701  -0.164  1.00 14.44 ? 72  ILE A N   1 
ATOM   553  C CA  . ILE A 1 79  ? -8.624  -3.528  0.610   1.00 15.33 ? 72  ILE A CA  1 
ATOM   554  C C   . ILE A 1 79  ? -7.950  -4.202  1.816   1.00 15.11 ? 72  ILE A C   1 
ATOM   555  O O   . ILE A 1 79  ? -8.514  -4.213  2.923   1.00 15.37 ? 72  ILE A O   1 
ATOM   556  C CB  . ILE A 1 79  ? -9.417  -4.550  -0.269  1.00 15.42 ? 72  ILE A CB  1 
ATOM   557  C CG1 . ILE A 1 79  ? -10.551 -5.204  0.540   1.00 17.26 ? 72  ILE A CG1 1 
ATOM   558  C CG2 . ILE A 1 79  ? -8.505  -5.609  -0.867  1.00 15.98 ? 72  ILE A CG2 1 
ATOM   559  C CD1 . ILE A 1 79  ? -11.549 -4.207  1.124   1.00 18.63 ? 72  ILE A CD1 1 
ATOM   560  N N   . ALA A 1 80  ? -6.741  -4.732  1.609   1.00 14.76 ? 73  ALA A N   1 
ATOM   561  C CA  . ALA A 1 80  ? -5.971  -5.362  2.685   1.00 15.00 ? 73  ALA A CA  1 
ATOM   562  C C   . ALA A 1 80  ? -5.670  -4.367  3.810   1.00 14.92 ? 73  ALA A C   1 
ATOM   563  O O   . ALA A 1 80  ? -5.831  -4.679  4.998   1.00 14.48 ? 73  ALA A O   1 
ATOM   564  C CB  . ALA A 1 80  ? -4.684  -5.959  2.143   1.00 14.95 ? 73  ALA A CB  1 
ATOM   565  N N   . LEU A 1 81  ? -5.243  -3.165  3.425   1.00 14.69 ? 74  LEU A N   1 
ATOM   566  C CA  . LEU A 1 81  ? -4.979  -2.104  4.388   1.00 15.07 ? 74  LEU A CA  1 
ATOM   567  C C   . LEU A 1 81  ? -6.264  -1.620  5.059   1.00 15.87 ? 74  LEU A C   1 
ATOM   568  O O   . LEU A 1 81  ? -6.247  -1.236  6.234   1.00 15.47 ? 74  LEU A O   1 
ATOM   569  C CB  . LEU A 1 81  ? -4.249  -0.940  3.709   1.00 14.92 ? 74  LEU A CB  1 
ATOM   570  C CG  . LEU A 1 81  ? -2.828  -1.270  3.226   1.00 14.28 ? 74  LEU A CG  1 
ATOM   571  C CD1 . LEU A 1 81  ? -2.292  -0.144  2.350   1.00 13.58 ? 74  LEU A CD1 1 
ATOM   572  C CD2 . LEU A 1 81  ? -1.871  -1.546  4.385   1.00 15.19 ? 74  LEU A CD2 1 
ATOM   573  N N   . TYR A 1 82  ? -7.365  -1.630  4.308   1.00 16.46 ? 75  TYR A N   1 
ATOM   574  C CA  . TYR A 1 82  ? -8.662  -1.208  4.843   1.00 18.06 ? 75  TYR A CA  1 
ATOM   575  C C   . TYR A 1 82  ? -9.081  -2.122  5.987   1.00 18.03 ? 75  TYR A C   1 
ATOM   576  O O   . TYR A 1 82  ? -9.479  -1.654  7.062   1.00 18.23 ? 75  TYR A O   1 
ATOM   577  C CB  . TYR A 1 82  ? -9.737  -1.186  3.754   1.00 19.53 ? 75  TYR A CB  1 
ATOM   578  C CG  . TYR A 1 82  ? -11.052 -0.630  4.261   1.00 21.75 ? 75  TYR A CG  1 
ATOM   579  C CD1 . TYR A 1 82  ? -11.316 0.736   4.204   1.00 24.05 ? 75  TYR A CD1 1 
ATOM   580  C CD2 . TYR A 1 82  ? -12.011 -1.472  4.827   1.00 23.89 ? 75  TYR A CD2 1 
ATOM   581  C CE1 . TYR A 1 82  ? -12.521 1.256   4.688   1.00 25.05 ? 75  TYR A CE1 1 
ATOM   582  C CE2 . TYR A 1 82  ? -13.216 -0.962  5.313   1.00 24.75 ? 75  TYR A CE2 1 
ATOM   583  C CZ  . TYR A 1 82  ? -13.458 0.398   5.237   1.00 24.01 ? 75  TYR A CZ  1 
ATOM   584  O OH  . TYR A 1 82  ? -14.650 0.901   5.717   1.00 25.46 ? 75  TYR A OH  1 
ATOM   585  N N   . ASN A 1 83  ? -8.983  -3.426  5.754   1.00 17.76 ? 76  ASN A N   1 
ATOM   586  C CA  . ASN A 1 83  ? -9.287  -4.399  6.801   1.00 17.49 ? 76  ASN A CA  1 
ATOM   587  C C   . ASN A 1 83  ? -8.360  -4.270  8.005   1.00 17.15 ? 76  ASN A C   1 
ATOM   588  O O   . ASN A 1 83  ? -8.805  -4.361  9.152   1.00 16.98 ? 76  ASN A O   1 
ATOM   589  C CB  . ASN A 1 83  ? -9.305  -5.818  6.223   1.00 18.02 ? 76  ASN A CB  1 
ATOM   590  C CG  . ASN A 1 83  ? -10.502 -6.051  5.327   1.00 18.96 ? 76  ASN A CG  1 
ATOM   591  O OD1 . ASN A 1 83  ? -11.561 -5.448  5.523   1.00 20.17 ? 76  ASN A OD1 1 
ATOM   592  N ND2 . ASN A 1 83  ? -10.345 -6.918  4.334   1.00 20.67 ? 76  ASN A ND2 1 
ATOM   593  N N   . LEU A 1 84  ? -7.082  -4.011  7.745   1.00 16.19 ? 77  LEU A N   1 
ATOM   594  C CA  . LEU A 1 84  ? -6.115  -3.765  8.815   1.00 15.88 ? 77  LEU A CA  1 
ATOM   595  C C   . LEU A 1 84  ? -6.421  -2.506  9.624   1.00 15.34 ? 77  LEU A C   1 
ATOM   596  O O   . LEU A 1 84  ? -6.122  -2.454  10.822  1.00 15.52 ? 77  LEU A O   1 
ATOM   597  C CB  . LEU A 1 84  ? -4.691  -3.714  8.264   1.00 15.81 ? 77  LEU A CB  1 
ATOM   598  C CG  . LEU A 1 84  ? -4.061  -5.091  8.033   1.00 16.11 ? 77  LEU A CG  1 
ATOM   599  C CD1 . LEU A 1 84  ? -2.891  -5.039  7.050   1.00 16.74 ? 77  LEU A CD1 1 
ATOM   600  C CD2 . LEU A 1 84  ? -3.625  -5.709  9.362   1.00 17.74 ? 77  LEU A CD2 1 
ATOM   601  N N   . SER A 1 85  ? -7.018  -1.504  8.971   1.00 15.10 ? 78  SER A N   1 
ATOM   602  C CA  . SER A 1 85  ? -7.373  -0.236  9.634   1.00 15.43 ? 78  SER A CA  1 
ATOM   603  C C   . SER A 1 85  ? -8.517  -0.390  10.649  1.00 15.62 ? 78  SER A C   1 
ATOM   604  O O   . SER A 1 85  ? -8.795  0.533   11.425  1.00 15.96 ? 78  SER A O   1 
ATOM   605  C CB  . SER A 1 85  ? -7.691  0.864   8.610   1.00 15.15 ? 78  SER A CB  1 
ATOM   606  O OG  . SER A 1 85  ? -8.974  0.697   8.039   1.00 15.73 ? 78  SER A OG  1 
ATOM   607  N N   . ASP A 1 86  ? -9.177  -1.549  10.636  1.00 15.87 ? 79  ASP A N   1 
ATOM   608  C CA  . ASP A 1 86  ? -10.144 -1.908  11.681  1.00 16.40 ? 79  ASP A CA  1 
ATOM   609  C C   . ASP A 1 86  ? -9.487  -2.636  12.857  1.00 16.40 ? 79  ASP A C   1 
ATOM   610  O O   . ASP A 1 86  ? -10.147 -2.920  13.869  1.00 16.66 ? 79  ASP A O   1 
ATOM   611  C CB  . ASP A 1 86  ? -11.272 -2.767  11.107  1.00 16.52 ? 79  ASP A CB  1 
ATOM   612  C CG  . ASP A 1 86  ? -12.335 -1.942  10.408  1.00 18.02 ? 79  ASP A CG  1 
ATOM   613  O OD1 . ASP A 1 86  ? -12.505 -0.756  10.750  1.00 18.85 ? 79  ASP A OD1 1 
ATOM   614  O OD2 . ASP A 1 86  ? -13.009 -2.486  9.513   1.00 21.98 ? 79  ASP A OD2 1 
ATOM   615  N N   . GLU A 1 87  ? -8.203  -2.953  12.719  1.00 15.70 ? 80  GLU A N   1 
ATOM   616  C CA  . GLU A 1 87  ? -7.454  -3.655  13.769  1.00 16.10 ? 80  GLU A CA  1 
ATOM   617  C C   . GLU A 1 87  ? -6.429  -2.743  14.431  1.00 16.09 ? 80  GLU A C   1 
ATOM   618  O O   . GLU A 1 87  ? -6.221  -2.806  15.648  1.00 16.60 ? 80  GLU A O   1 
ATOM   619  C CB  . GLU A 1 87  ? -6.737  -4.876  13.183  1.00 16.09 ? 80  GLU A CB  1 
ATOM   620  C CG  . GLU A 1 87  ? -7.672  -5.839  12.451  1.00 15.69 ? 80  GLU A CG  1 
ATOM   621  C CD  . GLU A 1 87  ? -6.968  -7.051  11.871  1.00 17.51 ? 80  GLU A CD  1 
ATOM   622  O OE1 . GLU A 1 87  ? -5.762  -7.241  12.128  1.00 21.23 ? 80  GLU A OE1 1 
ATOM   623  O OE2 . GLU A 1 87  ? -7.631  -7.822  11.147  1.00 19.45 ? 80  GLU A OE2 1 
ATOM   624  N N   . GLU A 1 88  ? -5.774  -1.923  13.607  1.00 15.82 ? 81  GLU A N   1 
ATOM   625  C CA  . GLU A 1 88  ? -4.660  -1.076  14.009  1.00 15.70 ? 81  GLU A CA  1 
ATOM   626  C C   . GLU A 1 88  ? -4.886  0.347   13.527  1.00 15.43 ? 81  GLU A C   1 
ATOM   627  O O   . GLU A 1 88  ? -5.595  0.568   12.540  1.00 14.72 ? 81  GLU A O   1 
ATOM   628  C CB  . GLU A 1 88  ? -3.356  -1.558  13.358  1.00 16.19 ? 81  GLU A CB  1 
ATOM   629  C CG  . GLU A 1 88  ? -3.085  -3.042  13.446  1.00 17.86 ? 81  GLU A CG  1 
ATOM   630  C CD  . GLU A 1 88  ? -2.823  -3.507  14.865  1.00 20.00 ? 81  GLU A CD  1 
ATOM   631  O OE1 . GLU A 1 88  ? -2.155  -2.775  15.636  1.00 20.18 ? 81  GLU A OE1 1 
ATOM   632  O OE2 . GLU A 1 88  ? -3.274  -4.620  15.203  1.00 20.96 ? 81  GLU A OE2 1 
ATOM   633  N N   . ASP A 1 89  ? -4.265  1.305   14.206  1.00 14.90 ? 82  ASP A N   1 
ATOM   634  C CA  . ASP A 1 89  ? -4.265  2.680   13.716  1.00 15.45 ? 82  ASP A CA  1 
ATOM   635  C C   . ASP A 1 89  ? -3.131  2.860   12.707  1.00 15.16 ? 82  ASP A C   1 
ATOM   636  O O   . ASP A 1 89  ? -1.962  2.999   13.079  1.00 15.32 ? 82  ASP A O   1 
ATOM   637  C CB  . ASP A 1 89  ? -4.142  3.680   14.870  1.00 15.17 ? 82  ASP A CB  1 
ATOM   638  C CG  . ASP A 1 89  ? -4.378  5.111   14.433  1.00 17.46 ? 82  ASP A CG  1 
ATOM   639  O OD1 . ASP A 1 89  ? -4.507  5.367   13.205  1.00 17.80 ? 82  ASP A OD1 1 
ATOM   640  O OD2 . ASP A 1 89  ? -4.435  5.984   15.320  1.00 16.84 ? 82  ASP A OD2 1 
ATOM   641  N N   . LEU A 1 90  ? -3.494  2.868   11.421  1.00 15.82 ? 83  LEU A N   1 
ATOM   642  C CA  . LEU A 1 90  ? -2.513  2.995   10.340  1.00 16.81 ? 83  LEU A CA  1 
ATOM   643  C C   . LEU A 1 90  ? -1.845  4.370   10.298  1.00 17.30 ? 83  LEU A C   1 
ATOM   644  O O   . LEU A 1 90  ? -0.823  4.546   9.628   1.00 17.27 ? 83  LEU A O   1 
ATOM   645  C CB  . LEU A 1 90  ? -3.155  2.689   8.977   1.00 16.79 ? 83  LEU A CB  1 
ATOM   646  C CG  . LEU A 1 90  ? -3.864  1.351   8.747   1.00 18.08 ? 83  LEU A CG  1 
ATOM   647  C CD1 . LEU A 1 90  ? -4.257  1.261   7.280   1.00 18.62 ? 83  LEU A CD1 1 
ATOM   648  C CD2 . LEU A 1 90  ? -3.013  0.154   9.150   1.00 18.98 ? 83  LEU A CD2 1 
ATOM   649  N N   . ARG A 1 91  ? -2.403  5.332   11.030  1.00 17.87 ? 84  ARG A N   1 
ATOM   650  C CA  . ARG A 1 91  ? -1.804  6.667   11.116  1.00 18.94 ? 84  ARG A CA  1 
ATOM   651  C C   . ARG A 1 91  ? -0.447  6.652   11.825  1.00 18.66 ? 84  ARG A C   1 
ATOM   652  O O   . ARG A 1 91  ? 0.250   7.668   11.853  1.00 18.66 ? 84  ARG A O   1 
ATOM   653  C CB  . ARG A 1 91  ? -2.749  7.664   11.794  1.00 19.14 ? 84  ARG A CB  1 
ATOM   654  C CG  . ARG A 1 91  ? -4.072  7.908   11.055  1.00 20.22 ? 84  ARG A CG  1 
ATOM   655  C CD  . ARG A 1 91  ? -5.082  8.639   11.928  1.00 21.48 ? 84  ARG A CD  1 
ATOM   656  N NE  . ARG A 1 91  ? -4.857  8.337   13.334  1.00 26.10 ? 84  ARG A NE  1 
ATOM   657  C CZ  . ARG A 1 91  ? -4.244  9.145   14.196  1.00 26.93 ? 84  ARG A CZ  1 
ATOM   658  N NH1 . ARG A 1 91  ? -3.815  10.341  13.816  1.00 27.93 ? 84  ARG A NH1 1 
ATOM   659  N NH2 . ARG A 1 91  ? -4.060  8.750   15.446  1.00 24.86 ? 84  ARG A NH2 1 
ATOM   660  N N   . LYS A 1 92  ? -0.073  5.505   12.394  1.00 18.25 ? 85  LYS A N   1 
ATOM   661  C CA  . LYS A 1 92  ? 1.225   5.372   13.053  1.00 18.49 ? 85  LYS A CA  1 
ATOM   662  C C   . LYS A 1 92  ? 2.126   4.288   12.449  1.00 18.15 ? 85  LYS A C   1 
ATOM   663  O O   . LYS A 1 92  ? 3.154   3.933   13.029  1.00 18.31 ? 85  LYS A O   1 
ATOM   664  C CB  . LYS A 1 92  ? 1.032   5.169   14.565  1.00 18.84 ? 85  LYS A CB  1 
ATOM   665  C CG  . LYS A 1 92  ? 0.395   6.367   15.263  1.00 20.18 ? 85  LYS A CG  1 
ATOM   666  C CD  . LYS A 1 92  ? 1.352   7.560   15.292  1.00 23.48 ? 85  LYS A CD  1 
ATOM   667  C CE  . LYS A 1 92  ? 0.664   8.828   15.763  1.00 25.87 ? 85  LYS A CE  1 
ATOM   668  N NZ  . LYS A 1 92  ? 1.682   9.873   16.085  1.00 27.88 ? 85  LYS A NZ  1 
ATOM   669  N N   . TRP A 1 93  ? 1.752   3.794   11.270  1.00 17.86 ? 86  TRP A N   1 
ATOM   670  C CA  . TRP A 1 93  ? 2.457   2.687   10.608  1.00 17.44 ? 86  TRP A CA  1 
ATOM   671  C C   . TRP A 1 93  ? 3.656   3.117   9.764   1.00 17.11 ? 86  TRP A C   1 
ATOM   672  O O   . TRP A 1 93  ? 3.725   4.270   9.312   1.00 16.85 ? 86  TRP A O   1 
ATOM   673  C CB  . TRP A 1 93  ? 1.482   1.906   9.724   1.00 17.83 ? 86  TRP A CB  1 
ATOM   674  C CG  . TRP A 1 93  ? 0.889   0.684   10.364  1.00 18.07 ? 86  TRP A CG  1 
ATOM   675  C CD1 . TRP A 1 93  ? 0.597   0.501   11.690  1.00 18.56 ? 86  TRP A CD1 1 
ATOM   676  C CD2 . TRP A 1 93  ? 0.472   -0.508  9.694   1.00 18.31 ? 86  TRP A CD2 1 
ATOM   677  N NE1 . TRP A 1 93  ? 0.045   -0.744  11.886  1.00 18.42 ? 86  TRP A NE1 1 
ATOM   678  C CE2 . TRP A 1 93  ? -0.049  -1.381  10.676  1.00 17.88 ? 86  TRP A CE2 1 
ATOM   679  C CE3 . TRP A 1 93  ? 0.487   -0.926  8.352   1.00 17.56 ? 86  TRP A CE3 1 
ATOM   680  C CZ2 . TRP A 1 93  ? -0.543  -2.654  10.363  1.00 18.77 ? 86  TRP A CZ2 1 
ATOM   681  C CZ3 . TRP A 1 93  ? -0.006  -2.193  8.043   1.00 18.20 ? 86  TRP A CZ3 1 
ATOM   682  C CH2 . TRP A 1 93  ? -0.514  -3.039  9.047   1.00 18.03 ? 86  TRP A CH2 1 
ATOM   683  N N   . PRO A 1 94  ? 4.600   2.185   9.526   1.00 16.64 ? 87  PRO A N   1 
ATOM   684  C CA  . PRO A 1 94  ? 5.664   2.458   8.573   1.00 16.19 ? 87  PRO A CA  1 
ATOM   685  C C   . PRO A 1 94  ? 5.086   2.625   7.173   1.00 15.48 ? 87  PRO A C   1 
ATOM   686  O O   . PRO A 1 94  ? 4.026   2.056   6.863   1.00 15.04 ? 87  PRO A O   1 
ATOM   687  C CB  . PRO A 1 94  ? 6.539   1.194   8.615   1.00 16.77 ? 87  PRO A CB  1 
ATOM   688  C CG  . PRO A 1 94  ? 6.100   0.422   9.795   1.00 16.90 ? 87  PRO A CG  1 
ATOM   689  C CD  . PRO A 1 94  ? 4.706   0.833   10.113  1.00 16.93 ? 87  PRO A CD  1 
ATOM   690  N N   . ARG A 1 95  ? 5.782   3.414   6.359   1.00 15.14 ? 88  ARG A N   1 
ATOM   691  C CA  . ARG A 1 95  ? 5.424   3.695   4.959   1.00 14.67 ? 88  ARG A CA  1 
ATOM   692  C C   . ARG A 1 95  ? 4.121   4.479   4.785   1.00 14.54 ? 88  ARG A C   1 
ATOM   693  O O   . ARG A 1 95  ? 3.569   4.529   3.688   1.00 14.69 ? 88  ARG A O   1 
ATOM   694  C CB  . ARG A 1 95  ? 5.395   2.416   4.109   1.00 14.78 ? 88  ARG A CB  1 
ATOM   695  C CG  . ARG A 1 95  ? 6.714   1.655   4.053   1.00 14.82 ? 88  ARG A CG  1 
ATOM   696  C CD  . ARG A 1 95  ? 7.842   2.517   3.485   1.00 14.71 ? 88  ARG A CD  1 
ATOM   697  N NE  . ARG A 1 95  ? 9.103   1.783   3.351   1.00 15.75 ? 88  ARG A NE  1 
ATOM   698  C CZ  . ARG A 1 95  ? 9.466   1.076   2.283   1.00 15.87 ? 88  ARG A CZ  1 
ATOM   699  N NH1 . ARG A 1 95  ? 8.664   0.971   1.226   1.00 15.50 ? 88  ARG A NH1 1 
ATOM   700  N NH2 . ARG A 1 95  ? 10.640  0.457   2.284   1.00 17.34 ? 88  ARG A NH2 1 
ATOM   701  N N   . ARG A 1 96  ? 3.649   5.099   5.864   1.00 14.07 ? 89  ARG A N   1 
ATOM   702  C CA  . ARG A 1 96  ? 2.431   5.900   5.827   1.00 13.95 ? 89  ARG A CA  1 
ATOM   703  C C   . ARG A 1 96  ? 2.659   7.292   5.249   1.00 13.41 ? 89  ARG A C   1 
ATOM   704  O O   . ARG A 1 96  ? 3.707   7.918   5.448   1.00 13.61 ? 89  ARG A O   1 
ATOM   705  C CB  . ARG A 1 96  ? 1.827   6.047   7.234   1.00 13.89 ? 89  ARG A CB  1 
ATOM   706  C CG  . ARG A 1 96  ? 2.519   7.109   8.075   1.00 14.53 ? 89  ARG A CG  1 
ATOM   707  C CD  . ARG A 1 96  ? 1.980   7.162   9.496   1.00 14.40 ? 89  ARG A CD  1 
ATOM   708  N NE  . ARG A 1 96  ? 2.759   8.082   10.325  1.00 15.98 ? 89  ARG A NE  1 
ATOM   709  C CZ  . ARG A 1 96  ? 3.915   7.778   10.913  1.00 17.47 ? 89  ARG A CZ  1 
ATOM   710  N NH1 . ARG A 1 96  ? 4.452   6.568   10.773  1.00 18.07 ? 89  ARG A NH1 1 
ATOM   711  N NH2 . ARG A 1 96  ? 4.549   8.694   11.638  1.00 19.34 ? 89  ARG A NH2 1 
ATOM   712  N N   . VAL A 1 97  ? 1.645   7.752   4.531   1.00 13.09 ? 90  VAL A N   1 
ATOM   713  C CA  . VAL A 1 97  ? 1.508   9.149   4.137   1.00 12.97 ? 90  VAL A CA  1 
ATOM   714  C C   . VAL A 1 97  ? 0.116   9.560   4.588   1.00 12.95 ? 90  VAL A C   1 
ATOM   715  O O   . VAL A 1 97  ? -0.884  9.026   4.104   1.00 12.98 ? 90  VAL A O   1 
ATOM   716  C CB  . VAL A 1 97  ? 1.668   9.320   2.612   1.00 12.59 ? 90  VAL A CB  1 
ATOM   717  C CG1 . VAL A 1 97  ? 1.451   10.775  2.222   1.00 13.85 ? 90  VAL A CG1 1 
ATOM   718  C CG2 . VAL A 1 97  ? 3.051   8.834   2.172   1.00 13.00 ? 90  VAL A CG2 1 
ATOM   719  N N   . VAL A 1 98  ? 0.050   10.478  5.552   1.00 13.63 ? 91  VAL A N   1 
ATOM   720  C CA  . VAL A 1 98  ? -1.232  10.878  6.136   1.00 13.87 ? 91  VAL A CA  1 
ATOM   721  C C   . VAL A 1 98  ? -1.677  12.212  5.549   1.00 14.34 ? 91  VAL A C   1 
ATOM   722  O O   . VAL A 1 98  ? -0.912  13.177  5.573   1.00 14.38 ? 91  VAL A O   1 
ATOM   723  C CB  . VAL A 1 98  ? -1.147  10.992  7.677   1.00 14.13 ? 91  VAL A CB  1 
ATOM   724  C CG1 . VAL A 1 98  ? -2.540  11.124  8.262   1.00 13.63 ? 91  VAL A CG1 1 
ATOM   725  C CG2 . VAL A 1 98  ? -0.444  9.760   8.251   1.00 13.00 ? 91  VAL A CG2 1 
ATOM   726  N N   . VAL A 1 99  ? -2.903  12.248  5.031   1.00 14.91 ? 92  VAL A N   1 
ATOM   727  C CA  . VAL A 1 99  ? -3.452  13.451  4.384   1.00 15.81 ? 92  VAL A CA  1 
ATOM   728  C C   . VAL A 1 99  ? -4.644  14.053  5.132   1.00 16.89 ? 92  VAL A C   1 
ATOM   729  O O   . VAL A 1 99  ? -5.346  13.356  5.882   1.00 17.36 ? 92  VAL A O   1 
ATOM   730  C CB  . VAL A 1 99  ? -3.844  13.204  2.889   1.00 15.22 ? 92  VAL A CB  1 
ATOM   731  C CG1 . VAL A 1 99  ? -2.634  12.768  2.075   1.00 14.52 ? 92  VAL A CG1 1 
ATOM   732  C CG2 . VAL A 1 99  ? -4.986  12.209  2.759   1.00 14.40 ? 92  VAL A CG2 1 
ATOM   733  N N   . ASP A 1 100 ? -4.858  15.351  4.920   1.00 18.56 ? 93  ASP A N   1 
ATOM   734  C CA  . ASP A 1 100 ? -6.008  16.051  5.494   1.00 20.41 ? 93  ASP A CA  1 
ATOM   735  C C   . ASP A 1 100 ? -7.299  15.755  4.727   1.00 21.52 ? 93  ASP A C   1 
ATOM   736  O O   . ASP A 1 100 ? -7.260  15.155  3.650   1.00 21.26 ? 93  ASP A O   1 
ATOM   737  C CB  . ASP A 1 100 ? -5.754  17.567  5.669   1.00 20.34 ? 93  ASP A CB  1 
ATOM   738  C CG  . ASP A 1 100 ? -5.432  18.311  4.359   1.00 21.68 ? 93  ASP A CG  1 
ATOM   739  O OD1 . ASP A 1 100 ? -5.814  17.877  3.251   1.00 21.57 ? 93  ASP A OD1 1 
ATOM   740  O OD2 . ASP A 1 100 ? -4.806  19.390  4.460   1.00 23.02 ? 93  ASP A OD2 1 
ATOM   741  N N   . GLU A 1 101 ? -8.436  16.171  5.283   1.00 22.99 ? 94  GLU A N   1 
ATOM   742  C CA  . GLU A 1 101 ? -9.740  15.843  4.689   1.00 24.60 ? 94  GLU A CA  1 
ATOM   743  C C   . GLU A 1 101 ? -9.948  16.472  3.309   1.00 23.83 ? 94  GLU A C   1 
ATOM   744  O O   . GLU A 1 101 ? -10.644 15.903  2.467   1.00 24.29 ? 94  GLU A O   1 
ATOM   745  C CB  . GLU A 1 101 ? -10.895 16.201  5.637   1.00 24.74 ? 94  GLU A CB  1 
ATOM   746  C CG  . GLU A 1 101 ? -10.964 17.671  6.037   1.00 27.07 ? 94  GLU A CG  1 
ATOM   747  C CD  . GLU A 1 101 ? -12.055 17.946  7.059   1.00 27.35 ? 94  GLU A CD  1 
ATOM   748  O OE1 . GLU A 1 101 ? -11.823 18.785  7.957   1.00 31.56 ? 94  GLU A OE1 1 
ATOM   749  O OE2 . GLU A 1 101 ? -13.135 17.317  6.978   1.00 31.46 ? 94  GLU A OE2 1 
ATOM   750  N N   . GLY A 1 102 ? -9.326  17.629  3.080   1.00 23.71 ? 95  GLY A N   1 
ATOM   751  C CA  . GLY A 1 102 ? -9.392  18.325  1.794   1.00 23.12 ? 95  GLY A CA  1 
ATOM   752  C C   . GLY A 1 102 ? -8.749  17.569  0.646   1.00 22.74 ? 95  GLY A C   1 
ATOM   753  O O   . GLY A 1 102 ? -9.149  17.726  -0.508  1.00 22.77 ? 95  GLY A O   1 
ATOM   754  N N   . ALA A 1 103 ? -7.749  16.751  0.964   1.00 21.73 ? 96  ALA A N   1 
ATOM   755  C CA  . ALA A 1 103 ? -7.044  15.946  -0.036  1.00 21.08 ? 96  ALA A CA  1 
ATOM   756  C C   . ALA A 1 103 ? -7.823  14.709  -0.494  1.00 20.54 ? 96  ALA A C   1 
ATOM   757  O O   . ALA A 1 103 ? -7.583  14.181  -1.585  1.00 20.31 ? 96  ALA A O   1 
ATOM   758  C CB  . ALA A 1 103 ? -5.689  15.536  0.497   1.00 21.21 ? 96  ALA A CB  1 
ATOM   759  N N   . VAL A 1 104 ? -8.753  14.252  0.339   1.00 20.02 ? 97  VAL A N   1 
ATOM   760  C CA  . VAL A 1 104 ? -9.420  12.957  0.146   1.00 19.69 ? 97  VAL A CA  1 
ATOM   761  C C   . VAL A 1 104 ? -10.178 12.800  -1.185  1.00 19.78 ? 97  VAL A C   1 
ATOM   762  O O   . VAL A 1 104 ? -9.904  11.856  -1.942  1.00 19.24 ? 97  VAL A O   1 
ATOM   763  C CB  . VAL A 1 104 ? -10.334 12.603  1.363   1.00 19.98 ? 97  VAL A CB  1 
ATOM   764  C CG1 . VAL A 1 104 ? -11.122 11.314  1.118   1.00 19.85 ? 97  VAL A CG1 1 
ATOM   765  C CG2 . VAL A 1 104 ? -9.500  12.481  2.623   1.00 19.92 ? 97  VAL A CG2 1 
ATOM   766  N N   . PRO A 1 105 ? -11.121 13.716  -1.483  1.00 19.43 ? 98  PRO A N   1 
ATOM   767  C CA  . PRO A 1 105 ? -11.912 13.506  -2.699  1.00 19.64 ? 98  PRO A CA  1 
ATOM   768  C C   . PRO A 1 105 ? -11.070 13.513  -3.979  1.00 19.14 ? 98  PRO A C   1 
ATOM   769  O O   . PRO A 1 105 ? -11.375 12.775  -4.916  1.00 19.35 ? 98  PRO A O   1 
ATOM   770  C CB  . PRO A 1 105 ? -12.919 14.664  -2.677  1.00 19.63 ? 98  PRO A CB  1 
ATOM   771  C CG  . PRO A 1 105 ? -12.352 15.671  -1.764  1.00 20.18 ? 98  PRO A CG  1 
ATOM   772  C CD  . PRO A 1 105 ? -11.519 14.943  -0.766  1.00 19.78 ? 98  PRO A CD  1 
ATOM   773  N N   . HIS A 1 106 ? -10.007 14.313  -4.004  1.00 19.13 ? 99  HIS A N   1 
ATOM   774  C CA  . HIS A 1 106 ? -9.109  14.356  -5.155  1.00 18.76 ? 99  HIS A CA  1 
ATOM   775  C C   . HIS A 1 106 ? -8.421  13.007  -5.373  1.00 18.43 ? 99  HIS A C   1 
ATOM   776  O O   . HIS A 1 106 ? -8.411  12.483  -6.487  1.00 17.64 ? 99  HIS A O   1 
ATOM   777  C CB  . HIS A 1 106 ? -8.071  15.460  -4.977  1.00 19.76 ? 99  HIS A CB  1 
ATOM   778  C CG  . HIS A 1 106 ? -8.660  16.833  -4.940  1.00 21.47 ? 99  HIS A CG  1 
ATOM   779  N ND1 . HIS A 1 106 ? -8.992  17.528  -6.081  1.00 23.19 ? 99  HIS A ND1 1 
ATOM   780  C CD2 . HIS A 1 106 ? -8.993  17.635  -3.900  1.00 23.61 ? 99  HIS A CD2 1 
ATOM   781  C CE1 . HIS A 1 106 ? -9.495  18.703  -5.748  1.00 23.82 ? 99  HIS A CE1 1 
ATOM   782  N NE2 . HIS A 1 106 ? -9.509  18.792  -4.431  1.00 24.82 ? 99  HIS A NE2 1 
ATOM   783  N N   . ILE A 1 107 ? -7.870  12.447  -4.296  1.00 17.68 ? 100 ILE A N   1 
ATOM   784  C CA  . ILE A 1 107 ? -7.173  11.154  -4.349  1.00 17.67 ? 100 ILE A CA  1 
ATOM   785  C C   . ILE A 1 107 ? -8.107  10.005  -4.756  1.00 18.30 ? 100 ILE A C   1 
ATOM   786  O O   . ILE A 1 107 ? -7.730  9.131   -5.542  1.00 18.32 ? 100 ILE A O   1 
ATOM   787  C CB  . ILE A 1 107 ? -6.458  10.854  -3.006  1.00 17.38 ? 100 ILE A CB  1 
ATOM   788  C CG1 . ILE A 1 107 ? -5.348  11.889  -2.774  1.00 16.84 ? 100 ILE A CG1 1 
ATOM   789  C CG2 . ILE A 1 107 ? -5.888  9.421   -2.973  1.00 17.27 ? 100 ILE A CG2 1 
ATOM   790  C CD1 . ILE A 1 107 ? -4.922  12.038  -1.317  1.00 17.02 ? 100 ILE A CD1 1 
ATOM   791  N N   . LEU A 1 108 ? -9.329  10.009  -4.228  1.00 18.61 ? 101 LEU A N   1 
ATOM   792  C CA  . LEU A 1 108 ? -10.303 8.982   -4.591  1.00 19.16 ? 101 LEU A CA  1 
ATOM   793  C C   . LEU A 1 108 ? -10.786 9.102   -6.045  1.00 19.73 ? 101 LEU A C   1 
ATOM   794  O O   . LEU A 1 108 ? -11.376 8.160   -6.590  1.00 19.80 ? 101 LEU A O   1 
ATOM   795  C CB  . LEU A 1 108 ? -11.481 8.983   -3.607  1.00 19.29 ? 101 LEU A CB  1 
ATOM   796  C CG  . LEU A 1 108 ? -11.164 8.587   -2.159  1.00 19.73 ? 101 LEU A CG  1 
ATOM   797  C CD1 . LEU A 1 108 ? -12.424 8.679   -1.312  1.00 21.75 ? 101 LEU A CD1 1 
ATOM   798  C CD2 . LEU A 1 108 ? -10.559 7.175   -2.073  1.00 20.24 ? 101 LEU A CD2 1 
ATOM   799  N N   . ASN A 1 109 ? -10.520 10.258  -6.652  1.00 20.10 ? 102 ASN A N   1 
ATOM   800  C CA  . ASN A 1 109 ? -10.846 10.530  -8.061  1.00 20.92 ? 102 ASN A CA  1 
ATOM   801  C C   . ASN A 1 109 ? -9.651  10.313  -9.007  1.00 20.41 ? 102 ASN A C   1 
ATOM   802  O O   . ASN A 1 109 ? -9.746  10.592  -10.206 1.00 20.72 ? 102 ASN A O   1 
ATOM   803  C CB  . ASN A 1 109 ? -11.419 11.954  -8.205  1.00 21.39 ? 102 ASN A CB  1 
ATOM   804  C CG  . ASN A 1 109 ? -11.796 12.312  -9.651  1.00 24.18 ? 102 ASN A CG  1 
ATOM   805  O OD1 . ASN A 1 109 ? -11.273 13.274  -10.227 1.00 27.98 ? 102 ASN A OD1 1 
ATOM   806  N ND2 . ASN A 1 109 ? -12.698 11.535  -10.236 1.00 26.56 ? 102 ASN A ND2 1 
ATOM   807  N N   . GLY A 1 110 ? -8.534  9.812   -8.475  1.00 19.73 ? 103 GLY A N   1 
ATOM   808  C CA  . GLY A 1 110 ? -7.374  9.475   -9.310  1.00 18.97 ? 103 GLY A CA  1 
ATOM   809  C C   . GLY A 1 110 ? -6.215  10.462  -9.299  1.00 18.48 ? 103 GLY A C   1 
ATOM   810  O O   . GLY A 1 110 ? -5.251  10.304  -10.063 1.00 18.63 ? 103 GLY A O   1 
ATOM   811  N N   . ALA A 1 111 ? -6.293  11.475  -8.439  1.00 17.55 ? 104 ALA A N   1 
ATOM   812  C CA  . ALA A 1 111 ? -5.214  12.451  -8.309  1.00 17.25 ? 104 ALA A CA  1 
ATOM   813  C C   . ALA A 1 111 ? -4.044  11.903  -7.500  1.00 16.53 ? 104 ALA A C   1 
ATOM   814  O O   . ALA A 1 111 ? -4.232  11.082  -6.594  1.00 16.91 ? 104 ALA A O   1 
ATOM   815  C CB  . ALA A 1 111 ? -5.730  13.748  -7.679  1.00 17.44 ? 104 ALA A CB  1 
ATOM   816  N N   . ASP A 1 112 ? -2.838  12.364  -7.820  1.00 15.93 ? 105 ASP A N   1 
ATOM   817  C CA  . ASP A 1 112 ? -1.661  12.021  -7.038  1.00 15.14 ? 105 ASP A CA  1 
ATOM   818  C C   . ASP A 1 112 ? -1.669  12.816  -5.736  1.00 14.50 ? 105 ASP A C   1 
ATOM   819  O O   . ASP A 1 112 ? -2.454  13.751  -5.585  1.00 14.26 ? 105 ASP A O   1 
ATOM   820  C CB  . ASP A 1 112 ? -0.388  12.272  -7.845  1.00 15.44 ? 105 ASP A CB  1 
ATOM   821  C CG  . ASP A 1 112 ? -0.232  11.280  -8.991  1.00 16.44 ? 105 ASP A CG  1 
ATOM   822  O OD1 . ASP A 1 112 ? -0.581  10.095  -8.803  1.00 15.44 ? 105 ASP A OD1 1 
ATOM   823  O OD2 . ASP A 1 112 ? 0.227   11.683  -10.082 1.00 17.76 ? 105 ASP A OD2 1 
ATOM   824  N N   . VAL A 1 113 ? -0.822  12.430  -4.791  1.00 14.14 ? 106 VAL A N   1 
ATOM   825  C CA  . VAL A 1 113 ? -0.782  13.141  -3.505  1.00 13.57 ? 106 VAL A CA  1 
ATOM   826  C C   . VAL A 1 113 ? 0.147   14.340  -3.587  1.00 13.37 ? 106 VAL A C   1 
ATOM   827  O O   . VAL A 1 113 ? 1.326   14.203  -3.918  1.00 13.17 ? 106 VAL A O   1 
ATOM   828  C CB  . VAL A 1 113 ? -0.368  12.230  -2.334  1.00 13.58 ? 106 VAL A CB  1 
ATOM   829  C CG1 . VAL A 1 113 ? -0.477  12.997  -1.007  1.00 13.88 ? 106 VAL A CG1 1 
ATOM   830  C CG2 . VAL A 1 113 ? -1.242  10.990  -2.296  1.00 13.33 ? 106 VAL A CG2 1 
ATOM   831  N N   . MET A 1 114 ? -0.395  15.515  -3.274  1.00 13.31 ? 107 MET A N   1 
ATOM   832  C CA  . MET A 1 114 ? 0.371   16.757  -3.302  1.00 13.93 ? 107 MET A CA  1 
ATOM   833  C C   . MET A 1 114 ? 0.837   17.126  -1.895  1.00 14.06 ? 107 MET A C   1 
ATOM   834  O O   . MET A 1 114 ? 0.092   16.949  -0.932  1.00 14.49 ? 107 MET A O   1 
ATOM   835  C CB  . MET A 1 114 ? -0.474  17.887  -3.894  1.00 14.04 ? 107 MET A CB  1 
ATOM   836  C CG  . MET A 1 114 ? -1.081  17.557  -5.270  1.00 15.38 ? 107 MET A CG  1 
ATOM   837  S SD  . MET A 1 114 ? 0.167   17.170  -6.512  1.00 17.41 ? 107 MET A SD  1 
ATOM   838  C CE  . MET A 1 114 ? 1.031   18.732  -6.638  1.00 18.25 ? 107 MET A CE  1 
ATOM   839  N N   . ALA A 1 115 ? 2.058   17.647  -1.790  1.00 14.89 ? 108 ALA A N   1 
ATOM   840  C CA  . ALA A 1 115 ? 2.655   17.994  -0.494  1.00 15.22 ? 108 ALA A CA  1 
ATOM   841  C C   . ALA A 1 115 ? 1.802   18.881  0.433   1.00 15.70 ? 108 ALA A C   1 
ATOM   842  O O   . ALA A 1 115 ? 1.810   18.657  1.647   1.00 15.76 ? 108 ALA A O   1 
ATOM   843  C CB  . ALA A 1 115 ? 4.051   18.586  -0.677  1.00 15.55 ? 108 ALA A CB  1 
ATOM   844  N N   . PRO A 1 116 ? 1.086   19.897  -0.108  1.00 15.68 ? 109 PRO A N   1 
ATOM   845  C CA  . PRO A 1 116 ? 0.282   20.725  0.814   1.00 15.93 ? 109 PRO A CA  1 
ATOM   846  C C   . PRO A 1 116 ? -0.776  19.979  1.639   1.00 15.84 ? 109 PRO A C   1 
ATOM   847  O O   . PRO A 1 116 ? -1.178  20.477  2.696   1.00 16.24 ? 109 PRO A O   1 
ATOM   848  C CB  . PRO A 1 116 ? -0.382  21.761  -0.105  1.00 16.35 ? 109 PRO A CB  1 
ATOM   849  C CG  . PRO A 1 116 ? -0.245  21.226  -1.496  1.00 16.17 ? 109 PRO A CG  1 
ATOM   850  C CD  . PRO A 1 116 ? 1.009   20.395  -1.497  1.00 15.88 ? 109 PRO A CD  1 
ATOM   851  N N   . GLY A 1 117 ? -1.202  18.806  1.176   1.00 15.52 ? 110 GLY A N   1 
ATOM   852  C CA  . GLY A 1 117 ? -2.254  18.025  1.839   1.00 15.90 ? 110 GLY A CA  1 
ATOM   853  C C   . GLY A 1 117 ? -1.753  16.985  2.826   1.00 15.56 ? 110 GLY A C   1 
ATOM   854  O O   . GLY A 1 117 ? -2.553  16.281  3.443   1.00 15.64 ? 110 GLY A O   1 
ATOM   855  N N   . ILE A 1 118 ? -0.437  16.880  2.957   1.00 15.63 ? 111 ILE A N   1 
ATOM   856  C CA  . ILE A 1 118 ? 0.181   15.884  3.838   1.00 15.53 ? 111 ILE A CA  1 
ATOM   857  C C   . ILE A 1 118 ? 0.359   16.445  5.245   1.00 15.57 ? 111 ILE A C   1 
ATOM   858  O O   . ILE A 1 118 ? 1.024   17.468  5.432   1.00 15.88 ? 111 ILE A O   1 
ATOM   859  C CB  . ILE A 1 118 ? 1.528   15.375  3.260   1.00 15.42 ? 111 ILE A CB  1 
ATOM   860  C CG1 . ILE A 1 118 ? 1.276   14.615  1.951   1.00 15.01 ? 111 ILE A CG1 1 
ATOM   861  C CG2 . ILE A 1 118 ? 2.271   14.479  4.279   1.00 16.04 ? 111 ILE A CG2 1 
ATOM   862  C CD1 . ILE A 1 118 ? 2.525   14.225  1.196   1.00 15.42 ? 111 ILE A CD1 1 
ATOM   863  N N   . VAL A 1 119 ? -0.221  15.750  6.226   1.00 15.59 ? 112 VAL A N   1 
ATOM   864  C CA  . VAL A 1 119 ? -0.138  16.158  7.636   1.00 15.87 ? 112 VAL A CA  1 
ATOM   865  C C   . VAL A 1 119 ? 0.912   15.366  8.430   1.00 16.19 ? 112 VAL A C   1 
ATOM   866  O O   . VAL A 1 119 ? 1.357   15.804  9.499   1.00 16.71 ? 112 VAL A O   1 
ATOM   867  C CB  . VAL A 1 119 ? -1.516  16.109  8.344   1.00 15.96 ? 112 VAL A CB  1 
ATOM   868  C CG1 . VAL A 1 119 ? -2.480  17.107  7.711   1.00 15.67 ? 112 VAL A CG1 1 
ATOM   869  C CG2 . VAL A 1 119 ? -2.103  14.710  8.331   1.00 16.02 ? 112 VAL A CG2 1 
ATOM   870  N N   . ASP A 1 120 ? 1.293   14.199  7.914   1.00 15.81 ? 113 ASP A N   1 
ATOM   871  C CA  . ASP A 1 120 ? 2.329   13.374  8.536   1.00 15.63 ? 113 ASP A CA  1 
ATOM   872  C C   . ASP A 1 120 ? 2.799   12.343  7.527   1.00 15.60 ? 113 ASP A C   1 
ATOM   873  O O   . ASP A 1 120 ? 2.080   12.020  6.587   1.00 15.54 ? 113 ASP A O   1 
ATOM   874  C CB  . ASP A 1 120 ? 1.782   12.659  9.782   1.00 15.98 ? 113 ASP A CB  1 
ATOM   875  C CG  . ASP A 1 120 ? 2.865   11.957  10.583  1.00 16.22 ? 113 ASP A CG  1 
ATOM   876  O OD1 . ASP A 1 120 ? 4.012   12.450  10.597  1.00 16.51 ? 113 ASP A OD1 1 
ATOM   877  O OD2 . ASP A 1 120 ? 2.567   10.903  11.201  1.00 17.61 ? 113 ASP A OD2 1 
ATOM   878  N N   . ALA A 1 121 ? 4.015   11.846  7.731   1.00 15.83 ? 114 ALA A N   1 
ATOM   879  C CA  . ALA A 1 121 ? 4.587   10.795  6.901   1.00 16.08 ? 114 ALA A CA  1 
ATOM   880  C C   . ALA A 1 121 ? 5.643   10.062  7.710   1.00 16.45 ? 114 ALA A C   1 
ATOM   881  O O   . ALA A 1 121 ? 6.247   10.635  8.616   1.00 16.46 ? 114 ALA A O   1 
ATOM   882  C CB  . ALA A 1 121 ? 5.197   11.388  5.619   1.00 16.12 ? 114 ALA A CB  1 
ATOM   883  N N   . ASP A 1 122 ? 5.844   8.791   7.397   1.00 16.86 ? 115 ASP A N   1 
ATOM   884  C CA  . ASP A 1 122 ? 6.912   8.014   8.011   1.00 17.73 ? 115 ASP A CA  1 
ATOM   885  C C   . ASP A 1 122 ? 8.263   8.574   7.573   1.00 18.21 ? 115 ASP A C   1 
ATOM   886  O O   . ASP A 1 122 ? 8.584   8.570   6.389   1.00 18.11 ? 115 ASP A O   1 
ATOM   887  C CB  . ASP A 1 122 ? 6.767   6.545   7.603   1.00 17.59 ? 115 ASP A CB  1 
ATOM   888  C CG  . ASP A 1 122 ? 7.933   5.685   8.054   1.00 18.42 ? 115 ASP A CG  1 
ATOM   889  O OD1 . ASP A 1 122 ? 8.659   6.076   8.997   1.00 18.97 ? 115 ASP A OD1 1 
ATOM   890  O OD2 . ASP A 1 122 ? 8.108   4.605   7.460   1.00 18.20 ? 115 ASP A OD2 1 
ATOM   891  N N   . GLU A 1 123 ? 9.052   9.059   8.530   1.00 19.39 ? 116 GLU A N   1 
ATOM   892  C CA  . GLU A 1 123 ? 10.364  9.637   8.203   1.00 20.54 ? 116 GLU A CA  1 
ATOM   893  C C   . GLU A 1 123 ? 11.336  8.607   7.610   1.00 20.64 ? 116 GLU A C   1 
ATOM   894  O O   . GLU A 1 123 ? 12.355  8.968   7.020   1.00 21.35 ? 116 GLU A O   1 
ATOM   895  C CB  . GLU A 1 123 ? 10.964  10.346  9.419   1.00 21.00 ? 116 GLU A CB  1 
ATOM   896  C CG  . GLU A 1 123 ? 10.130  11.542  9.885   1.00 23.23 ? 116 GLU A CG  1 
ATOM   897  C CD  . GLU A 1 123 ? 10.958  12.651  10.511  1.00 26.77 ? 116 GLU A CD  1 
ATOM   898  O OE1 . GLU A 1 123 ? 12.203  12.529  10.560  1.00 28.64 ? 116 GLU A OE1 1 
ATOM   899  O OE2 . GLU A 1 123 ? 10.354  13.656  10.952  1.00 27.58 ? 116 GLU A OE2 1 
ATOM   900  N N   . GLY A 1 124 ? 10.992  7.326   7.741   1.00 20.85 ? 117 GLY A N   1 
ATOM   901  C CA  . GLY A 1 124 ? 11.782  6.246   7.157   1.00 20.68 ? 117 GLY A CA  1 
ATOM   902  C C   . GLY A 1 124 ? 11.655  6.135   5.647   1.00 20.57 ? 117 GLY A C   1 
ATOM   903  O O   . GLY A 1 124 ? 12.478  5.485   4.999   1.00 21.11 ? 117 GLY A O   1 
ATOM   904  N N   . ILE A 1 125 ? 10.625  6.772   5.088   1.00 20.05 ? 118 ILE A N   1 
ATOM   905  C CA  . ILE A 1 125 ? 10.357  6.761   3.648   1.00 19.18 ? 118 ILE A CA  1 
ATOM   906  C C   . ILE A 1 125 ? 11.470  7.455   2.854   1.00 19.43 ? 118 ILE A C   1 
ATOM   907  O O   . ILE A 1 125 ? 11.878  8.572   3.187   1.00 19.36 ? 118 ILE A O   1 
ATOM   908  C CB  . ILE A 1 125 ? 8.990   7.448   3.310   1.00 19.02 ? 118 ILE A CB  1 
ATOM   909  C CG1 . ILE A 1 125 ? 7.809   6.615   3.811   1.00 18.52 ? 118 ILE A CG1 1 
ATOM   910  C CG2 . ILE A 1 125 ? 8.844   7.686   1.808   1.00 18.09 ? 118 ILE A CG2 1 
ATOM   911  C CD1 . ILE A 1 125 ? 6.509   7.406   3.930   1.00 18.13 ? 118 ILE A CD1 1 
ATOM   912  N N   . LYS A 1 126 ? 11.955  6.780   1.816   1.00 19.56 ? 119 LYS A N   1 
ATOM   913  C CA  . LYS A 1 126 ? 12.884  7.374   0.851   1.00 19.97 ? 119 LYS A CA  1 
ATOM   914  C C   . LYS A 1 126 ? 12.211  7.484   -0.506  1.00 20.04 ? 119 LYS A C   1 
ATOM   915  O O   . LYS A 1 126 ? 11.291  6.721   -0.806  1.00 19.48 ? 119 LYS A O   1 
ATOM   916  C CB  . LYS A 1 126 ? 14.135  6.509   0.702   1.00 20.62 ? 119 LYS A CB  1 
ATOM   917  C CG  . LYS A 1 126 ? 15.035  6.485   1.930   1.00 21.90 ? 119 LYS A CG  1 
ATOM   918  C CD  . LYS A 1 126 ? 16.416  5.924   1.586   1.00 25.70 ? 119 LYS A CD  1 
ATOM   919  C CE  . LYS A 1 126 ? 16.399  4.416   1.382   1.00 27.87 ? 119 LYS A CE  1 
ATOM   920  N NZ  . LYS A 1 126 ? 16.247  3.676   2.668   1.00 28.93 ? 119 LYS A NZ  1 
ATOM   921  N N   . GLU A 1 127 ? 12.674  8.423   -1.333  1.00 20.14 ? 120 GLU A N   1 
ATOM   922  C CA  . GLU A 1 127 ? 12.204  8.520   -2.718  1.00 21.00 ? 120 GLU A CA  1 
ATOM   923  C C   . GLU A 1 127 ? 12.284  7.147   -3.366  1.00 20.33 ? 120 GLU A C   1 
ATOM   924  O O   . GLU A 1 127 ? 13.290  6.452   -3.220  1.00 20.55 ? 120 GLU A O   1 
ATOM   925  C CB  . GLU A 1 127 ? 13.055  9.506   -3.524  1.00 20.82 ? 120 GLU A CB  1 
ATOM   926  C CG  . GLU A 1 127 ? 12.910  10.956  -3.111  1.00 23.13 ? 120 GLU A CG  1 
ATOM   927  C CD  . GLU A 1 127 ? 13.603  11.920  -4.068  1.00 23.44 ? 120 GLU A CD  1 
ATOM   928  O OE1 . GLU A 1 127 ? 13.930  11.514  -5.205  1.00 26.39 ? 120 GLU A OE1 1 
ATOM   929  O OE2 . GLU A 1 127 ? 13.805  13.093  -3.685  1.00 28.14 ? 120 GLU A OE2 1 
ATOM   930  N N   . GLY A 1 128 ? 11.216  6.754   -4.055  1.00 19.56 ? 121 GLY A N   1 
ATOM   931  C CA  . GLY A 1 128 ? 11.169  5.468   -4.747  1.00 19.04 ? 121 GLY A CA  1 
ATOM   932  C C   . GLY A 1 128 ? 10.474  4.367   -3.970  1.00 18.34 ? 121 GLY A C   1 
ATOM   933  O O   . GLY A 1 128 ? 10.078  3.356   -4.555  1.00 18.59 ? 121 GLY A O   1 
ATOM   934  N N   . ASP A 1 129 ? 10.334  4.565   -2.658  1.00 17.85 ? 122 ASP A N   1 
ATOM   935  C CA  . ASP A 1 129 ? 9.673   3.592   -1.773  1.00 17.49 ? 122 ASP A CA  1 
ATOM   936  C C   . ASP A 1 129 ? 8.191   3.479   -2.080  1.00 16.80 ? 122 ASP A C   1 
ATOM   937  O O   . ASP A 1 129 ? 7.534   4.485   -2.376  1.00 16.58 ? 122 ASP A O   1 
ATOM   938  C CB  . ASP A 1 129 ? 9.824   4.000   -0.298  1.00 17.62 ? 122 ASP A CB  1 
ATOM   939  C CG  . ASP A 1 129 ? 11.196  3.677   0.289   1.00 19.14 ? 122 ASP A CG  1 
ATOM   940  O OD1 . ASP A 1 129 ? 12.050  3.073   -0.400  1.00 21.06 ? 122 ASP A OD1 1 
ATOM   941  O OD2 . ASP A 1 129 ? 11.414  4.024   1.470   1.00 20.76 ? 122 ASP A OD2 1 
ATOM   942  N N   . PHE A 1 130 ? 7.659   2.259   -1.993  1.00 16.16 ? 123 PHE A N   1 
ATOM   943  C CA  . PHE A 1 130 ? 6.218   2.039   -1.971  1.00 15.80 ? 123 PHE A CA  1 
ATOM   944  C C   . PHE A 1 130 ? 5.676   2.630   -0.678  1.00 14.89 ? 123 PHE A C   1 
ATOM   945  O O   . PHE A 1 130 ? 6.265   2.446   0.389   1.00 14.69 ? 123 PHE A O   1 
ATOM   946  C CB  . PHE A 1 130 ? 5.894   0.547   -1.947  1.00 16.60 ? 123 PHE A CB  1 
ATOM   947  C CG  . PHE A 1 130 ? 5.835   -0.104  -3.294  1.00 18.72 ? 123 PHE A CG  1 
ATOM   948  C CD1 . PHE A 1 130 ? 5.157   0.491   -4.355  1.00 21.43 ? 123 PHE A CD1 1 
ATOM   949  C CD2 . PHE A 1 130 ? 6.427   -1.346  -3.488  1.00 21.42 ? 123 PHE A CD2 1 
ATOM   950  C CE1 . PHE A 1 130 ? 5.092   -0.135  -5.600  1.00 22.94 ? 123 PHE A CE1 1 
ATOM   951  C CE2 . PHE A 1 130 ? 6.369   -1.979  -4.722  1.00 22.61 ? 123 PHE A CE2 1 
ATOM   952  C CZ  . PHE A 1 130 ? 5.696   -1.372  -5.782  1.00 21.73 ? 123 PHE A CZ  1 
ATOM   953  N N   . VAL A 1 131 ? 4.552   3.331   -0.773  1.00 14.01 ? 124 VAL A N   1 
ATOM   954  C CA  . VAL A 1 131 ? 3.913   3.926   0.403   1.00 13.36 ? 124 VAL A CA  1 
ATOM   955  C C   . VAL A 1 131 ? 2.406   3.699   0.338   1.00 12.99 ? 124 VAL A C   1 
ATOM   956  O O   . VAL A 1 131 ? 1.867   3.400   -0.726  1.00 12.79 ? 124 VAL A O   1 
ATOM   957  C CB  . VAL A 1 131 ? 4.201   5.453   0.521   1.00 13.22 ? 124 VAL A CB  1 
ATOM   958  C CG1 . VAL A 1 131 ? 5.698   5.714   0.779   1.00 13.71 ? 124 VAL A CG1 1 
ATOM   959  C CG2 . VAL A 1 131 ? 3.697   6.220   -0.708  1.00 13.67 ? 124 VAL A CG2 1 
ATOM   960  N N   . PHE A 1 132 ? 1.722   3.825   1.474   1.00 12.44 ? 125 PHE A N   1 
ATOM   961  C CA  . PHE A 1 132 ? 0.270   3.915   1.439   1.00 12.73 ? 125 PHE A CA  1 
ATOM   962  C C   . PHE A 1 132 ? -0.181  5.276   1.943   1.00 12.58 ? 125 PHE A C   1 
ATOM   963  O O   . PHE A 1 132 ? 0.545   5.950   2.680   1.00 12.38 ? 125 PHE A O   1 
ATOM   964  C CB  . PHE A 1 132 ? -0.419  2.782   2.222   1.00 12.97 ? 125 PHE A CB  1 
ATOM   965  C CG  . PHE A 1 132 ? -0.218  2.859   3.703   1.00 13.74 ? 125 PHE A CG  1 
ATOM   966  C CD1 . PHE A 1 132 ? -1.128  3.537   4.506   1.00 14.25 ? 125 PHE A CD1 1 
ATOM   967  C CD2 . PHE A 1 132 ? 0.885   2.253   4.300   1.00 15.30 ? 125 PHE A CD2 1 
ATOM   968  C CE1 . PHE A 1 132 ? -0.936  3.624   5.882   1.00 14.11 ? 125 PHE A CE1 1 
ATOM   969  C CE2 . PHE A 1 132 ? 1.075   2.325   5.676   1.00 15.00 ? 125 PHE A CE2 1 
ATOM   970  C CZ  . PHE A 1 132 ? 0.163   3.015   6.463   1.00 13.60 ? 125 PHE A CZ  1 
ATOM   971  N N   . VAL A 1 133 ? -1.384  5.660   1.532   1.00 12.51 ? 126 VAL A N   1 
ATOM   972  C CA  . VAL A 1 133 ? -1.949  6.965   1.840   1.00 12.76 ? 126 VAL A CA  1 
ATOM   973  C C   . VAL A 1 133 ? -3.173  6.748   2.717   1.00 13.24 ? 126 VAL A C   1 
ATOM   974  O O   . VAL A 1 133 ? -4.050  5.966   2.367   1.00 13.23 ? 126 VAL A O   1 
ATOM   975  C CB  . VAL A 1 133 ? -2.362  7.712   0.550   1.00 13.12 ? 126 VAL A CB  1 
ATOM   976  C CG1 . VAL A 1 133 ? -2.857  9.121   0.878   1.00 12.98 ? 126 VAL A CG1 1 
ATOM   977  C CG2 . VAL A 1 133 ? -1.192  7.764   -0.441  1.00 13.36 ? 126 VAL A CG2 1 
ATOM   978  N N   . VAL A 1 134 ? -3.216  7.435   3.858   1.00 14.04 ? 127 VAL A N   1 
ATOM   979  C CA  . VAL A 1 134 ? -4.362  7.336   4.773   1.00 14.92 ? 127 VAL A CA  1 
ATOM   980  C C   . VAL A 1 134 ? -4.841  8.721   5.166   1.00 15.27 ? 127 VAL A C   1 
ATOM   981  O O   . VAL A 1 134 ? -4.036  9.646   5.257   1.00 15.14 ? 127 VAL A O   1 
ATOM   982  C CB  . VAL A 1 134 ? -4.026  6.536   6.064   1.00 15.28 ? 127 VAL A CB  1 
ATOM   983  C CG1 . VAL A 1 134 ? -4.016  5.046   5.771   1.00 16.82 ? 127 VAL A CG1 1 
ATOM   984  C CG2 . VAL A 1 134 ? -2.704  7.005   6.673   1.00 15.10 ? 127 VAL A CG2 1 
ATOM   985  N N   . GLU A 1 135 ? -6.141  8.855   5.415   1.00 16.18 ? 128 GLU A N   1 
ATOM   986  C CA  . GLU A 1 135 ? -6.696  10.128  5.875   1.00 17.30 ? 128 GLU A CA  1 
ATOM   987  C C   . GLU A 1 135 ? -6.664  10.203  7.399   1.00 18.43 ? 128 GLU A C   1 
ATOM   988  O O   . GLU A 1 135 ? -6.801  9.186   8.077   1.00 17.90 ? 128 GLU A O   1 
ATOM   989  C CB  . GLU A 1 135 ? -8.101  10.386  5.310   1.00 17.62 ? 128 GLU A CB  1 
ATOM   990  C CG  . GLU A 1 135 ? -9.114  9.252   5.451   1.00 18.50 ? 128 GLU A CG  1 
ATOM   991  C CD  . GLU A 1 135 ? -9.738  9.157   6.841   1.00 20.37 ? 128 GLU A CD  1 
ATOM   992  O OE1 . GLU A 1 135 ? -10.046 8.029   7.272   1.00 20.30 ? 128 GLU A OE1 1 
ATOM   993  O OE2 . GLU A 1 135 ? -9.910  10.204  7.506   1.00 21.84 ? 128 GLU A OE2 1 
ATOM   994  N N   . GLU A 1 136 ? -6.484  11.412  7.922   1.00 19.83 ? 129 GLU A N   1 
ATOM   995  C CA  . GLU A 1 136 ? -6.110  11.589  9.327   1.00 22.23 ? 129 GLU A CA  1 
ATOM   996  C C   . GLU A 1 136 ? -7.203  11.296  10.375  1.00 22.89 ? 129 GLU A C   1 
ATOM   997  O O   . GLU A 1 136 ? -6.894  11.172  11.561  1.00 23.25 ? 129 GLU A O   1 
ATOM   998  C CB  . GLU A 1 136 ? -5.466  12.966  9.553   1.00 22.03 ? 129 GLU A CB  1 
ATOM   999  C CG  . GLU A 1 136 ? -6.389  14.163  9.377   1.00 23.58 ? 129 GLU A CG  1 
ATOM   1000 C CD  . GLU A 1 136 ? -5.698  15.497  9.669   1.00 23.45 ? 129 GLU A CD  1 
ATOM   1001 O OE1 . GLU A 1 136 ? -4.793  15.546  10.528  1.00 25.95 ? 129 GLU A OE1 1 
ATOM   1002 O OE2 . GLU A 1 136 ? -6.059  16.507  9.033   1.00 26.52 ? 129 GLU A OE2 1 
ATOM   1003 N N   . LYS A 1 137 ? -8.456  11.160  9.955   1.00 24.39 ? 130 LYS A N   1 
ATOM   1004 C CA  . LYS A 1 137 ? -9.532  10.915  10.926  1.00 25.38 ? 130 LYS A CA  1 
ATOM   1005 C C   . LYS A 1 137 ? -9.688  9.440   11.325  1.00 25.69 ? 130 LYS A C   1 
ATOM   1006 O O   . LYS A 1 137 ? -9.307  9.062   12.437  1.00 25.64 ? 130 LYS A O   1 
ATOM   1007 C CB  . LYS A 1 137 ? -10.856 11.533  10.474  1.00 25.94 ? 130 LYS A CB  1 
ATOM   1008 C CG  . LYS A 1 137 ? -11.993 11.330  11.466  1.00 27.72 ? 130 LYS A CG  1 
ATOM   1009 C CD  . LYS A 1 137 ? -13.165 12.262  11.197  1.00 29.88 ? 130 LYS A CD  1 
ATOM   1010 C CE  . LYS A 1 137 ? -14.367 11.904  12.070  1.00 31.11 ? 130 LYS A CE  1 
ATOM   1011 N NZ  . LYS A 1 137 ? -14.025 11.713  13.515  1.00 32.22 ? 130 LYS A NZ  1 
ATOM   1012 N N   . TYR A 1 138 ? -10.240 8.616   10.433  1.00 25.92 ? 131 TYR A N   1 
ATOM   1013 C CA  . TYR A 1 138 ? -10.431 7.191   10.723  1.00 26.28 ? 131 TYR A CA  1 
ATOM   1014 C C   . TYR A 1 138 ? -9.214  6.362   10.352  1.00 25.63 ? 131 TYR A C   1 
ATOM   1015 O O   . TYR A 1 138 ? -9.185  5.146   10.579  1.00 25.79 ? 131 TYR A O   1 
ATOM   1016 C CB  . TYR A 1 138 ? -11.665 6.640   9.999   1.00 27.82 ? 131 TYR A CB  1 
ATOM   1017 C CG  . TYR A 1 138 ? -12.957 7.329   10.365  1.00 29.79 ? 131 TYR A CG  1 
ATOM   1018 C CD1 . TYR A 1 138 ? -13.717 6.896   11.455  1.00 31.25 ? 131 TYR A CD1 1 
ATOM   1019 C CD2 . TYR A 1 138 ? -13.420 8.413   9.623   1.00 31.04 ? 131 TYR A CD2 1 
ATOM   1020 C CE1 . TYR A 1 138 ? -14.906 7.531   11.794  1.00 32.43 ? 131 TYR A CE1 1 
ATOM   1021 C CE2 . TYR A 1 138 ? -14.605 9.052   9.951   1.00 32.02 ? 131 TYR A CE2 1 
ATOM   1022 C CZ  . TYR A 1 138 ? -15.342 8.608   11.036  1.00 31.67 ? 131 TYR A CZ  1 
ATOM   1023 O OH  . TYR A 1 138 ? -16.518 9.244   11.357  1.00 32.37 ? 131 TYR A OH  1 
ATOM   1024 N N   . GLY A 1 139 ? -8.207  7.015   9.774   1.00 24.39 ? 132 GLY A N   1 
ATOM   1025 C CA  . GLY A 1 139 ? -7.031  6.307   9.308   1.00 23.19 ? 132 GLY A CA  1 
ATOM   1026 C C   . GLY A 1 139 ? -7.407  5.268   8.273   1.00 22.05 ? 132 GLY A C   1 
ATOM   1027 O O   . GLY A 1 139 ? -6.799  4.198   8.215   1.00 22.68 ? 132 GLY A O   1 
ATOM   1028 N N   . ARG A 1 140 ? -8.423  5.582   7.468   1.00 20.69 ? 133 ARG A N   1 
ATOM   1029 C CA  . ARG A 1 140 ? -8.812  4.722   6.358   1.00 19.15 ? 133 ARG A CA  1 
ATOM   1030 C C   . ARG A 1 140 ? -7.822  4.931   5.222   1.00 17.96 ? 133 ARG A C   1 
ATOM   1031 O O   . ARG A 1 140 ? -7.484  6.069   4.902   1.00 16.96 ? 133 ARG A O   1 
ATOM   1032 C CB  . ARG A 1 140 ? -10.225 5.039   5.849   1.00 19.52 ? 133 ARG A CB  1 
ATOM   1033 C CG  . ARG A 1 140 ? -11.360 4.733   6.816   1.00 20.94 ? 133 ARG A CG  1 
ATOM   1034 C CD  . ARG A 1 140 ? -11.256 3.327   7.389   1.00 23.00 ? 133 ARG A CD  1 
ATOM   1035 N NE  . ARG A 1 140 ? -12.546 2.864   7.902   1.00 25.36 ? 133 ARG A NE  1 
ATOM   1036 C CZ  . ARG A 1 140 ? -12.732 1.724   8.563   1.00 26.62 ? 133 ARG A CZ  1 
ATOM   1037 N NH1 . ARG A 1 140 ? -11.709 0.918   8.815   1.00 26.58 ? 133 ARG A NH1 1 
ATOM   1038 N NH2 . ARG A 1 140 ? -13.951 1.392   8.979   1.00 27.55 ? 133 ARG A NH2 1 
ATOM   1039 N N   . PRO A 1 141 ? -7.344  3.830   4.623   1.00 17.26 ? 134 PRO A N   1 
ATOM   1040 C CA  . PRO A 1 141 ? -6.426  3.983   3.496   1.00 16.57 ? 134 PRO A CA  1 
ATOM   1041 C C   . PRO A 1 141 ? -7.167  4.376   2.227   1.00 16.11 ? 134 PRO A C   1 
ATOM   1042 O O   . PRO A 1 141 ? -8.282  3.901   1.977   1.00 16.72 ? 134 PRO A O   1 
ATOM   1043 C CB  . PRO A 1 141 ? -5.817  2.590   3.362   1.00 16.67 ? 134 PRO A CB  1 
ATOM   1044 C CG  . PRO A 1 141 ? -6.921  1.678   3.803   1.00 17.16 ? 134 PRO A CG  1 
ATOM   1045 C CD  . PRO A 1 141 ? -7.594  2.411   4.940   1.00 17.21 ? 134 PRO A CD  1 
ATOM   1046 N N   . LEU A 1 142 ? -6.547  5.253   1.442   1.00 15.27 ? 135 LEU A N   1 
ATOM   1047 C CA  . LEU A 1 142 ? -7.153  5.772   0.226   1.00 14.67 ? 135 LEU A CA  1 
ATOM   1048 C C   . LEU A 1 142 ? -6.456  5.212   -1.005  1.00 14.07 ? 135 LEU A C   1 
ATOM   1049 O O   . LEU A 1 142 ? -7.068  5.063   -2.063  1.00 14.15 ? 135 LEU A O   1 
ATOM   1050 C CB  . LEU A 1 142 ? -7.028  7.298   0.177   1.00 14.81 ? 135 LEU A CB  1 
ATOM   1051 C CG  . LEU A 1 142 ? -7.435  8.117   1.400   1.00 14.72 ? 135 LEU A CG  1 
ATOM   1052 C CD1 . LEU A 1 142 ? -7.116  9.577   1.157   1.00 15.41 ? 135 LEU A CD1 1 
ATOM   1053 C CD2 . LEU A 1 142 ? -8.917  7.924   1.703   1.00 16.19 ? 135 LEU A CD2 1 
ATOM   1054 N N   . ALA A 1 143 ? -5.170  4.918   -0.861  1.00 13.66 ? 136 ALA A N   1 
ATOM   1055 C CA  . ALA A 1 143 ? -4.331  4.644   -2.028  1.00 13.03 ? 136 ALA A CA  1 
ATOM   1056 C C   . ALA A 1 143 ? -2.987  4.055   -1.649  1.00 12.96 ? 136 ALA A C   1 
ATOM   1057 O O   . ALA A 1 143 ? -2.565  4.123   -0.495  1.00 12.72 ? 136 ALA A O   1 
ATOM   1058 C CB  . ALA A 1 143 ? -4.109  5.936   -2.823  1.00 13.20 ? 136 ALA A CB  1 
ATOM   1059 N N   . ILE A 1 144 ? -2.317  3.488   -2.649  1.00 12.55 ? 137 ILE A N   1 
ATOM   1060 C CA  . ILE A 1 144 ? -0.928  3.091   -2.523  1.00 12.57 ? 137 ILE A CA  1 
ATOM   1061 C C   . ILE A 1 144 ? -0.165  3.691   -3.697  1.00 12.57 ? 137 ILE A C   1 
ATOM   1062 O O   . ILE A 1 144 ? -0.766  4.018   -4.734  1.00 12.54 ? 137 ILE A O   1 
ATOM   1063 C CB  . ILE A 1 144 ? -0.741  1.547   -2.459  1.00 12.60 ? 137 ILE A CB  1 
ATOM   1064 C CG1 . ILE A 1 144 ? -1.299  0.860   -3.708  1.00 12.77 ? 137 ILE A CG1 1 
ATOM   1065 C CG2 . ILE A 1 144 ? -1.412  0.973   -1.191  1.00 13.28 ? 137 ILE A CG2 1 
ATOM   1066 C CD1 . ILE A 1 144 ? -0.834  -0.588  -3.875  1.00 12.89 ? 137 ILE A CD1 1 
ATOM   1067 N N   . GLY A 1 145 ? 1.140   3.850   -3.530  1.00 12.68 ? 138 GLY A N   1 
ATOM   1068 C CA  . GLY A 1 145 ? 1.945   4.467   -4.579  1.00 13.37 ? 138 GLY A CA  1 
ATOM   1069 C C   . GLY A 1 145 ? 3.426   4.518   -4.300  1.00 13.76 ? 138 GLY A C   1 
ATOM   1070 O O   . GLY A 1 145 ? 3.938   3.835   -3.411  1.00 13.51 ? 138 GLY A O   1 
ATOM   1071 N N   . ILE A 1 146 ? 4.113   5.339   -5.088  1.00 14.09 ? 139 ILE A N   1 
ATOM   1072 C CA  . ILE A 1 146 ? 5.552   5.484   -5.013  1.00 15.13 ? 139 ILE A CA  1 
ATOM   1073 C C   . ILE A 1 146 ? 5.889   6.882   -4.522  1.00 14.90 ? 139 ILE A C   1 
ATOM   1074 O O   . ILE A 1 146 ? 5.394   7.879   -5.070  1.00 15.12 ? 139 ILE A O   1 
ATOM   1075 C CB  . ILE A 1 146 ? 6.210   5.261   -6.400  1.00 14.70 ? 139 ILE A CB  1 
ATOM   1076 C CG1 . ILE A 1 146 ? 5.804   3.894   -6.963  1.00 16.12 ? 139 ILE A CG1 1 
ATOM   1077 C CG2 . ILE A 1 146 ? 7.735   5.409   -6.301  1.00 16.04 ? 139 ILE A CG2 1 
ATOM   1078 C CD1 . ILE A 1 146 ? 6.274   3.630   -8.387  1.00 16.86 ? 139 ILE A CD1 1 
ATOM   1079 N N   . ALA A 1 147 ? 6.725   6.947   -3.488  1.00 15.10 ? 140 ALA A N   1 
ATOM   1080 C CA  . ALA A 1 147 ? 7.181   8.217   -2.936  1.00 15.38 ? 140 ALA A CA  1 
ATOM   1081 C C   . ALA A 1 147 ? 8.043   8.974   -3.938  1.00 15.69 ? 140 ALA A C   1 
ATOM   1082 O O   . ALA A 1 147 ? 8.970   8.409   -4.524  1.00 16.06 ? 140 ALA A O   1 
ATOM   1083 C CB  . ALA A 1 147 ? 7.957   7.987   -1.665  1.00 15.21 ? 140 ALA A CB  1 
ATOM   1084 N N   . LEU A 1 148 ? 7.713   10.248  -4.136  1.00 16.25 ? 141 LEU A N   1 
ATOM   1085 C CA  . LEU A 1 148 ? 8.507   11.146  -4.991  1.00 16.56 ? 141 LEU A CA  1 
ATOM   1086 C C   . LEU A 1 148 ? 9.345   12.097  -4.141  1.00 16.86 ? 141 LEU A C   1 
ATOM   1087 O O   . LEU A 1 148 ? 10.137  12.901  -4.662  1.00 17.53 ? 141 LEU A O   1 
ATOM   1088 C CB  . LEU A 1 148 ? 7.598   11.932  -5.943  1.00 16.78 ? 141 LEU A CB  1 
ATOM   1089 C CG  . LEU A 1 148 ? 6.608   11.143  -6.808  1.00 16.91 ? 141 LEU A CG  1 
ATOM   1090 C CD1 . LEU A 1 148 ? 5.703   12.088  -7.565  1.00 19.40 ? 141 LEU A CD1 1 
ATOM   1091 C CD2 . LEU A 1 148 ? 7.310   10.181  -7.753  1.00 18.90 ? 141 LEU A CD2 1 
ATOM   1092 N N   . MET A 1 149 ? 9.157   12.003  -2.826  1.00 17.13 ? 142 MET A N   1 
ATOM   1093 C CA  . MET A 1 149 ? 9.920   12.748  -1.833  1.00 17.21 ? 142 MET A CA  1 
ATOM   1094 C C   . MET A 1 149 ? 10.245  11.798  -0.684  1.00 17.41 ? 142 MET A C   1 
ATOM   1095 O O   . MET A 1 149 ? 9.550   10.801  -0.486  1.00 17.50 ? 142 MET A O   1 
ATOM   1096 C CB  . MET A 1 149 ? 9.088   13.904  -1.269  1.00 17.25 ? 142 MET A CB  1 
ATOM   1097 C CG  . MET A 1 149 ? 8.643   14.959  -2.272  1.00 16.71 ? 142 MET A CG  1 
ATOM   1098 S SD  . MET A 1 149 ? 7.444   16.065  -1.504  1.00 17.28 ? 142 MET A SD  1 
ATOM   1099 C CE  . MET A 1 149 ? 7.356   17.379  -2.727  1.00 17.89 ? 142 MET A CE  1 
ATOM   1100 N N   . SER A 1 150 ? 11.278  12.110  0.092   1.00 17.58 ? 143 SER A N   1 
ATOM   1101 C CA  . SER A 1 150 ? 11.503  11.395  1.346   1.00 17.79 ? 143 SER A CA  1 
ATOM   1102 C C   . SER A 1 150 ? 10.375  11.741  2.325   1.00 17.90 ? 143 SER A C   1 
ATOM   1103 O O   . SER A 1 150 ? 9.687   12.753  2.153   1.00 17.54 ? 143 SER A O   1 
ATOM   1104 C CB  . SER A 1 150 ? 12.851  11.777  1.950   1.00 18.31 ? 143 SER A CB  1 
ATOM   1105 O OG  . SER A 1 150 ? 12.809  13.103  2.455   1.00 18.78 ? 143 SER A OG  1 
ATOM   1106 N N   . GLY A 1 151 ? 10.190  10.907  3.347   1.00 17.63 ? 144 GLY A N   1 
ATOM   1107 C CA  . GLY A 1 151 ? 9.209   11.181  4.399   1.00 17.97 ? 144 GLY A CA  1 
ATOM   1108 C C   . GLY A 1 151 ? 9.447   12.514  5.090   1.00 18.21 ? 144 GLY A C   1 
ATOM   1109 O O   . GLY A 1 151 ? 8.503   13.262  5.354   1.00 18.06 ? 144 GLY A O   1 
ATOM   1110 N N   . LYS A 1 152 ? 10.714  12.810  5.382   1.00 18.78 ? 145 LYS A N   1 
ATOM   1111 C CA  . LYS A 1 152 ? 11.093  14.090  5.983   1.00 19.66 ? 145 LYS A CA  1 
ATOM   1112 C C   . LYS A 1 152 ? 10.688  15.269  5.102   1.00 18.97 ? 145 LYS A C   1 
ATOM   1113 O O   . LYS A 1 152 ? 10.135  16.259  5.589   1.00 18.92 ? 145 LYS A O   1 
ATOM   1114 C CB  . LYS A 1 152 ? 12.599  14.137  6.242   1.00 19.86 ? 145 LYS A CB  1 
ATOM   1115 C CG  . LYS A 1 152 ? 13.050  13.298  7.435   1.00 21.65 ? 145 LYS A CG  1 
ATOM   1116 C CD  . LYS A 1 152 ? 14.572  13.333  7.609   1.00 22.29 ? 145 LYS A CD  1 
ATOM   1117 C CE  . LYS A 1 152 ? 15.065  14.694  8.085   1.00 26.72 ? 145 LYS A CE  1 
ATOM   1118 N NZ  . LYS A 1 152 ? 14.777  14.942  9.531   1.00 29.59 ? 145 LYS A NZ  1 
ATOM   1119 N N   . VAL A 1 153 ? 10.968  15.154  3.807   1.00 18.34 ? 146 VAL A N   1 
ATOM   1120 C CA  . VAL A 1 153 ? 10.645  16.221  2.861   1.00 18.08 ? 146 VAL A CA  1 
ATOM   1121 C C   . VAL A 1 153 ? 9.127   16.392  2.731   1.00 17.72 ? 146 VAL A C   1 
ATOM   1122 O O   . VAL A 1 153 ? 8.628   17.518  2.653   1.00 17.80 ? 146 VAL A O   1 
ATOM   1123 C CB  . VAL A 1 153 ? 11.357  16.010  1.496   1.00 18.20 ? 146 VAL A CB  1 
ATOM   1124 C CG1 . VAL A 1 153 ? 10.804  16.951  0.433   1.00 17.79 ? 146 VAL A CG1 1 
ATOM   1125 C CG2 . VAL A 1 153 ? 12.861  16.221  1.659   1.00 18.76 ? 146 VAL A CG2 1 
ATOM   1126 N N   . MET A 1 154 ? 8.395   15.275  2.754   1.00 17.20 ? 147 MET A N   1 
ATOM   1127 C CA  . MET A 1 154 ? 6.929   15.309  2.745   1.00 16.74 ? 147 MET A CA  1 
ATOM   1128 C C   . MET A 1 154 ? 6.351   16.126  3.902   1.00 17.03 ? 147 MET A C   1 
ATOM   1129 O O   . MET A 1 154 ? 5.348   16.818  3.730   1.00 17.03 ? 147 MET A O   1 
ATOM   1130 C CB  . MET A 1 154 ? 6.340   13.894  2.793   1.00 16.90 ? 147 MET A CB  1 
ATOM   1131 C CG  . MET A 1 154 ? 6.551   13.063  1.546   1.00 16.55 ? 147 MET A CG  1 
ATOM   1132 S SD  . MET A 1 154 ? 5.592   11.539  1.682   1.00 16.67 ? 147 MET A SD  1 
ATOM   1133 C CE  . MET A 1 154 ? 6.243   10.598  0.298   1.00 15.45 ? 147 MET A CE  1 
ATOM   1134 N N   . LYS A 1 155 ? 6.977   16.030  5.074   1.00 16.82 ? 148 LYS A N   1 
ATOM   1135 C CA  . LYS A 1 155 ? 6.529   16.767  6.256   1.00 17.47 ? 148 LYS A CA  1 
ATOM   1136 C C   . LYS A 1 155 ? 6.902   18.252  6.226   1.00 17.55 ? 148 LYS A C   1 
ATOM   1137 O O   . LYS A 1 155 ? 6.203   19.085  6.809   1.00 17.83 ? 148 LYS A O   1 
ATOM   1138 C CB  . LYS A 1 155 ? 7.079   16.108  7.527   1.00 17.35 ? 148 LYS A CB  1 
ATOM   1139 C CG  . LYS A 1 155 ? 6.469   14.737  7.805   1.00 17.27 ? 148 LYS A CG  1 
ATOM   1140 C CD  . LYS A 1 155 ? 7.199   14.009  8.936   1.00 18.07 ? 148 LYS A CD  1 
ATOM   1141 C CE  . LYS A 1 155 ? 6.885   14.625  10.289  1.00 20.02 ? 148 LYS A CE  1 
ATOM   1142 N NZ  . LYS A 1 155 ? 7.742   14.043  11.366  1.00 20.65 ? 148 LYS A NZ  1 
ATOM   1143 N N   . GLU A 1 156 ? 8.001   18.563  5.546   1.00 17.76 ? 149 GLU A N   1 
ATOM   1144 C CA  . GLU A 1 156 ? 8.583   19.907  5.498   1.00 18.31 ? 149 GLU A CA  1 
ATOM   1145 C C   . GLU A 1 156 ? 7.966   20.791  4.412   1.00 18.12 ? 149 GLU A C   1 
ATOM   1146 O O   . GLU A 1 156 ? 7.774   21.997  4.613   1.00 18.09 ? 149 GLU A O   1 
ATOM   1147 C CB  . GLU A 1 156 ? 10.093  19.792  5.272   1.00 18.93 ? 149 GLU A CB  1 
ATOM   1148 C CG  . GLU A 1 156 ? 10.848  21.119  5.097   1.00 22.04 ? 149 GLU A CG  1 
ATOM   1149 C CD  . GLU A 1 156 ? 11.057  21.897  6.399   1.00 26.17 ? 149 GLU A CD  1 
ATOM   1150 O OE1 . GLU A 1 156 ? 10.937  21.310  7.501   1.00 27.40 ? 149 GLU A OE1 1 
ATOM   1151 O OE2 . GLU A 1 156 ? 11.351  23.112  6.310   1.00 28.36 ? 149 GLU A OE2 1 
ATOM   1152 N N   . LYS A 1 157 ? 7.677   20.190  3.263   1.00 17.56 ? 150 LYS A N   1 
ATOM   1153 C CA  . LYS A 1 157 ? 7.232   20.948  2.092   1.00 17.57 ? 150 LYS A CA  1 
ATOM   1154 C C   . LYS A 1 157 ? 5.722   21.105  2.025   1.00 16.76 ? 150 LYS A C   1 
ATOM   1155 O O   . LYS A 1 157 ? 4.974   20.187  2.360   1.00 16.84 ? 150 LYS A O   1 
ATOM   1156 C CB  . LYS A 1 157 ? 7.742   20.304  0.798   1.00 17.84 ? 150 LYS A CB  1 
ATOM   1157 C CG  . LYS A 1 157 ? 9.256   20.284  0.673   1.00 19.94 ? 150 LYS A CG  1 
ATOM   1158 C CD  . LYS A 1 157 ? 9.707   20.295  -0.777  1.00 24.56 ? 150 LYS A CD  1 
ATOM   1159 C CE  . LYS A 1 157 ? 10.161  21.691  -1.195  1.00 27.41 ? 150 LYS A CE  1 
ATOM   1160 N NZ  . LYS A 1 157 ? 11.550  22.001  -0.729  1.00 30.31 ? 150 LYS A NZ  1 
ATOM   1161 N N   . ASN A 1 158 ? 5.283   22.286  1.598   1.00 16.42 ? 151 ASN A N   1 
ATOM   1162 C CA  . ASN A 1 158 ? 3.869   22.512  1.317   1.00 15.84 ? 151 ASN A CA  1 
ATOM   1163 C C   . ASN A 1 158 ? 3.608   22.676  -0.187  1.00 15.86 ? 151 ASN A C   1 
ATOM   1164 O O   . ASN A 1 158 ? 2.518   23.083  -0.585  1.00 15.78 ? 151 ASN A O   1 
ATOM   1165 C CB  . ASN A 1 158 ? 3.344   23.727  2.099   1.00 15.40 ? 151 ASN A CB  1 
ATOM   1166 C CG  . ASN A 1 158 ? 3.919   25.049  1.594   1.00 15.38 ? 151 ASN A CG  1 
ATOM   1167 O OD1 . ASN A 1 158 ? 5.101   25.146  1.268   1.00 15.79 ? 151 ASN A OD1 1 
ATOM   1168 N ND2 . ASN A 1 158 ? 3.079   26.079  1.552   1.00 14.98 ? 151 ASN A ND2 1 
ATOM   1169 N N   . ARG A 1 159 ? 4.613   22.350  -1.004  1.00 15.78 ? 152 ARG A N   1 
ATOM   1170 C CA  . ARG A 1 159 ? 4.512   22.397  -2.467  1.00 15.63 ? 152 ARG A CA  1 
ATOM   1171 C C   . ARG A 1 159 ? 5.220   21.212  -3.104  1.00 15.68 ? 152 ARG A C   1 
ATOM   1172 O O   . ARG A 1 159 ? 6.199   20.702  -2.557  1.00 16.11 ? 152 ARG A O   1 
ATOM   1173 C CB  . ARG A 1 159 ? 5.119   23.695  -3.006  1.00 15.42 ? 152 ARG A CB  1 
ATOM   1174 C CG  . ARG A 1 159 ? 4.338   24.940  -2.621  1.00 15.24 ? 152 ARG A CG  1 
ATOM   1175 C CD  . ARG A 1 159 ? 5.037   26.197  -3.093  1.00 15.86 ? 152 ARG A CD  1 
ATOM   1176 N NE  . ARG A 1 159 ? 5.003   26.340  -4.550  1.00 15.85 ? 152 ARG A NE  1 
ATOM   1177 C CZ  . ARG A 1 159 ? 3.954   26.773  -5.240  1.00 16.27 ? 152 ARG A CZ  1 
ATOM   1178 N NH1 . ARG A 1 159 ? 2.827   27.112  -4.623  1.00 16.99 ? 152 ARG A NH1 1 
ATOM   1179 N NH2 . ARG A 1 159 ? 4.036   26.867  -6.566  1.00 18.23 ? 152 ARG A NH2 1 
ATOM   1180 N N   . GLY A 1 160 ? 4.722   20.778  -4.260  1.00 15.77 ? 153 GLY A N   1 
ATOM   1181 C CA  . GLY A 1 160 ? 5.328   19.673  -5.003  1.00 16.05 ? 153 GLY A CA  1 
ATOM   1182 C C   . GLY A 1 160 ? 4.500   18.403  -4.936  1.00 16.11 ? 153 GLY A C   1 
ATOM   1183 O O   . GLY A 1 160 ? 3.714   18.219  -4.010  1.00 16.14 ? 153 GLY A O   1 
ATOM   1184 N N   . LYS A 1 161 ? 4.658   17.535  -5.935  1.00 16.17 ? 154 LYS A N   1 
ATOM   1185 C CA  . LYS A 1 161 ? 4.022   16.211  -5.894  1.00 16.35 ? 154 LYS A CA  1 
ATOM   1186 C C   . LYS A 1 161 ? 4.793   15.262  -4.985  1.00 15.44 ? 154 LYS A C   1 
ATOM   1187 O O   . LYS A 1 161 ? 6.019   15.107  -5.115  1.00 15.12 ? 154 LYS A O   1 
ATOM   1188 C CB  . LYS A 1 161 ? 3.893   15.586  -7.287  1.00 16.63 ? 154 LYS A CB  1 
ATOM   1189 C CG  . LYS A 1 161 ? 2.863   14.435  -7.314  1.00 17.81 ? 154 LYS A CG  1 
ATOM   1190 C CD  . LYS A 1 161 ? 2.688   13.789  -8.696  1.00 18.25 ? 154 LYS A CD  1 
ATOM   1191 C CE  . LYS A 1 161 ? 1.929   14.700  -9.667  1.00 22.48 ? 154 LYS A CE  1 
ATOM   1192 N NZ  . LYS A 1 161 ? 0.678   15.284  -9.110  1.00 23.78 ? 154 LYS A NZ  1 
ATOM   1193 N N   . ALA A 1 162 ? 4.057   14.606  -4.090  1.00 14.26 ? 155 ALA A N   1 
ATOM   1194 C CA  . ALA A 1 162 ? 4.658   13.766  -3.063  1.00 13.98 ? 155 ALA A CA  1 
ATOM   1195 C C   . ALA A 1 162 ? 4.574   12.272  -3.347  1.00 13.60 ? 155 ALA A C   1 
ATOM   1196 O O   . ALA A 1 162 ? 5.507   11.528  -3.034  1.00 13.66 ? 155 ALA A O   1 
ATOM   1197 C CB  . ALA A 1 162 ? 4.034   14.075  -1.723  1.00 13.58 ? 155 ALA A CB  1 
ATOM   1198 N N   . VAL A 1 163 ? 3.454   11.829  -3.912  1.00 13.21 ? 156 VAL A N   1 
ATOM   1199 C CA  . VAL A 1 163 ? 3.245   10.399  -4.169  1.00 13.29 ? 156 VAL A CA  1 
ATOM   1200 C C   . VAL A 1 163 ? 2.611   10.168  -5.531  1.00 13.45 ? 156 VAL A C   1 
ATOM   1201 O O   . VAL A 1 163 ? 1.572   10.748  -5.835  1.00 13.20 ? 156 VAL A O   1 
ATOM   1202 C CB  . VAL A 1 163 ? 2.333   9.744   -3.094  1.00 12.96 ? 156 VAL A CB  1 
ATOM   1203 C CG1 . VAL A 1 163 ? 2.132   8.251   -3.373  1.00 13.62 ? 156 VAL A CG1 1 
ATOM   1204 C CG2 . VAL A 1 163 ? 2.898   9.951   -1.688  1.00 13.01 ? 156 VAL A CG2 1 
ATOM   1205 N N   . LYS A 1 164 ? 3.247   9.318   -6.338  1.00 14.31 ? 157 LYS A N   1 
ATOM   1206 C CA  . LYS A 1 164 ? 2.639   8.820   -7.567  1.00 14.99 ? 157 LYS A CA  1 
ATOM   1207 C C   . LYS A 1 164 ? 1.739   7.642   -7.217  1.00 14.89 ? 157 LYS A C   1 
ATOM   1208 O O   . LYS A 1 164 ? 2.235   6.563   -6.880  1.00 15.16 ? 157 LYS A O   1 
ATOM   1209 C CB  . LYS A 1 164 ? 3.717   8.389   -8.579  1.00 15.06 ? 157 LYS A CB  1 
ATOM   1210 C CG  . LYS A 1 164 ? 3.166   7.988   -9.946  1.00 18.16 ? 157 LYS A CG  1 
ATOM   1211 C CD  . LYS A 1 164 ? 2.706   9.234   -10.711 1.00 20.60 ? 157 LYS A CD  1 
ATOM   1212 C CE  . LYS A 1 164 ? 1.772   8.876   -11.833 1.00 22.36 ? 157 LYS A CE  1 
ATOM   1213 N NZ  . LYS A 1 164 ? 1.001   10.060  -12.285 1.00 22.25 ? 157 LYS A NZ  1 
ATOM   1214 N N   . VAL A 1 165 ? 0.426   7.853   -7.288  1.00 14.78 ? 158 VAL A N   1 
ATOM   1215 C CA  . VAL A 1 165 ? -0.548  6.812   -6.944  1.00 14.79 ? 158 VAL A CA  1 
ATOM   1216 C C   . VAL A 1 165 ? -0.608  5.746   -8.042  1.00 15.25 ? 158 VAL A C   1 
ATOM   1217 O O   . VAL A 1 165 ? -0.631  6.071   -9.234  1.00 15.27 ? 158 VAL A O   1 
ATOM   1218 C CB  . VAL A 1 165 ? -1.947  7.402   -6.660  1.00 14.80 ? 158 VAL A CB  1 
ATOM   1219 C CG1 . VAL A 1 165 ? -2.976  6.290   -6.440  1.00 14.34 ? 158 VAL A CG1 1 
ATOM   1220 C CG2 . VAL A 1 165 ? -1.883  8.322   -5.439  1.00 14.67 ? 158 VAL A CG2 1 
ATOM   1221 N N   . ILE A 1 166 ? -0.604  4.479   -7.632  1.00 14.99 ? 159 ILE A N   1 
ATOM   1222 C CA  . ILE A 1 166 ? -0.693  3.362   -8.581  1.00 15.32 ? 159 ILE A CA  1 
ATOM   1223 C C   . ILE A 1 166 ? -1.976  2.539   -8.416  1.00 15.14 ? 159 ILE A C   1 
ATOM   1224 O O   . ILE A 1 166 ? -2.319  1.726   -9.276  1.00 15.13 ? 159 ILE A O   1 
ATOM   1225 C CB  . ILE A 1 166 ? 0.562   2.436   -8.519  1.00 15.41 ? 159 ILE A CB  1 
ATOM   1226 C CG1 . ILE A 1 166 ? 0.634   1.680   -7.182  1.00 15.30 ? 159 ILE A CG1 1 
ATOM   1227 C CG2 . ILE A 1 166 ? 1.840   3.238   -8.793  1.00 15.64 ? 159 ILE A CG2 1 
ATOM   1228 C CD1 . ILE A 1 166 ? 1.771   0.648   -7.108  1.00 16.55 ? 159 ILE A CD1 1 
ATOM   1229 N N   . HIS A 1 167 ? -2.675  2.758   -7.304  1.00 14.59 ? 160 HIS A N   1 
ATOM   1230 C CA  . HIS A 1 167 ? -3.904  2.046   -6.994  1.00 14.08 ? 160 HIS A CA  1 
ATOM   1231 C C   . HIS A 1 167 ? -4.608  2.820   -5.888  1.00 14.30 ? 160 HIS A C   1 
ATOM   1232 O O   . HIS A 1 167 ? -3.984  3.195   -4.895  1.00 13.74 ? 160 HIS A O   1 
ATOM   1233 C CB  . HIS A 1 167 ? -3.600  0.585   -6.594  1.00 14.21 ? 160 HIS A CB  1 
ATOM   1234 C CG  . HIS A 1 167 ? -4.740  -0.124  -5.923  1.00 13.65 ? 160 HIS A CG  1 
ATOM   1235 N ND1 . HIS A 1 167 ? -4.561  -0.944  -4.828  1.00 15.84 ? 160 HIS A ND1 1 
ATOM   1236 C CD2 . HIS A 1 167 ? -6.067  -0.138  -6.190  1.00 13.58 ? 160 HIS A CD2 1 
ATOM   1237 C CE1 . HIS A 1 167 ? -5.732  -1.425  -4.446  1.00 12.96 ? 160 HIS A CE1 1 
ATOM   1238 N NE2 . HIS A 1 167 ? -6.662  -0.947  -5.252  1.00 16.55 ? 160 HIS A NE2 1 
ATOM   1239 N N   . HIS A 1 168 ? -5.895  3.089   -6.076  1.00 15.05 ? 161 HIS A N   1 
ATOM   1240 C CA  . HIS A 1 168 ? -6.671  3.806   -5.069  1.00 15.99 ? 161 HIS A CA  1 
ATOM   1241 C C   . HIS A 1 168 ? -8.036  3.173   -4.858  1.00 16.64 ? 161 HIS A C   1 
ATOM   1242 O O   . HIS A 1 168 ? -8.540  2.459   -5.730  1.00 16.51 ? 161 HIS A O   1 
ATOM   1243 C CB  . HIS A 1 168 ? -6.801  5.296   -5.422  1.00 16.07 ? 161 HIS A CB  1 
ATOM   1244 C CG  . HIS A 1 168 ? -7.568  5.566   -6.682  1.00 16.69 ? 161 HIS A CG  1 
ATOM   1245 N ND1 . HIS A 1 168 ? -8.942  5.690   -6.710  1.00 17.21 ? 161 HIS A ND1 1 
ATOM   1246 C CD2 . HIS A 1 168 ? -7.148  5.767   -7.954  1.00 16.90 ? 161 HIS A CD2 1 
ATOM   1247 C CE1 . HIS A 1 168 ? -9.334  5.941   -7.948  1.00 18.05 ? 161 HIS A CE1 1 
ATOM   1248 N NE2 . HIS A 1 168 ? -8.266  5.985   -8.723  1.00 17.64 ? 161 HIS A NE2 1 
ATOM   1249 N N   . ALA A 1 169 ? -8.624  3.422   -3.687  1.00 17.94 ? 162 ALA A N   1 
ATOM   1250 C CA  . ALA A 1 169 ? -9.982  2.967   -3.413  1.00 18.99 ? 162 ALA A CA  1 
ATOM   1251 C C   . ALA A 1 169 ? -10.909 3.551   -4.483  1.00 20.37 ? 162 ALA A C   1 
ATOM   1252 O O   . ALA A 1 169 ? -10.717 4.691   -4.920  1.00 20.81 ? 162 ALA A O   1 
ATOM   1253 C CB  . ALA A 1 169 ? -10.423 3.390   -2.013  1.00 19.00 ? 162 ALA A CB  1 
ATOM   1254 N N   . ARG A 1 170 ? -11.889 2.755   -4.910  1.00 21.39 ? 163 ARG A N   1 
ATOM   1255 C CA  . ARG A 1 170 ? -12.826 3.112   -5.996  1.00 22.32 ? 163 ARG A CA  1 
ATOM   1256 C C   . ARG A 1 170 ? -12.310 2.862   -7.422  1.00 22.18 ? 163 ARG A C   1 
ATOM   1257 O O   . ARG A 1 170 ? -13.067 3.044   -8.381  1.00 22.84 ? 163 ARG A O   1 
ATOM   1258 C CB  . ARG A 1 170 ? -13.323 4.562   -5.886  1.00 22.76 ? 163 ARG A CB  1 
ATOM   1259 C CG  . ARG A 1 170 ? -14.020 4.919   -4.588  1.00 24.57 ? 163 ARG A CG  1 
ATOM   1260 C CD  . ARG A 1 170 ? -14.572 6.324   -4.698  1.00 27.78 ? 163 ARG A CD  1 
ATOM   1261 N NE  . ARG A 1 170 ? -15.089 6.824   -3.430  1.00 30.84 ? 163 ARG A NE  1 
ATOM   1262 C CZ  . ARG A 1 170 ? -15.546 8.060   -3.246  1.00 32.10 ? 163 ARG A CZ  1 
ATOM   1263 N NH1 . ARG A 1 170 ? -15.551 8.931   -4.249  1.00 33.53 ? 163 ARG A NH1 1 
ATOM   1264 N NH2 . ARG A 1 170 ? -15.994 8.427   -2.053  1.00 33.31 ? 163 ARG A NH2 1 
ATOM   1265 N N   . ASP A 1 171 ? -11.047 2.462   -7.580  1.00 21.53 ? 164 ASP A N   1 
ATOM   1266 C CA  . ASP A 1 171 ? -10.543 2.128   -8.919  1.00 21.11 ? 164 ASP A CA  1 
ATOM   1267 C C   . ASP A 1 171 ? -10.956 0.708   -9.338  1.00 21.14 ? 164 ASP A C   1 
ATOM   1268 O O   . ASP A 1 171 ? -11.690 0.030   -8.612  1.00 20.86 ? 164 ASP A O   1 
ATOM   1269 C CB  . ASP A 1 171 ? -9.025  2.393   -9.063  1.00 20.67 ? 164 ASP A CB  1 
ATOM   1270 C CG  . ASP A 1 171 ? -8.153  1.340   -8.383  1.00 19.37 ? 164 ASP A CG  1 
ATOM   1271 O OD1 . ASP A 1 171 ? -8.666  0.319   -7.885  1.00 17.86 ? 164 ASP A OD1 1 
ATOM   1272 O OD2 . ASP A 1 171 ? -6.920  1.540   -8.360  1.00 17.48 ? 164 ASP A OD2 1 
ATOM   1273 N N   . LYS A 1 172 ? -10.506 0.268   -10.507 1.00 21.14 ? 165 LYS A N   1 
ATOM   1274 C CA  . LYS A 1 172 ? -10.930 -1.023  -11.033 1.00 21.40 ? 165 LYS A CA  1 
ATOM   1275 C C   . LYS A 1 172 ? -10.356 -2.214  -10.260 1.00 20.96 ? 165 LYS A C   1 
ATOM   1276 O O   . LYS A 1 172 ? -11.015 -3.246  -10.127 1.00 20.90 ? 165 LYS A O   1 
ATOM   1277 C CB  . LYS A 1 172 ? -10.626 -1.126  -12.530 1.00 21.71 ? 165 LYS A CB  1 
ATOM   1278 C CG  . LYS A 1 172 ? -11.630 -0.377  -13.403 1.00 24.18 ? 165 LYS A CG  1 
ATOM   1279 C CD  . LYS A 1 172 ? -13.023 -1.008  -13.316 1.00 27.76 ? 165 LYS A CD  1 
ATOM   1280 C CE  . LYS A 1 172 ? -14.086 -0.138  -13.972 1.00 29.80 ? 165 LYS A CE  1 
ATOM   1281 N NZ  . LYS A 1 172 ? -15.467 -0.623  -13.677 1.00 31.60 ? 165 LYS A NZ  1 
ATOM   1282 N N   . ILE A 1 173 ? -9.139  -2.060  -9.740  1.00 20.25 ? 166 ILE A N   1 
ATOM   1283 C CA  . ILE A 1 173 ? -8.546  -3.078  -8.861  1.00 19.84 ? 166 ILE A CA  1 
ATOM   1284 C C   . ILE A 1 173 ? -9.381  -3.228  -7.581  1.00 20.06 ? 166 ILE A C   1 
ATOM   1285 O O   . ILE A 1 173 ? -9.678  -4.348  -7.143  1.00 19.31 ? 166 ILE A O   1 
ATOM   1286 C CB  . ILE A 1 173 ? -7.074  -2.754  -8.525  1.00 19.86 ? 166 ILE A CB  1 
ATOM   1287 C CG1 . ILE A 1 173 ? -6.215  -2.802  -9.798  1.00 19.75 ? 166 ILE A CG1 1 
ATOM   1288 C CG2 . ILE A 1 173 ? -6.529  -3.727  -7.476  1.00 19.16 ? 166 ILE A CG2 1 
ATOM   1289 C CD1 . ILE A 1 173 ? -4.797  -2.237  -9.663  1.00 20.08 ? 166 ILE A CD1 1 
ATOM   1290 N N   . TRP A 1 174 ? -9.771  -2.095  -7.003  1.00 20.32 ? 167 TRP A N   1 
ATOM   1291 C CA  . TRP A 1 174 ? -10.657 -2.066  -5.839  1.00 21.06 ? 167 TRP A CA  1 
ATOM   1292 C C   . TRP A 1 174 ? -11.962 -2.807  -6.120  1.00 21.82 ? 167 TRP A C   1 
ATOM   1293 O O   . TRP A 1 174 ? -12.400 -3.621  -5.312  1.00 21.54 ? 167 TRP A O   1 
ATOM   1294 C CB  . TRP A 1 174 ? -10.936 -0.617  -5.427  1.00 21.32 ? 167 TRP A CB  1 
ATOM   1295 C CG  . TRP A 1 174 ? -11.934 -0.457  -4.312  1.00 21.47 ? 167 TRP A CG  1 
ATOM   1296 C CD1 . TRP A 1 174 ? -13.276 -0.210  -4.440  1.00 21.56 ? 167 TRP A CD1 1 
ATOM   1297 C CD2 . TRP A 1 174 ? -11.671 -0.510  -2.902  1.00 21.78 ? 167 TRP A CD2 1 
ATOM   1298 N NE1 . TRP A 1 174 ? -13.862 -0.116  -3.203  1.00 22.13 ? 167 TRP A NE1 1 
ATOM   1299 C CE2 . TRP A 1 174 ? -12.901 -0.290  -2.240  1.00 22.27 ? 167 TRP A CE2 1 
ATOM   1300 C CE3 . TRP A 1 174 ? -10.517 -0.723  -2.133  1.00 21.33 ? 167 TRP A CE3 1 
ATOM   1301 C CZ2 . TRP A 1 174 ? -13.013 -0.282  -0.845  1.00 22.17 ? 167 TRP A CZ2 1 
ATOM   1302 C CZ3 . TRP A 1 174 ? -10.633 -0.716  -0.742  1.00 21.84 ? 167 TRP A CZ3 1 
ATOM   1303 C CH2 . TRP A 1 174 ? -11.870 -0.494  -0.116  1.00 21.73 ? 167 TRP A CH2 1 
ATOM   1304 N N   . GLU A 1 175 ? -12.566 -2.541  -7.277  1.00 22.71 ? 168 GLU A N   1 
ATOM   1305 C CA  . GLU A 1 175 ? -13.845 -3.167  -7.630  1.00 24.01 ? 168 GLU A CA  1 
ATOM   1306 C C   . GLU A 1 175 ? -13.785 -4.689  -7.550  1.00 23.78 ? 168 GLU A C   1 
ATOM   1307 O O   . GLU A 1 175 ? -14.715 -5.327  -7.044  1.00 23.97 ? 168 GLU A O   1 
ATOM   1308 C CB  . GLU A 1 175 ? -14.308 -2.724  -9.023  1.00 23.91 ? 168 GLU A CB  1 
ATOM   1309 C CG  . GLU A 1 175 ? -14.768 -1.273  -9.081  1.00 25.80 ? 168 GLU A CG  1 
ATOM   1310 C CD  . GLU A 1 175 ? -15.475 -0.914  -10.378 1.00 26.19 ? 168 GLU A CD  1 
ATOM   1311 O OE1 . GLU A 1 175 ? -15.791 -1.824  -11.177 1.00 30.09 ? 168 GLU A OE1 1 
ATOM   1312 O OE2 . GLU A 1 175 ? -15.718 0.292   -10.595 1.00 29.88 ? 168 GLU A OE2 1 
ATOM   1313 N N   . VAL A 1 176 ? -12.682 -5.266  -8.027  1.00 23.61 ? 169 VAL A N   1 
ATOM   1314 C CA  . VAL A 1 176 ? -12.545 -6.724  -8.105  1.00 23.67 ? 169 VAL A CA  1 
ATOM   1315 C C   . VAL A 1 176 ? -11.884 -7.380  -6.884  1.00 23.51 ? 169 VAL A C   1 
ATOM   1316 O O   . VAL A 1 176 ? -11.835 -8.607  -6.801  1.00 23.87 ? 169 VAL A O   1 
ATOM   1317 C CB  . VAL A 1 176 ? -11.824 -7.184  -9.410  1.00 23.67 ? 169 VAL A CB  1 
ATOM   1318 C CG1 . VAL A 1 176 ? -12.556 -6.660  -10.646 1.00 24.12 ? 169 VAL A CG1 1 
ATOM   1319 C CG2 . VAL A 1 176 ? -10.355 -6.766  -9.422  1.00 23.42 ? 169 VAL A CG2 1 
ATOM   1320 N N   . THR A 1 177 ? -11.381 -6.573  -5.952  1.00 23.24 ? 170 THR A N   1 
ATOM   1321 C CA  . THR A 1 177 ? -10.709 -7.104  -4.754  1.00 22.93 ? 170 THR A CA  1 
ATOM   1322 C C   . THR A 1 177 ? -11.435 -6.819  -3.430  1.00 23.52 ? 170 THR A C   1 
ATOM   1323 O O   . THR A 1 177 ? -11.192 -7.506  -2.426  1.00 23.43 ? 170 THR A O   1 
ATOM   1324 C CB  . THR A 1 177 ? -9.265  -6.579  -4.632  1.00 22.79 ? 170 THR A CB  1 
ATOM   1325 O OG1 . THR A 1 177 ? -9.277  -5.146  -4.639  1.00 21.18 ? 170 THR A OG1 1 
ATOM   1326 C CG2 . THR A 1 177 ? -8.391  -7.105  -5.777  1.00 22.35 ? 170 THR A CG2 1 
ATOM   1327 N N   . ALA A 1 178 ? -12.313 -5.815  -3.426  1.00 23.95 ? 171 ALA A N   1 
ATOM   1328 C CA  . ALA A 1 178 ? -12.989 -5.373  -2.199  1.00 24.71 ? 171 ALA A CA  1 
ATOM   1329 C C   . ALA A 1 178 ? -14.220 -6.205  -1.848  1.00 25.28 ? 171 ALA A C   1 
ATOM   1330 O O   . ALA A 1 178 ? -14.994 -6.588  -2.728  1.00 26.09 ? 171 ALA A O   1 
ATOM   1331 C CB  . ALA A 1 178 ? -13.347 -3.900  -2.283  1.00 24.76 ? 171 ALA A CB  1 
HETATM 1332 O O   . HOH B 2 .   ? -7.854  -3.114  -3.098  1.00 14.22 ? 173 HOH A O   1 
HETATM 1333 O O   . HOH B 2 .   ? 6.869   21.341  8.293   1.00 20.52 ? 174 HOH A O   1 
HETATM 1334 O O   . HOH B 2 .   ? 8.079   -22.222 3.179   1.00 18.28 ? 175 HOH A O   1 
HETATM 1335 O O   . HOH B 2 .   ? 6.906   -17.075 8.119   1.00 18.29 ? 176 HOH A O   1 
HETATM 1336 O O   . HOH B 2 .   ? 9.490   0.002   -1.419  1.00 18.97 ? 177 HOH A O   1 
HETATM 1337 O O   . HOH B 2 .   ? 11.609  -14.721 3.721   1.00 17.12 ? 178 HOH A O   1 
HETATM 1338 O O   . HOH B 2 .   ? -5.338  8.533   -6.880  1.00 16.77 ? 179 HOH A O   1 
HETATM 1339 O O   . HOH B 2 .   ? -3.010  1.011   16.870  1.00 18.91 ? 180 HOH A O   1 
HETATM 1340 O O   . HOH B 2 .   ? -3.596  -6.587  13.375  1.00 21.24 ? 181 HOH A O   1 
HETATM 1341 O O   . HOH B 2 .   ? -1.949  19.571  5.030   1.00 22.52 ? 182 HOH A O   1 
HETATM 1342 O O   . HOH B 2 .   ? 13.080  14.040  -1.168  1.00 24.30 ? 183 HOH A O   1 
HETATM 1343 O O   . HOH B 2 .   ? 13.130  -16.762 -1.891  1.00 20.73 ? 184 HOH A O   1 
HETATM 1344 O O   . HOH B 2 .   ? -4.750  -18.421 -1.689  1.00 22.53 ? 185 HOH A O   1 
HETATM 1345 O O   . HOH B 2 .   ? -1.984  8.360   -10.391 1.00 23.48 ? 186 HOH A O   1 
HETATM 1346 O O   . HOH B 2 .   ? -0.876  1.754   15.206  1.00 23.95 ? 187 HOH A O   1 
HETATM 1347 O O   . HOH B 2 .   ? 6.382   11.452  11.603  1.00 21.27 ? 188 HOH A O   1 
HETATM 1348 O O   . HOH B 2 .   ? 13.567  -8.803  5.011   1.00 22.67 ? 189 HOH A O   1 
HETATM 1349 O O   . HOH B 2 .   ? -5.071  19.580  0.979   1.00 23.71 ? 190 HOH A O   1 
HETATM 1350 O O   . HOH B 2 .   ? -3.713  4.824   -9.817  1.00 18.74 ? 191 HOH A O   1 
HETATM 1351 O O   . HOH B 2 .   ? -4.417  7.464   -9.346  1.00 21.97 ? 192 HOH A O   1 
HETATM 1352 O O   . HOH B 2 .   ? 6.473   27.513  2.102   1.00 21.44 ? 193 HOH A O   1 
HETATM 1353 O O   . HOH B 2 .   ? 10.130  1.150   5.961   1.00 23.87 ? 194 HOH A O   1 
HETATM 1354 O O   . HOH B 2 .   ? 15.003  9.829   -0.381  1.00 25.78 ? 195 HOH A O   1 
HETATM 1355 O O   . HOH B 2 .   ? 8.109   -4.383  -2.434  1.00 20.08 ? 196 HOH A O   1 
HETATM 1356 O O   . HOH B 2 .   ? -6.489  2.967   10.957  1.00 23.05 ? 197 HOH A O   1 
HETATM 1357 O O   . HOH B 2 .   ? 6.343   -4.433  12.362  1.00 24.30 ? 198 HOH A O   1 
HETATM 1358 O O   . HOH B 2 .   ? -0.035  -1.373  14.749  1.00 25.23 ? 199 HOH A O   1 
HETATM 1359 O O   . HOH B 2 .   ? -12.700 -4.978  8.089   1.00 23.38 ? 200 HOH A O   1 
HETATM 1360 O O   . HOH B 2 .   ? -2.781  -1.391  18.025  1.00 26.49 ? 201 HOH A O   1 
HETATM 1361 O O   . HOH B 2 .   ? -5.710  -7.325  5.596   1.00 24.07 ? 202 HOH A O   1 
HETATM 1362 O O   . HOH B 2 .   ? -2.784  -13.109 5.278   1.00 31.21 ? 203 HOH A O   1 
HETATM 1363 O O   . HOH B 2 .   ? -4.519  15.594  -5.121  1.00 20.81 ? 204 HOH A O   1 
HETATM 1364 O O   . HOH B 2 .   ? -2.973  15.785  -2.100  1.00 21.25 ? 205 HOH A O   1 
HETATM 1365 O O   . HOH B 2 .   ? -5.857  3.034   -10.346 1.00 22.66 ? 206 HOH A O   1 
HETATM 1366 O O   . HOH B 2 .   ? 13.192  3.353   3.215   1.00 33.12 ? 207 HOH A O   1 
HETATM 1367 O O   . HOH B 2 .   ? 12.188  -12.574 5.451   1.00 21.14 ? 208 HOH A O   1 
HETATM 1368 O O   . HOH B 2 .   ? -2.858  -4.721  -19.690 1.00 27.72 ? 209 HOH A O   1 
HETATM 1369 O O   . HOH B 2 .   ? -3.460  18.537  -1.183  1.00 20.75 ? 210 HOH A O   1 
HETATM 1370 O O   . HOH B 2 .   ? -0.010  10.309  12.252  1.00 21.61 ? 211 HOH A O   1 
HETATM 1371 O O   . HOH B 2 .   ? 13.825  -14.615 -0.211  1.00 24.84 ? 212 HOH A O   1 
HETATM 1372 O O   . HOH B 2 .   ? 13.053  10.943  5.269   1.00 24.54 ? 213 HOH A O   1 
HETATM 1373 O O   . HOH B 2 .   ? 10.929  -18.654 9.030   1.00 30.45 ? 214 HOH A O   1 
HETATM 1374 O O   . HOH B 2 .   ? 3.228   -8.218  -12.240 1.00 25.44 ? 215 HOH A O   1 
HETATM 1375 O O   . HOH B 2 .   ? 7.358   25.042  -5.671  1.00 27.15 ? 216 HOH A O   1 
HETATM 1376 O O   . HOH B 2 .   ? 7.217   26.200  -0.627  1.00 26.69 ? 217 HOH A O   1 
HETATM 1377 O O   . HOH B 2 .   ? -5.568  -2.337  -17.286 1.00 30.54 ? 218 HOH A O   1 
HETATM 1378 O O   . HOH B 2 .   ? -0.248  -12.185 -15.538 1.00 30.00 ? 219 HOH A O   1 
HETATM 1379 O O   . HOH B 2 .   ? -7.752  -8.554  4.317   1.00 22.95 ? 220 HOH A O   1 
HETATM 1380 O O   . HOH B 2 .   ? -5.690  15.796  -2.787  1.00 28.80 ? 221 HOH A O   1 
HETATM 1381 O O   . HOH B 2 .   ? -9.465  2.024   -12.461 1.00 28.23 ? 222 HOH A O   1 
HETATM 1382 O O   . HOH B 2 .   ? 8.688   -5.284  13.830  1.00 35.85 ? 223 HOH A O   1 
HETATM 1383 O O   . HOH B 2 .   ? -0.132  -22.310 -3.432  1.00 27.19 ? 224 HOH A O   1 
HETATM 1384 O O   . HOH B 2 .   ? -7.042  -24.026 -2.392  1.00 35.87 ? 225 HOH A O   1 
HETATM 1385 O O   . HOH B 2 .   ? 10.593  2.988   -7.193  1.00 32.45 ? 226 HOH A O   1 
HETATM 1386 O O   . HOH B 2 .   ? 11.049  -11.912 7.854   1.00 25.15 ? 227 HOH A O   1 
HETATM 1387 O O   . HOH B 2 .   ? 10.038  2.993   8.011   1.00 23.12 ? 228 HOH A O   1 
HETATM 1388 O O   . HOH B 2 .   ? -4.578  -9.030  10.290  1.00 28.11 ? 229 HOH A O   1 
HETATM 1389 O O   . HOH B 2 .   ? 7.165   6.202   11.472  1.00 30.23 ? 230 HOH A O   1 
HETATM 1390 O O   . HOH B 2 .   ? -8.313  -8.697  1.689   1.00 27.27 ? 231 HOH A O   1 
HETATM 1391 O O   . HOH B 2 .   ? 9.483   -16.672 7.557   1.00 19.91 ? 232 HOH A O   1 
HETATM 1392 O O   . HOH B 2 .   ? 14.525  -11.208 5.096   1.00 21.68 ? 233 HOH A O   1 
HETATM 1393 O O   . HOH B 2 .   ? 10.571  -16.976 5.065   1.00 21.70 ? 234 HOH A O   1 
HETATM 1394 O O   . HOH B 2 .   ? 14.035  -15.010 2.532   1.00 21.59 ? 235 HOH A O   1 
HETATM 1395 O O   . HOH B 2 .   ? -5.873  -20.903 -0.551  1.00 30.96 ? 236 HOH A O   1 
HETATM 1396 O O   . HOH B 2 .   ? -5.281  -2.558  18.087  1.00 22.24 ? 237 HOH A O   1 
HETATM 1397 O O   . HOH B 2 .   ? -3.886  -8.658  6.940   1.00 32.63 ? 238 HOH A O   1 
HETATM 1398 O O   . HOH B 2 .   ? 8.097   9.225   11.267  1.00 27.88 ? 239 HOH A O   1 
HETATM 1399 O O   . HOH B 2 .   ? 5.775   -14.434 8.517   1.00 33.48 ? 240 HOH A O   1 
HETATM 1400 O O   . HOH B 2 .   ? 15.230  13.811  3.260   1.00 31.55 ? 241 HOH A O   1 
HETATM 1401 O O   . HOH B 2 .   ? -10.299 2.815   11.247  1.00 30.25 ? 242 HOH A O   1 
HETATM 1402 O O   . HOH B 2 .   ? -9.205  14.120  -8.725  1.00 32.05 ? 243 HOH A O   1 
HETATM 1403 O O   . HOH B 2 .   ? 7.827   15.700  -6.907  1.00 31.16 ? 244 HOH A O   1 
HETATM 1404 O O   . HOH B 2 .   ? -8.052  20.203  4.452   1.00 34.17 ? 245 HOH A O   1 
HETATM 1405 O O   . HOH B 2 .   ? 5.906   18.259  -8.384  1.00 30.36 ? 246 HOH A O   1 
HETATM 1406 O O   . HOH B 2 .   ? -5.265  19.070  9.195   1.00 31.23 ? 247 HOH A O   1 
HETATM 1407 O O   . HOH B 2 .   ? 0.448   5.377   -11.654 1.00 32.80 ? 248 HOH A O   1 
HETATM 1408 O O   . HOH B 2 .   ? -7.428  3.990   -12.231 1.00 31.17 ? 249 HOH A O   1 
HETATM 1409 O O   . HOH B 2 .   ? 10.429  -4.235  -0.392  1.00 32.05 ? 250 HOH A O   1 
HETATM 1410 O O   . HOH B 2 .   ? -8.243  6.543   -11.426 1.00 29.86 ? 251 HOH A O   1 
HETATM 1411 O O   . HOH B 2 .   ? 11.649  -1.688  0.516   1.00 24.64 ? 252 HOH A O   1 
HETATM 1412 O O   . HOH B 2 .   ? 9.349   0.446   -5.143  1.00 37.55 ? 253 HOH A O   1 
HETATM 1413 O O   . HOH B 2 .   ? -1.096  -2.541  -17.528 1.00 37.44 ? 254 HOH A O   1 
HETATM 1414 O O   . HOH B 2 .   ? 0.422   -9.569  -15.367 1.00 30.03 ? 255 HOH A O   1 
HETATM 1415 O O   . HOH B 2 .   ? 12.563  0.601   4.400   1.00 27.93 ? 256 HOH A O   1 
HETATM 1416 O O   . HOH B 2 .   ? 9.613   -2.140  -3.123  1.00 35.18 ? 257 HOH A O   1 
HETATM 1417 O O   . HOH B 2 .   ? -2.290  11.752  11.784  1.00 32.16 ? 258 HOH A O   1 
HETATM 1418 O O   . HOH B 2 .   ? 14.434  -6.906  6.708   1.00 35.27 ? 259 HOH A O   1 
HETATM 1419 O O   . HOH B 2 .   ? -5.598  7.987   -12.094 1.00 34.97 ? 260 HOH A O   1 
HETATM 1420 O O   . HOH B 2 .   ? 12.692  -22.533 0.045   1.00 29.68 ? 261 HOH A O   1 
HETATM 1421 O O   . HOH B 2 .   ? 15.620  -12.716 2.951   1.00 30.29 ? 262 HOH A O   1 
HETATM 1422 O O   . HOH B 2 .   ? -2.949  14.271  12.059  1.00 35.97 ? 263 HOH A O   1 
HETATM 1423 O O   . HOH B 2 .   ? -7.612  -10.456 11.094  1.00 30.26 ? 264 HOH A O   1 
HETATM 1424 O O   . HOH B 2 .   ? 13.257  -10.847 8.951   1.00 30.39 ? 265 HOH A O   1 
HETATM 1425 O O   . HOH B 2 .   ? 7.784   23.757  0.139   1.00 28.68 ? 266 HOH A O   1 
HETATM 1426 O O   . HOH B 2 .   ? 10.712  17.075  8.159   1.00 28.08 ? 267 HOH A O   1 
HETATM 1427 O O   . HOH B 2 .   ? -10.586 12.870  6.298   1.00 32.27 ? 268 HOH A O   1 
HETATM 1428 O O   . HOH B 2 .   ? 12.710  -18.650 5.071   1.00 31.18 ? 269 HOH A O   1 
HETATM 1429 O O   . HOH B 2 .   ? 11.326  -14.566 -5.836  1.00 33.73 ? 270 HOH A O   1 
HETATM 1430 O O   . HOH B 2 .   ? 13.741  3.841   -2.613  1.00 32.23 ? 271 HOH A O   1 
HETATM 1431 O O   . HOH B 2 .   ? -7.469  -22.297 -6.459  1.00 38.44 ? 272 HOH A O   1 
HETATM 1432 O O   . HOH B 2 .   ? 2.801   -8.400  -14.847 1.00 29.45 ? 273 HOH A O   1 
HETATM 1433 O O   . HOH B 2 .   ? 0.184   -14.832 9.218   1.00 34.20 ? 274 HOH A O   1 
HETATM 1434 O O   . HOH B 2 .   ? -2.396  19.978  9.729   1.00 32.61 ? 275 HOH A O   1 
HETATM 1435 O O   . HOH B 2 .   ? 10.280  8.175   -6.970  1.00 31.98 ? 276 HOH A O   1 
HETATM 1436 O O   . HOH B 2 .   ? -1.811  -15.685 -12.569 1.00 37.30 ? 277 HOH A O   1 
HETATM 1437 O O   . HOH B 2 .   ? -2.367  -8.758  8.852   1.00 28.00 ? 278 HOH A O   1 
HETATM 1438 O O   . HOH B 2 .   ? 14.417  2.058   0.576   1.00 29.46 ? 279 HOH A O   1 
HETATM 1439 O O   . HOH B 2 .   ? 8.065   24.256  2.969   1.00 29.18 ? 280 HOH A O   1 
HETATM 1440 O O   . HOH B 2 .   ? -5.288  -11.906 -22.264 1.00 35.33 ? 281 HOH A O   1 
HETATM 1441 O O   . HOH B 2 .   ? -12.523 -7.604  2.379   1.00 39.24 ? 282 HOH A O   1 
HETATM 1442 O O   . HOH B 2 .   ? -8.428  16.502  8.038   1.00 35.37 ? 283 HOH A O   1 
HETATM 1443 O O   . HOH B 2 .   ? -2.529  -23.712 -4.124  1.00 37.91 ? 284 HOH A O   1 
HETATM 1444 O O   . HOH B 2 .   ? -11.022 -8.594  0.221   1.00 39.85 ? 285 HOH A O   1 
HETATM 1445 O O   . HOH B 2 .   ? -3.900  -11.286 7.122   1.00 37.19 ? 286 HOH A O   1 
HETATM 1446 O O   . HOH B 2 .   ? 8.464   20.904  10.331  1.00 32.45 ? 287 HOH A O   1 
HETATM 1447 O O   . HOH B 2 .   ? -12.854 14.520  3.041   1.00 42.36 ? 288 HOH A O   1 
HETATM 1448 O O   . HOH B 2 .   ? -7.390  0.011   -11.196 1.00 38.01 ? 289 HOH A O   1 
HETATM 1449 O O   . HOH B 2 .   ? 9.759   -14.043 8.843   1.00 28.66 ? 290 HOH A O   1 
HETATM 1450 O O   . HOH B 2 .   ? -4.979  -16.283 6.306   1.00 30.89 ? 291 HOH A O   1 
HETATM 1451 O O   . HOH B 2 .   ? 2.450   -9.907  -18.424 1.00 35.12 ? 292 HOH A O   1 
HETATM 1452 O O   . HOH B 2 .   ? -15.256 -1.407  8.543   1.00 35.74 ? 293 HOH A O   1 
HETATM 1453 O O   . HOH B 2 .   ? 7.551   -12.524 9.069   1.00 35.31 ? 294 HOH A O   1 
HETATM 1454 O O   . HOH B 2 .   ? -14.295 10.575  -7.996  1.00 48.02 ? 295 HOH A O   1 
HETATM 1455 O O   . HOH B 2 .   ? 15.739  14.023  0.663   1.00 35.42 ? 296 HOH A O   1 
HETATM 1456 O O   . HOH B 2 .   ? 9.943   -20.116 -8.144  1.00 33.26 ? 297 HOH A O   1 
HETATM 1457 O O   . HOH B 2 .   ? -2.644  4.546   -12.240 1.00 36.23 ? 298 HOH A O   1 
HETATM 1458 O O   . HOH B 2 .   ? 2.698   -10.278 14.316  1.00 52.41 ? 299 HOH A O   1 
HETATM 1459 O O   . HOH B 2 .   ? -3.229  -18.666 -17.199 1.00 41.37 ? 300 HOH A O   1 
HETATM 1460 O O   . HOH B 2 .   ? 13.574  16.804  -1.840  1.00 41.29 ? 301 HOH A O   1 
HETATM 1461 O O   . HOH B 2 .   ? -5.186  -22.531 4.096   1.00 43.88 ? 302 HOH A O   1 
HETATM 1462 O O   . HOH B 2 .   ? 7.486   -2.609  -10.013 1.00 60.33 ? 303 HOH A O   1 
HETATM 1463 O O   . HOH B 2 .   ? 14.480  -15.662 -4.123  1.00 32.59 ? 304 HOH A O   1 
HETATM 1464 O O   . HOH B 2 .   ? -4.385  20.395  6.994   1.00 39.90 ? 305 HOH A O   1 
HETATM 1465 O O   . HOH B 2 .   ? -12.498 7.965   5.668   1.00 34.90 ? 306 HOH A O   1 
HETATM 1466 O O   . HOH B 2 .   ? -5.562  -24.259 2.114   1.00 42.60 ? 307 HOH A O   1 
HETATM 1467 O O   . HOH B 2 .   ? -0.329  -6.964  9.732   1.00 28.46 ? 308 HOH A O   1 
HETATM 1468 O O   . HOH B 2 .   ? -13.814 11.817  -5.607  1.00 42.12 ? 309 HOH A O   1 
HETATM 1469 O O   . HOH B 2 .   ? -8.655  16.542  -8.680  1.00 40.53 ? 310 HOH A O   1 
HETATM 1470 O O   . HOH B 2 .   ? 13.997  -19.478 -1.556  1.00 39.02 ? 311 HOH A O   1 
HETATM 1471 O O   . HOH B 2 .   ? 5.591   -11.456 -12.151 1.00 36.91 ? 312 HOH A O   1 
HETATM 1472 O O   . HOH B 2 .   ? -14.813 -6.567  1.504   1.00 41.92 ? 313 HOH A O   1 
HETATM 1473 O O   . HOH B 2 .   ? -4.180  -15.476 -13.885 1.00 36.93 ? 314 HOH A O   1 
HETATM 1474 O O   . HOH B 2 .   ? -3.301  -1.486  -14.048 1.00 32.22 ? 315 HOH A O   1 
HETATM 1475 O O   . HOH B 2 .   ? 3.178   10.841  13.936  1.00 35.77 ? 316 HOH A O   1 
HETATM 1476 O O   . HOH B 2 .   ? 4.970   -2.794  14.236  1.00 38.67 ? 317 HOH A O   1 
HETATM 1477 O O   . HOH B 2 .   ? 9.327   -0.956  11.181  1.00 36.36 ? 318 HOH A O   1 
HETATM 1478 O O   . HOH B 2 .   ? 8.773   20.355  -6.505  1.00 50.54 ? 319 HOH A O   1 
HETATM 1479 O O   . HOH B 2 .   ? 12.152  0.908   -2.217  1.00 30.44 ? 320 HOH A O   1 
HETATM 1480 O O   . HOH B 2 .   ? 7.794   -12.015 -6.344  1.00 47.83 ? 321 HOH A O   1 
HETATM 1481 O O   . HOH B 2 .   ? -11.624 -13.851 -0.345  1.00 40.89 ? 322 HOH A O   1 
HETATM 1482 O O   . HOH B 2 .   ? 11.712  24.068  3.811   1.00 57.70 ? 323 HOH A O   1 
HETATM 1483 O O   . HOH B 2 .   ? 15.746  -13.189 -3.228  1.00 38.77 ? 324 HOH A O   1 
HETATM 1484 O O   . HOH B 2 .   ? 12.079  -2.506  -3.884  1.00 33.95 ? 325 HOH A O   1 
HETATM 1485 O O   . HOH B 2 .   ? 11.116  -1.177  9.359   1.00 41.53 ? 326 HOH A O   1 
HETATM 1486 O O   . HOH B 2 .   ? -10.127 -10.351 5.639   1.00 46.98 ? 327 HOH A O   1 
HETATM 1487 O O   . HOH B 2 .   ? -1.236  7.923   -12.937 1.00 32.36 ? 328 HOH A O   1 
HETATM 1488 O O   . HOH B 2 .   ? -0.977  -3.982  17.695  1.00 41.15 ? 329 HOH A O   1 
HETATM 1489 O O   . HOH B 2 .   ? 4.280   -7.153  -17.306 1.00 47.82 ? 330 HOH A O   1 
HETATM 1490 O O   . HOH B 2 .   ? 15.200  16.339  4.262   1.00 56.38 ? 331 HOH A O   1 
HETATM 1491 O O   . HOH B 2 .   ? -14.088 -5.666  4.457   1.00 41.96 ? 332 HOH A O   1 
HETATM 1492 O O   . HOH B 2 .   ? 8.893   23.457  -3.727  1.00 36.83 ? 333 HOH A O   1 
HETATM 1493 O O   . HOH B 2 .   ? 10.292  13.665  -7.392  1.00 45.18 ? 334 HOH A O   1 
HETATM 1494 O O   . HOH B 2 .   ? 3.970   0.355   -10.878 1.00 52.44 ? 335 HOH A O   1 
HETATM 1495 O O   . HOH B 2 .   ? 8.546   20.928  -3.931  1.00 46.86 ? 336 HOH A O   1 
HETATM 1496 O O   . HOH B 2 .   ? 4.552   5.527   14.702  1.00 35.21 ? 337 HOH A O   1 
HETATM 1497 O O   . HOH B 2 .   ? -15.596 2.339   -8.043  1.00 41.81 ? 338 HOH A O   1 
HETATM 1498 O O   . HOH B 2 .   ? 4.072   16.542  10.062  1.00 32.78 ? 339 HOH A O   1 
HETATM 1499 O O   . HOH B 2 .   ? 6.679   15.418  13.866  1.00 41.82 ? 340 HOH A O   1 
HETATM 1500 O O   . HOH B 2 .   ? -13.577 -10.151 -8.033  1.00 44.24 ? 341 HOH A O   1 
HETATM 1501 O O   . HOH B 2 .   ? -2.558  -13.344 10.252  1.00 45.32 ? 342 HOH A O   1 
HETATM 1502 O O   . HOH B 2 .   ? 15.912  7.215   -2.998  1.00 29.71 ? 343 HOH A O   1 
HETATM 1503 O O   . HOH B 2 .   ? -4.346  1.016   -11.308 1.00 48.81 ? 344 HOH A O   1 
HETATM 1504 O O   . HOH B 2 .   ? 3.958   18.442  8.234   1.00 39.23 ? 345 HOH A O   1 
HETATM 1505 O O   . HOH B 2 .   ? 4.657   -5.045  -14.055 1.00 34.63 ? 346 HOH A O   1 
HETATM 1506 O O   . HOH B 2 .   ? 5.165   8.151   14.703  1.00 42.86 ? 347 HOH A O   1 
HETATM 1507 O O   . HOH B 2 .   ? 1.693   -0.800  -14.754 1.00 46.12 ? 348 HOH A O   1 
HETATM 1508 O O   . HOH B 2 .   ? 14.281  -5.678  -12.054 1.00 62.50 ? 349 HOH A O   1 
HETATM 1509 O O   . HOH B 2 .   ? -8.314  -7.851  8.559   1.00 42.62 ? 350 HOH A O   1 
HETATM 1510 O O   . HOH B 2 .   ? -1.412  -15.010 6.980   1.00 24.39 ? 351 HOH A O   1 
HETATM 1511 O O   . HOH B 2 .   ? 7.471   -15.199 -9.995  1.00 50.16 ? 352 HOH A O   1 
HETATM 1512 O O   . HOH B 2 .   ? -11.444 18.914  -1.179  1.00 39.14 ? 353 HOH A O   1 
HETATM 1513 O O   . HOH B 2 .   ? 4.024   -16.408 -10.271 1.00 36.82 ? 354 HOH A O   1 
# 
